data_6AGQ
#
_entry.id   6AGQ
#
_cell.length_a   153.797
_cell.length_b   141.659
_cell.length_c   105.369
_cell.angle_alpha   90.00
_cell.angle_beta   104.49
_cell.angle_gamma   90.00
#
_symmetry.space_group_name_H-M   'C 1 2 1'
#
loop_
_entity.id
_entity.type
_entity.pdbx_description
1 polymer 'acetyl xylan esterase'
2 non-polymer 'ZINC ION'
3 water water
#
_entity_poly.entity_id   1
_entity_poly.type   'polypeptide(L)'
_entity_poly.pdbx_seq_one_letter_code
;MPNVDMPLSQLQDYKPELTNETDFDLFWDNAKALSNQKPLHAQVNLVQDYPLKSISIYDVVYDGADGTPIHGWYVTPKGE
HQPGSLPVLVKYHGYSGNRGYPNELLQWASMGMAALAIDVRGQGGVTPDRAEYPQGGIPGWMTLGILDPASYYYKQVYLD
CIRALDFVCSREEVDASRIAVYGGSQGGGLALAAAGLDSRPKLALPVFPFLCHFRRSVEIHASGPYVEIKNWFRRYDPEH
RQEEQVYRTLSYFDGMNMASRIKARTLMAITLQDITCPPSTCFAAYNHLAGPKEVRLYHDYGHEGLPFHEEAMMRFIEAY
L
;
_entity_poly.pdbx_strand_id   A,B,C,D,E,F
#
loop_
_chem_comp.id
_chem_comp.type
_chem_comp.name
_chem_comp.formula
ZN non-polymer 'ZINC ION' 'Zn 2'
#
# COMPACT_ATOMS: atom_id res chain seq x y z
N MET A 6 1.85 -6.24 23.50
CA MET A 6 2.01 -6.75 24.89
C MET A 6 2.84 -8.04 24.85
N PRO A 7 4.02 -8.09 25.58
CA PRO A 7 4.93 -9.27 25.52
C PRO A 7 4.34 -10.56 26.13
N LEU A 8 4.79 -11.73 25.66
CA LEU A 8 4.17 -13.01 26.03
C LEU A 8 4.02 -13.30 27.53
N SER A 9 5.01 -13.02 28.39
CA SER A 9 4.82 -13.44 29.81
C SER A 9 3.79 -12.55 30.55
N GLN A 10 3.67 -11.29 30.12
CA GLN A 10 2.57 -10.44 30.54
C GLN A 10 1.22 -10.87 29.94
N LEU A 11 1.18 -11.34 28.67
CA LEU A 11 -0.08 -11.84 28.08
C LEU A 11 -0.73 -12.87 29.00
N GLN A 12 0.06 -13.78 29.57
CA GLN A 12 -0.49 -14.91 30.32
C GLN A 12 -0.75 -14.67 31.83
N ASP A 13 -0.31 -13.55 32.34
CA ASP A 13 -0.78 -13.07 33.65
C ASP A 13 -1.91 -12.06 33.47
N TYR A 14 -2.36 -11.85 32.21
CA TYR A 14 -3.30 -10.76 31.89
C TYR A 14 -4.73 -11.21 32.18
N LYS A 15 -5.29 -10.64 33.22
CA LYS A 15 -6.56 -11.04 33.73
C LYS A 15 -7.29 -9.75 34.18
N PRO A 16 -7.79 -8.96 33.22
CA PRO A 16 -8.49 -7.72 33.55
C PRO A 16 -9.81 -7.98 34.27
N GLU A 17 -10.40 -6.96 34.88
CA GLU A 17 -11.64 -7.08 35.66
C GLU A 17 -12.84 -7.46 34.77
N LEU A 18 -13.72 -8.30 35.28
CA LEU A 18 -14.95 -8.59 34.54
C LEU A 18 -15.86 -7.32 34.45
N THR A 19 -16.55 -7.21 33.33
CA THR A 19 -17.42 -6.10 33.06
C THR A 19 -18.87 -6.53 33.12
N ASN A 20 -19.16 -7.80 33.43
CA ASN A 20 -20.57 -8.20 33.58
C ASN A 20 -21.30 -7.32 34.62
N GLU A 21 -22.45 -6.78 34.22
CA GLU A 21 -23.32 -6.06 35.11
C GLU A 21 -23.89 -7.06 36.11
N THR A 22 -24.56 -6.55 37.15
CA THR A 22 -25.08 -7.43 38.23
C THR A 22 -26.12 -8.39 37.72
N ASP A 23 -26.91 -7.91 36.77
CA ASP A 23 -28.01 -8.66 36.19
C ASP A 23 -27.64 -9.46 34.89
N PHE A 24 -26.35 -9.75 34.67
CA PHE A 24 -25.90 -10.62 33.52
C PHE A 24 -26.68 -11.94 33.47
N ASP A 25 -26.71 -12.67 34.59
CA ASP A 25 -27.42 -13.98 34.57
C ASP A 25 -28.94 -13.82 34.40
N LEU A 26 -29.51 -12.85 35.08
CA LEU A 26 -30.93 -12.52 34.86
C LEU A 26 -31.28 -12.17 33.36
N PHE A 27 -30.51 -11.29 32.73
CA PHE A 27 -30.75 -10.95 31.30
C PHE A 27 -30.78 -12.22 30.45
N TRP A 28 -29.82 -13.13 30.65
CA TRP A 28 -29.72 -14.35 29.90
C TRP A 28 -30.80 -15.39 30.21
N ASP A 29 -31.16 -15.62 31.46
CA ASP A 29 -32.19 -16.65 31.61
C ASP A 29 -33.61 -16.17 31.23
N ASN A 30 -33.86 -14.85 31.22
CA ASN A 30 -35.04 -14.31 30.54
C ASN A 30 -34.99 -14.58 29.03
N ALA A 31 -33.86 -14.26 28.38
CA ALA A 31 -33.77 -14.49 26.95
C ALA A 31 -33.89 -15.96 26.64
N LYS A 32 -33.33 -16.81 27.47
CA LYS A 32 -33.47 -18.25 27.32
C LYS A 32 -34.92 -18.78 27.49
N ALA A 33 -35.70 -18.24 28.44
CA ALA A 33 -37.09 -18.66 28.67
C ALA A 33 -37.93 -18.28 27.46
N LEU A 34 -37.63 -17.13 26.86
CA LEU A 34 -38.20 -16.79 25.56
C LEU A 34 -37.88 -17.84 24.49
N SER A 35 -36.64 -18.30 24.40
CA SER A 35 -36.35 -19.43 23.49
C SER A 35 -37.06 -20.74 23.86
N ASN A 36 -37.19 -21.04 25.15
CA ASN A 36 -37.86 -22.25 25.62
C ASN A 36 -39.35 -22.34 25.27
N GLN A 37 -40.00 -21.24 24.93
CA GLN A 37 -41.40 -21.25 24.44
C GLN A 37 -41.50 -21.46 22.95
N LYS A 38 -40.37 -21.63 22.26
CA LYS A 38 -40.43 -21.64 20.78
C LYS A 38 -39.94 -22.98 20.35
N PRO A 39 -40.86 -23.85 19.92
CA PRO A 39 -40.41 -25.12 19.33
C PRO A 39 -39.38 -24.92 18.17
N LEU A 40 -38.51 -25.90 18.00
CA LEU A 40 -37.49 -25.88 16.95
C LEU A 40 -38.06 -26.00 15.54
N HIS A 41 -39.06 -26.85 15.37
CA HIS A 41 -39.66 -27.18 14.07
C HIS A 41 -38.59 -27.66 13.03
N ALA A 42 -37.60 -28.42 13.53
CA ALA A 42 -36.54 -29.01 12.70
C ALA A 42 -37.08 -29.73 11.42
N GLN A 43 -36.59 -29.33 10.26
CA GLN A 43 -36.78 -30.07 9.03
C GLN A 43 -35.40 -30.56 8.61
N VAL A 44 -35.34 -31.81 8.17
CA VAL A 44 -34.14 -32.39 7.71
C VAL A 44 -34.38 -33.02 6.31
N ASN A 45 -33.39 -33.03 5.46
CA ASN A 45 -33.55 -33.55 4.07
C ASN A 45 -32.21 -34.18 3.61
N LEU A 46 -32.17 -35.47 3.32
CA LEU A 46 -30.94 -36.16 2.92
C LEU A 46 -30.48 -35.64 1.56
N VAL A 47 -29.19 -35.33 1.46
CA VAL A 47 -28.60 -34.97 0.19
C VAL A 47 -28.30 -36.27 -0.54
N GLN A 48 -28.94 -36.42 -1.70
CA GLN A 48 -28.73 -37.56 -2.61
C GLN A 48 -27.61 -37.20 -3.59
N ASP A 49 -26.78 -38.17 -3.98
CA ASP A 49 -25.72 -37.90 -4.99
C ASP A 49 -24.72 -36.78 -4.62
N TYR A 50 -24.16 -36.87 -3.42
CA TYR A 50 -22.99 -36.10 -3.05
C TYR A 50 -21.92 -37.12 -3.37
N PRO A 51 -20.71 -36.66 -3.77
CA PRO A 51 -19.64 -37.66 -4.10
C PRO A 51 -19.16 -38.56 -2.93
N LEU A 52 -19.05 -38.03 -1.72
CA LEU A 52 -18.74 -38.85 -0.52
C LEU A 52 -19.94 -39.72 -0.12
N LYS A 53 -19.78 -41.02 -0.29
CA LYS A 53 -20.76 -42.01 0.13
C LYS A 53 -20.42 -42.65 1.50
N SER A 54 -19.27 -42.35 2.10
CA SER A 54 -18.96 -42.77 3.49
C SER A 54 -19.69 -42.02 4.65
N ILE A 55 -20.41 -40.95 4.31
CA ILE A 55 -21.14 -40.15 5.25
C ILE A 55 -22.59 -39.95 4.75
N SER A 56 -23.52 -39.74 5.68
CA SER A 56 -24.81 -39.16 5.32
C SER A 56 -24.80 -37.67 5.62
N ILE A 57 -25.37 -36.93 4.68
CA ILE A 57 -25.39 -35.44 4.67
C ILE A 57 -26.80 -34.91 4.63
N TYR A 58 -27.20 -34.12 5.64
CA TYR A 58 -28.51 -33.53 5.70
C TYR A 58 -28.46 -32.04 5.59
N ASP A 59 -29.35 -31.52 4.76
CA ASP A 59 -29.67 -30.18 4.69
C ASP A 59 -30.70 -29.95 5.82
N VAL A 60 -30.48 -28.91 6.62
CA VAL A 60 -31.17 -28.79 7.91
C VAL A 60 -31.67 -27.33 8.04
N VAL A 61 -32.90 -27.17 8.54
CA VAL A 61 -33.46 -25.87 8.94
C VAL A 61 -34.17 -26.04 10.29
N TYR A 62 -33.87 -25.14 11.22
CA TYR A 62 -34.66 -25.01 12.43
C TYR A 62 -35.03 -23.56 12.69
N ASP A 63 -36.07 -23.32 13.45
CA ASP A 63 -36.46 -21.92 13.80
C ASP A 63 -35.60 -21.36 14.95
N GLY A 64 -35.19 -20.09 14.80
CA GLY A 64 -34.67 -19.34 15.92
C GLY A 64 -35.82 -18.96 16.84
N ALA A 65 -35.46 -18.32 17.94
CA ALA A 65 -36.43 -17.92 18.95
C ALA A 65 -37.44 -16.93 18.41
N ASP A 66 -37.03 -16.05 17.47
CA ASP A 66 -37.96 -15.13 16.81
C ASP A 66 -38.56 -15.69 15.48
N GLY A 67 -38.44 -16.97 15.22
CA GLY A 67 -38.97 -17.51 13.96
C GLY A 67 -38.07 -17.47 12.72
N THR A 68 -36.89 -16.85 12.78
CA THR A 68 -35.93 -16.91 11.62
C THR A 68 -35.53 -18.40 11.29
N PRO A 69 -35.62 -18.84 10.02
CA PRO A 69 -35.19 -20.19 9.67
C PRO A 69 -33.67 -20.29 9.59
N ILE A 70 -33.05 -21.02 10.52
CA ILE A 70 -31.59 -21.15 10.53
C ILE A 70 -31.23 -22.35 9.69
N HIS A 71 -30.44 -22.17 8.64
CA HIS A 71 -29.96 -23.28 7.83
C HIS A 71 -28.62 -23.89 8.26
N GLY A 72 -28.50 -25.16 8.00
CA GLY A 72 -27.26 -25.84 8.30
C GLY A 72 -27.04 -27.13 7.51
N TRP A 73 -25.94 -27.76 7.88
CA TRP A 73 -25.56 -29.02 7.33
C TRP A 73 -25.30 -29.91 8.53
N TYR A 74 -25.87 -31.10 8.54
CA TYR A 74 -25.70 -32.09 9.59
C TYR A 74 -25.14 -33.33 8.88
N VAL A 75 -24.05 -33.84 9.38
CA VAL A 75 -23.26 -34.90 8.74
C VAL A 75 -23.01 -36.00 9.78
N THR A 76 -23.23 -37.24 9.38
CA THR A 76 -22.87 -38.42 10.23
C THR A 76 -22.19 -39.53 9.41
N PRO A 77 -21.38 -40.38 10.08
CA PRO A 77 -20.91 -41.59 9.40
C PRO A 77 -22.11 -42.36 8.81
N LYS A 78 -21.99 -42.92 7.60
CA LYS A 78 -23.12 -43.66 7.03
C LYS A 78 -23.38 -44.92 7.88
N GLY A 79 -24.57 -45.46 7.75
CA GLY A 79 -24.91 -46.77 8.33
C GLY A 79 -25.68 -46.62 9.62
N GLU A 80 -25.85 -47.74 10.30
CA GLU A 80 -26.64 -47.87 11.51
C GLU A 80 -25.87 -47.32 12.69
N HIS A 81 -26.57 -46.66 13.61
CA HIS A 81 -26.00 -46.31 14.92
C HIS A 81 -27.08 -46.39 15.95
N GLN A 82 -26.69 -46.90 17.11
CA GLN A 82 -27.55 -47.02 18.25
C GLN A 82 -27.91 -45.65 18.79
N PRO A 83 -29.11 -45.53 19.37
CA PRO A 83 -29.47 -44.29 20.00
C PRO A 83 -28.47 -43.86 21.09
N GLY A 84 -28.22 -42.56 21.17
CA GLY A 84 -27.28 -42.01 22.15
C GLY A 84 -25.81 -42.42 22.07
N SER A 85 -25.33 -42.78 20.87
CA SER A 85 -23.99 -43.35 20.69
C SER A 85 -22.92 -42.40 20.09
N LEU A 86 -23.33 -41.46 19.25
CA LEU A 86 -22.40 -40.68 18.48
C LEU A 86 -22.03 -39.42 19.22
N PRO A 87 -20.73 -39.20 19.43
CA PRO A 87 -20.33 -37.84 19.85
C PRO A 87 -20.63 -36.78 18.77
N VAL A 88 -20.63 -35.51 19.14
CA VAL A 88 -21.07 -34.49 18.18
C VAL A 88 -20.26 -33.20 18.31
N LEU A 89 -19.97 -32.60 17.16
CA LEU A 89 -19.29 -31.34 17.08
C LEU A 89 -20.19 -30.28 16.41
N VAL A 90 -20.30 -29.15 17.05
CA VAL A 90 -21.05 -28.00 16.45
C VAL A 90 -20.05 -26.94 16.08
N LYS A 91 -20.06 -26.63 14.80
CA LYS A 91 -19.19 -25.62 14.23
C LYS A 91 -19.95 -24.27 13.97
N TYR A 92 -19.34 -23.16 14.35
CA TYR A 92 -19.89 -21.81 14.12
C TYR A 92 -18.91 -21.05 13.27
N HIS A 93 -19.36 -20.14 12.43
CA HIS A 93 -18.52 -19.66 11.36
C HIS A 93 -18.12 -18.21 11.61
N GLY A 94 -17.15 -17.79 10.83
CA GLY A 94 -16.56 -16.46 10.88
C GLY A 94 -17.40 -15.33 10.34
N TYR A 95 -16.94 -14.12 10.62
CA TYR A 95 -17.78 -12.95 10.34
C TYR A 95 -18.04 -12.81 8.89
N SER A 96 -19.31 -12.75 8.51
CA SER A 96 -19.78 -12.61 7.07
C SER A 96 -19.94 -13.93 6.36
N GLY A 97 -19.55 -15.04 7.01
CA GLY A 97 -19.49 -16.33 6.31
C GLY A 97 -20.80 -17.06 6.32
N ASN A 98 -20.75 -18.37 6.40
CA ASN A 98 -21.94 -19.19 6.32
C ASN A 98 -21.58 -20.63 6.71
N ARG A 99 -22.53 -21.53 6.57
CA ARG A 99 -22.43 -22.94 6.93
C ARG A 99 -21.42 -23.74 6.09
N GLY A 100 -20.94 -23.11 5.01
CA GLY A 100 -19.94 -23.71 4.11
C GLY A 100 -20.41 -24.92 3.33
N TYR A 101 -19.54 -25.93 3.21
CA TYR A 101 -19.83 -27.04 2.33
C TYR A 101 -19.68 -28.29 3.17
N PRO A 102 -20.47 -29.33 2.88
CA PRO A 102 -20.45 -30.50 3.75
C PRO A 102 -19.10 -31.25 3.82
N ASN A 103 -18.30 -31.21 2.75
CA ASN A 103 -16.96 -31.90 2.78
C ASN A 103 -16.02 -31.38 3.91
N GLU A 104 -16.24 -30.15 4.38
CA GLU A 104 -15.50 -29.61 5.50
C GLU A 104 -15.85 -30.20 6.85
N LEU A 105 -16.91 -30.99 6.93
CA LEU A 105 -17.25 -31.72 8.14
C LEU A 105 -16.83 -33.20 8.08
N LEU A 106 -16.31 -33.65 6.95
CA LEU A 106 -15.83 -35.04 6.78
C LEU A 106 -14.86 -35.60 7.85
N GLN A 107 -13.81 -34.87 8.09
CA GLN A 107 -12.85 -35.14 9.14
C GLN A 107 -13.50 -35.62 10.42
N TRP A 108 -14.54 -34.91 10.87
CA TRP A 108 -15.26 -35.30 12.11
C TRP A 108 -15.99 -36.58 11.92
N ALA A 109 -16.68 -36.76 10.76
CA ALA A 109 -17.40 -37.98 10.51
C ALA A 109 -16.48 -39.19 10.41
N SER A 110 -15.32 -39.03 9.80
CA SER A 110 -14.38 -40.13 9.70
C SER A 110 -13.84 -40.56 11.06
N MET A 111 -13.88 -39.69 12.07
CA MET A 111 -13.57 -40.11 13.46
C MET A 111 -14.76 -40.69 14.21
N GLY A 112 -15.85 -40.97 13.50
CA GLY A 112 -17.05 -41.54 14.12
C GLY A 112 -17.96 -40.52 14.82
N MET A 113 -17.95 -39.29 14.38
CA MET A 113 -18.73 -38.25 15.05
C MET A 113 -19.75 -37.70 14.13
N ALA A 114 -20.83 -37.20 14.71
CA ALA A 114 -21.73 -36.34 13.98
C ALA A 114 -21.18 -34.93 13.98
N ALA A 115 -21.62 -34.09 13.04
CA ALA A 115 -21.24 -32.70 13.07
C ALA A 115 -22.32 -31.82 12.48
N LEU A 116 -22.46 -30.64 13.05
CA LEU A 116 -23.43 -29.64 12.54
C LEU A 116 -22.71 -28.33 12.32
N ALA A 117 -22.90 -27.75 11.13
CA ALA A 117 -22.53 -26.39 10.88
C ALA A 117 -23.75 -25.54 10.56
N ILE A 118 -23.84 -24.34 11.11
CA ILE A 118 -24.98 -23.45 10.90
C ILE A 118 -24.60 -22.06 10.35
N ASP A 119 -25.49 -21.45 9.60
CA ASP A 119 -25.45 -20.03 9.28
C ASP A 119 -25.72 -19.12 10.52
N VAL A 120 -25.05 -17.97 10.58
CA VAL A 120 -25.28 -16.90 11.53
C VAL A 120 -26.20 -15.96 10.76
N ARG A 121 -27.30 -15.59 11.40
CA ARG A 121 -28.40 -14.92 10.79
C ARG A 121 -28.09 -13.60 10.01
N GLY A 122 -28.50 -13.54 8.75
CA GLY A 122 -28.24 -12.33 7.99
C GLY A 122 -26.88 -12.26 7.36
N GLN A 123 -25.98 -13.22 7.57
CA GLN A 123 -24.66 -13.10 6.99
C GLN A 123 -24.57 -13.72 5.57
N GLY A 124 -23.43 -14.27 5.13
CA GLY A 124 -23.27 -14.59 3.73
C GLY A 124 -23.98 -15.84 3.30
N GLY A 125 -25.17 -16.10 3.82
CA GLY A 125 -25.86 -17.38 3.60
C GLY A 125 -27.29 -17.18 3.15
N VAL A 126 -28.01 -18.29 3.16
CA VAL A 126 -29.44 -18.29 2.83
C VAL A 126 -30.29 -17.98 4.09
N THR A 127 -29.69 -17.84 5.26
CA THR A 127 -30.42 -17.58 6.52
C THR A 127 -30.56 -16.07 6.74
N PRO A 128 -31.78 -15.55 6.67
CA PRO A 128 -31.97 -14.10 6.81
C PRO A 128 -31.99 -13.69 8.30
N ASP A 129 -32.23 -12.39 8.59
CA ASP A 129 -32.32 -11.85 9.94
C ASP A 129 -33.64 -11.15 10.12
N ARG A 130 -34.57 -11.76 10.82
CA ARG A 130 -35.92 -11.19 10.99
C ARG A 130 -36.08 -10.22 12.14
N ALA A 131 -35.02 -9.96 12.93
CA ALA A 131 -35.15 -9.11 14.11
C ALA A 131 -35.19 -7.67 13.61
N GLU A 132 -35.79 -6.78 14.40
CA GLU A 132 -36.00 -5.37 14.06
C GLU A 132 -35.14 -4.59 15.00
N TYR A 133 -34.51 -3.52 14.47
CA TYR A 133 -33.63 -2.68 15.23
C TYR A 133 -34.20 -1.21 15.27
N PRO A 134 -34.02 -0.50 16.41
CA PRO A 134 -34.56 0.88 16.47
C PRO A 134 -33.91 1.89 15.55
N GLN A 135 -32.72 1.64 15.05
CA GLN A 135 -32.04 2.63 14.23
C GLN A 135 -31.34 1.91 13.13
N GLY A 136 -30.67 2.67 12.27
CA GLY A 136 -29.77 2.04 11.32
C GLY A 136 -28.42 1.58 11.89
N GLY A 137 -27.45 1.44 10.99
CA GLY A 137 -26.09 1.15 11.45
C GLY A 137 -24.98 1.35 10.46
N ILE A 138 -23.79 0.90 10.87
CA ILE A 138 -22.61 0.82 10.05
C ILE A 138 -22.78 -0.44 9.19
N PRO A 139 -22.32 -0.42 7.91
CA PRO A 139 -22.43 -1.67 7.14
C PRO A 139 -21.84 -2.86 7.91
N GLY A 140 -22.50 -4.01 7.86
CA GLY A 140 -22.24 -5.13 8.79
C GLY A 140 -23.32 -5.31 9.83
N TRP A 141 -23.00 -5.97 10.93
CA TRP A 141 -23.99 -6.37 11.93
C TRP A 141 -23.62 -5.97 13.36
N MET A 142 -22.37 -5.57 13.62
CA MET A 142 -21.88 -5.27 15.00
C MET A 142 -22.60 -4.10 15.71
N THR A 143 -23.19 -3.19 14.96
CA THR A 143 -23.80 -1.95 15.54
C THR A 143 -25.35 -1.96 15.56
N LEU A 144 -25.95 -3.03 15.06
CA LEU A 144 -27.42 -3.12 15.05
C LEU A 144 -27.95 -3.33 16.46
N GLY A 145 -28.74 -2.35 16.92
CA GLY A 145 -29.33 -2.38 18.27
C GLY A 145 -28.33 -2.17 19.39
N ILE A 146 -27.23 -1.48 19.09
CA ILE A 146 -26.11 -1.34 20.03
C ILE A 146 -26.39 -0.55 21.29
N LEU A 147 -27.43 0.30 21.27
CA LEU A 147 -27.84 1.04 22.47
C LEU A 147 -28.68 0.33 23.54
N ASP A 148 -29.14 -0.89 23.28
CA ASP A 148 -29.90 -1.65 24.25
C ASP A 148 -29.63 -3.16 24.08
N PRO A 149 -29.14 -3.86 25.13
CA PRO A 149 -28.86 -5.29 24.93
C PRO A 149 -30.09 -6.14 24.56
N ALA A 150 -31.27 -5.75 24.98
CA ALA A 150 -32.50 -6.45 24.66
C ALA A 150 -32.75 -6.55 23.16
N SER A 151 -32.27 -5.57 22.38
CA SER A 151 -32.48 -5.58 20.91
C SER A 151 -31.18 -5.72 20.08
N TYR A 152 -30.06 -5.98 20.75
CA TYR A 152 -28.78 -6.03 20.08
C TYR A 152 -28.60 -7.29 19.18
N TYR A 153 -28.11 -7.10 17.94
CA TYR A 153 -27.85 -8.23 17.00
C TYR A 153 -27.44 -9.60 17.60
N TYR A 154 -26.48 -9.58 18.51
CA TYR A 154 -25.94 -10.84 18.99
C TYR A 154 -26.82 -11.51 20.00
N LYS A 155 -27.90 -10.86 20.45
CA LYS A 155 -28.79 -11.57 21.36
C LYS A 155 -29.45 -12.77 20.66
N GLN A 156 -30.19 -12.53 19.59
CA GLN A 156 -30.78 -13.59 18.84
C GLN A 156 -29.72 -14.51 18.20
N VAL A 157 -28.52 -14.02 17.86
CA VAL A 157 -27.46 -14.94 17.38
C VAL A 157 -27.07 -15.98 18.43
N TYR A 158 -26.87 -15.53 19.68
CA TYR A 158 -26.48 -16.46 20.74
C TYR A 158 -27.55 -17.46 21.03
N LEU A 159 -28.79 -17.00 21.01
CA LEU A 159 -29.91 -17.95 21.15
C LEU A 159 -29.99 -18.97 20.01
N ASP A 160 -29.79 -18.55 18.76
CA ASP A 160 -29.72 -19.53 17.61
C ASP A 160 -28.65 -20.60 17.87
N CYS A 161 -27.53 -20.18 18.49
CA CYS A 161 -26.37 -21.01 18.78
C CYS A 161 -26.65 -22.00 19.85
N ILE A 162 -27.50 -21.64 20.82
CA ILE A 162 -27.95 -22.57 21.87
C ILE A 162 -28.98 -23.53 21.30
N ARG A 163 -29.82 -22.98 20.42
CA ARG A 163 -30.78 -23.82 19.73
C ARG A 163 -30.13 -24.84 18.78
N ALA A 164 -28.93 -24.58 18.26
CA ALA A 164 -28.14 -25.64 17.60
C ALA A 164 -27.80 -26.81 18.55
N LEU A 165 -27.59 -26.55 19.83
CA LEU A 165 -27.39 -27.64 20.79
C LEU A 165 -28.71 -28.39 21.03
N ASP A 166 -29.85 -27.67 21.05
CA ASP A 166 -31.21 -28.31 21.08
C ASP A 166 -31.39 -29.19 19.85
N PHE A 167 -30.96 -28.73 18.68
CA PHE A 167 -31.08 -29.57 17.47
C PHE A 167 -30.25 -30.85 17.59
N VAL A 168 -28.96 -30.73 17.91
CA VAL A 168 -28.18 -31.95 17.96
C VAL A 168 -28.69 -32.88 19.05
N CYS A 169 -29.15 -32.34 20.19
CA CYS A 169 -29.67 -33.21 21.28
C CYS A 169 -31.00 -33.89 20.92
N SER A 170 -31.80 -33.25 20.08
CA SER A 170 -32.96 -33.93 19.48
C SER A 170 -32.65 -35.09 18.50
N ARG A 171 -31.41 -35.24 18.00
CA ARG A 171 -31.08 -36.40 17.13
C ARG A 171 -30.94 -37.63 18.01
N GLU A 172 -31.61 -38.71 17.67
CA GLU A 172 -31.62 -39.88 18.53
C GLU A 172 -30.26 -40.59 18.57
N GLU A 173 -29.53 -40.55 17.47
CA GLU A 173 -28.18 -41.13 17.41
C GLU A 173 -27.11 -40.37 18.24
N VAL A 174 -27.38 -39.10 18.58
CA VAL A 174 -26.39 -38.30 19.26
C VAL A 174 -26.33 -38.60 20.76
N ASP A 175 -25.11 -38.71 21.28
CA ASP A 175 -24.81 -38.74 22.75
C ASP A 175 -24.63 -37.28 23.27
N ALA A 176 -25.63 -36.83 24.03
CA ALA A 176 -25.72 -35.47 24.54
C ALA A 176 -24.67 -35.17 25.63
N SER A 177 -24.08 -36.21 26.22
CA SER A 177 -22.92 -35.99 27.10
C SER A 177 -21.55 -35.89 26.35
N ARG A 178 -21.55 -35.94 25.01
CA ARG A 178 -20.31 -35.84 24.26
C ARG A 178 -20.43 -34.79 23.17
N ILE A 179 -20.69 -33.54 23.55
CA ILE A 179 -20.81 -32.43 22.61
C ILE A 179 -19.59 -31.47 22.69
N ALA A 180 -19.00 -31.14 21.53
CA ALA A 180 -17.98 -30.11 21.47
C ALA A 180 -18.45 -28.97 20.58
N VAL A 181 -18.03 -27.75 20.93
CA VAL A 181 -18.36 -26.50 20.20
C VAL A 181 -17.06 -25.90 19.69
N TYR A 182 -17.03 -25.51 18.39
CA TYR A 182 -15.79 -25.13 17.69
C TYR A 182 -16.06 -24.01 16.72
N GLY A 183 -15.09 -23.14 16.50
CA GLY A 183 -15.18 -22.07 15.53
C GLY A 183 -14.02 -21.13 15.58
N GLY A 184 -13.72 -20.57 14.43
CA GLY A 184 -12.72 -19.52 14.34
C GLY A 184 -13.29 -18.11 14.29
N SER A 185 -12.64 -17.22 15.01
CA SER A 185 -12.96 -15.82 15.04
C SER A 185 -14.35 -15.48 15.59
N GLN A 186 -15.27 -14.85 14.86
CA GLN A 186 -16.64 -14.87 15.33
C GLN A 186 -17.04 -16.30 15.82
N GLY A 187 -16.67 -17.32 15.07
CA GLY A 187 -17.00 -18.72 15.40
C GLY A 187 -16.58 -19.06 16.81
N GLY A 188 -15.39 -18.59 17.21
CA GLY A 188 -14.74 -18.85 18.47
C GLY A 188 -15.43 -18.12 19.57
N GLY A 189 -15.80 -16.86 19.32
CA GLY A 189 -16.70 -16.12 20.21
C GLY A 189 -18.04 -16.79 20.44
N LEU A 190 -18.67 -17.27 19.34
CA LEU A 190 -19.92 -18.04 19.49
C LEU A 190 -19.76 -19.32 20.27
N ALA A 191 -18.66 -20.06 20.12
CA ALA A 191 -18.46 -21.27 20.93
C ALA A 191 -18.20 -20.91 22.41
N LEU A 192 -17.55 -19.81 22.72
CA LEU A 192 -17.42 -19.40 24.16
C LEU A 192 -18.83 -19.04 24.71
N ALA A 193 -19.67 -18.42 23.87
CA ALA A 193 -21.07 -18.10 24.26
C ALA A 193 -21.87 -19.39 24.53
N ALA A 194 -21.74 -20.33 23.65
CA ALA A 194 -22.52 -21.55 23.75
C ALA A 194 -22.16 -22.30 25.00
N ALA A 195 -20.86 -22.43 25.23
CA ALA A 195 -20.37 -23.09 26.42
C ALA A 195 -20.59 -22.27 27.70
N GLY A 196 -20.60 -20.95 27.58
CA GLY A 196 -20.83 -20.09 28.72
C GLY A 196 -22.26 -20.03 29.20
N LEU A 197 -23.19 -20.07 28.26
CA LEU A 197 -24.63 -19.98 28.49
C LEU A 197 -25.36 -21.33 28.58
N ASP A 198 -24.67 -22.43 28.34
CA ASP A 198 -25.31 -23.73 28.36
C ASP A 198 -24.42 -24.72 29.01
N SER A 199 -24.97 -25.59 29.85
CA SER A 199 -24.19 -26.63 30.57
C SER A 199 -23.84 -27.87 29.80
N ARG A 200 -24.42 -28.06 28.63
CA ARG A 200 -24.32 -29.37 27.95
C ARG A 200 -22.94 -29.66 27.29
N PRO A 201 -22.31 -28.65 26.65
CA PRO A 201 -21.05 -28.93 25.94
C PRO A 201 -19.97 -29.39 26.88
N LYS A 202 -19.28 -30.47 26.49
CA LYS A 202 -18.21 -31.02 27.25
C LYS A 202 -16.83 -30.42 26.89
N LEU A 203 -16.65 -30.07 25.62
CA LEU A 203 -15.45 -29.43 25.12
C LEU A 203 -15.77 -28.12 24.42
N ALA A 204 -14.85 -27.16 24.48
CA ALA A 204 -14.94 -25.89 23.73
C ALA A 204 -13.62 -25.67 22.98
N LEU A 205 -13.67 -25.46 21.64
CA LEU A 205 -12.49 -25.29 20.85
C LEU A 205 -12.44 -23.92 20.12
N PRO A 206 -12.44 -22.79 20.84
CA PRO A 206 -12.25 -21.46 20.20
C PRO A 206 -10.91 -21.24 19.44
N VAL A 207 -10.97 -20.85 18.18
CA VAL A 207 -9.76 -20.39 17.47
C VAL A 207 -9.81 -18.84 17.36
N PHE A 208 -8.76 -18.18 17.80
CA PHE A 208 -8.69 -16.70 17.81
C PHE A 208 -10.01 -15.96 17.96
N PRO A 209 -10.64 -16.09 19.18
CA PRO A 209 -12.01 -15.69 19.32
C PRO A 209 -12.19 -14.16 19.26
N PHE A 210 -13.15 -13.76 18.42
CA PHE A 210 -13.70 -12.42 18.27
C PHE A 210 -14.76 -12.24 19.35
N LEU A 211 -15.25 -11.02 19.52
CA LEU A 211 -16.24 -10.71 20.57
C LEU A 211 -15.71 -10.83 22.00
N CYS A 212 -14.43 -10.52 22.20
CA CYS A 212 -13.82 -10.59 23.54
C CYS A 212 -13.21 -9.23 23.85
N HIS A 213 -13.31 -8.87 25.12
CA HIS A 213 -12.76 -7.68 25.68
C HIS A 213 -12.97 -6.46 24.80
N PHE A 214 -14.26 -6.16 24.49
CA PHE A 214 -14.65 -5.12 23.51
C PHE A 214 -13.97 -3.75 23.59
N ARG A 215 -13.93 -3.17 24.77
CA ARG A 215 -13.40 -1.83 24.92
C ARG A 215 -11.89 -1.77 24.63
N ARG A 216 -11.17 -2.84 24.91
CA ARG A 216 -9.77 -2.91 24.53
C ARG A 216 -9.56 -3.13 23.02
N SER A 217 -10.26 -4.09 22.45
CA SER A 217 -10.25 -4.31 21.01
C SER A 217 -10.38 -2.97 20.28
N VAL A 218 -11.41 -2.21 20.63
CA VAL A 218 -11.66 -0.92 19.97
C VAL A 218 -10.57 0.11 20.20
N GLU A 219 -10.17 0.34 21.46
CA GLU A 219 -9.17 1.34 21.79
C GLU A 219 -7.76 1.03 21.29
N ILE A 220 -7.38 -0.24 21.17
CA ILE A 220 -6.10 -0.53 20.54
C ILE A 220 -6.18 -0.65 19.02
N HIS A 221 -7.34 -0.30 18.46
CA HIS A 221 -7.51 -0.13 17.01
C HIS A 221 -7.35 -1.44 16.27
N ALA A 222 -7.84 -2.53 16.84
CA ALA A 222 -7.98 -3.77 16.09
C ALA A 222 -8.65 -3.53 14.73
N SER A 223 -8.13 -4.20 13.69
CA SER A 223 -8.71 -4.21 12.32
C SER A 223 -9.92 -5.17 12.23
N GLY A 224 -10.50 -5.27 11.03
CA GLY A 224 -11.73 -6.07 10.78
C GLY A 224 -12.97 -5.51 11.49
N PRO A 225 -13.90 -6.38 11.83
CA PRO A 225 -15.22 -5.92 12.33
C PRO A 225 -15.23 -5.02 13.60
N TYR A 226 -14.22 -5.12 14.48
CA TYR A 226 -14.12 -4.17 15.57
C TYR A 226 -14.13 -2.68 15.10
N VAL A 227 -13.63 -2.40 13.90
CA VAL A 227 -13.66 -1.07 13.36
C VAL A 227 -15.10 -0.47 13.22
N GLU A 228 -16.13 -1.31 13.02
CA GLU A 228 -17.54 -0.85 12.93
C GLU A 228 -17.93 -0.12 14.23
N ILE A 229 -17.41 -0.55 15.37
CA ILE A 229 -17.72 0.14 16.63
C ILE A 229 -17.10 1.53 16.65
N LYS A 230 -15.87 1.65 16.17
CA LYS A 230 -15.21 2.95 16.07
C LYS A 230 -16.01 3.81 15.06
N ASN A 231 -16.41 3.23 13.93
CA ASN A 231 -17.22 3.99 12.94
C ASN A 231 -18.60 4.35 13.46
N TRP A 232 -19.20 3.55 14.31
CA TRP A 232 -20.40 4.01 15.05
C TRP A 232 -20.15 5.36 15.74
N PHE A 233 -19.10 5.43 16.55
CA PHE A 233 -18.78 6.68 17.21
C PHE A 233 -18.62 7.80 16.25
N ARG A 234 -17.85 7.58 15.20
CA ARG A 234 -17.62 8.58 14.18
C ARG A 234 -18.91 9.15 13.61
N ARG A 235 -19.94 8.33 13.40
CA ARG A 235 -21.24 8.81 12.83
C ARG A 235 -22.34 9.26 13.81
N TYR A 236 -22.41 8.66 14.96
CA TYR A 236 -23.53 8.83 15.89
C TYR A 236 -23.11 9.63 17.10
N ASP A 237 -21.82 9.67 17.44
CA ASP A 237 -21.41 10.13 18.78
C ASP A 237 -19.91 10.48 18.84
N PRO A 238 -19.47 11.55 18.16
CA PRO A 238 -18.03 11.86 18.07
C PRO A 238 -17.33 12.30 19.37
N GLU A 239 -18.10 12.78 20.34
CA GLU A 239 -17.60 13.11 21.67
C GLU A 239 -17.81 12.01 22.68
N HIS A 240 -18.19 10.80 22.23
CA HIS A 240 -18.29 9.64 23.11
C HIS A 240 -19.18 9.88 24.36
N ARG A 241 -20.26 10.61 24.18
CA ARG A 241 -21.20 10.86 25.25
C ARG A 241 -22.08 9.67 25.56
N GLN A 242 -22.16 8.70 24.65
CA GLN A 242 -22.91 7.49 24.91
C GLN A 242 -22.00 6.29 25.02
N GLU A 243 -20.70 6.51 25.28
CA GLU A 243 -19.77 5.39 25.32
C GLU A 243 -20.16 4.40 26.38
N GLU A 244 -20.76 4.90 27.46
CA GLU A 244 -21.08 4.05 28.63
C GLU A 244 -22.18 3.04 28.26
N GLN A 245 -23.29 3.52 27.72
CA GLN A 245 -24.29 2.64 27.12
C GLN A 245 -23.71 1.70 26.06
N VAL A 246 -22.86 2.19 25.17
CA VAL A 246 -22.31 1.29 24.13
C VAL A 246 -21.58 0.08 24.76
N TYR A 247 -20.66 0.31 25.72
CA TYR A 247 -19.89 -0.79 26.30
C TYR A 247 -20.67 -1.58 27.33
N ARG A 248 -21.65 -0.97 27.99
CA ARG A 248 -22.54 -1.78 28.85
C ARG A 248 -23.43 -2.72 28.00
N THR A 249 -23.94 -2.28 26.84
CA THR A 249 -24.63 -3.19 25.88
C THR A 249 -23.73 -4.38 25.55
N LEU A 250 -22.48 -4.10 25.20
CA LEU A 250 -21.57 -5.13 24.69
C LEU A 250 -21.08 -6.10 25.77
N SER A 251 -21.08 -5.64 27.05
CA SER A 251 -20.62 -6.49 28.16
C SER A 251 -21.45 -7.80 28.34
N TYR A 252 -22.75 -7.75 28.08
CA TYR A 252 -23.63 -8.93 28.07
C TYR A 252 -23.23 -10.01 27.07
N PHE A 253 -22.45 -9.62 26.06
CA PHE A 253 -22.08 -10.51 24.96
C PHE A 253 -20.58 -10.78 24.92
N ASP A 254 -19.85 -10.29 25.93
CA ASP A 254 -18.40 -10.32 25.90
C ASP A 254 -17.88 -11.71 26.28
N GLY A 255 -17.10 -12.31 25.37
CA GLY A 255 -16.53 -13.65 25.63
C GLY A 255 -15.72 -13.80 26.91
N MET A 256 -15.07 -12.74 27.36
CA MET A 256 -14.41 -12.73 28.67
C MET A 256 -15.40 -12.98 29.85
N ASN A 257 -16.56 -12.35 29.82
CA ASN A 257 -17.61 -12.66 30.77
C ASN A 257 -18.23 -14.06 30.59
N MET A 258 -18.43 -14.52 29.32
CA MET A 258 -18.84 -15.92 29.09
C MET A 258 -17.83 -16.95 29.63
N ALA A 259 -16.55 -16.71 29.36
CA ALA A 259 -15.43 -17.59 29.84
C ALA A 259 -15.48 -17.90 31.33
N SER A 260 -15.93 -16.90 32.09
CA SER A 260 -16.05 -17.00 33.55
C SER A 260 -17.14 -18.04 33.99
N ARG A 261 -18.06 -18.40 33.08
CA ARG A 261 -19.10 -19.41 33.36
C ARG A 261 -18.94 -20.76 32.64
N ILE A 262 -17.87 -20.93 31.85
CA ILE A 262 -17.53 -22.16 31.16
C ILE A 262 -16.87 -23.16 32.08
N LYS A 263 -17.46 -24.35 32.21
CA LYS A 263 -16.86 -25.50 32.98
C LYS A 263 -16.34 -26.64 32.10
N ALA A 264 -16.77 -26.65 30.85
CA ALA A 264 -16.15 -27.41 29.79
C ALA A 264 -14.63 -27.25 29.78
N ARG A 265 -13.96 -28.33 29.38
CA ARG A 265 -12.54 -28.34 29.07
C ARG A 265 -12.33 -27.62 27.76
N THR A 266 -11.35 -26.73 27.69
CA THR A 266 -11.20 -25.77 26.56
C THR A 266 -9.79 -25.85 25.94
N LEU A 267 -9.73 -25.87 24.59
CA LEU A 267 -8.49 -25.80 23.81
C LEU A 267 -8.63 -24.55 22.97
N MET A 268 -7.86 -23.54 23.33
CA MET A 268 -7.78 -22.32 22.59
C MET A 268 -6.52 -22.12 21.73
N ALA A 269 -6.69 -21.76 20.46
CA ALA A 269 -5.64 -21.20 19.60
C ALA A 269 -5.53 -19.67 19.68
N ILE A 270 -4.30 -19.17 19.83
CA ILE A 270 -4.06 -17.73 19.79
C ILE A 270 -2.89 -17.49 18.85
N THR A 271 -3.02 -16.48 18.03
CA THR A 271 -2.03 -16.17 17.03
C THR A 271 -1.46 -14.83 17.41
N LEU A 272 -0.15 -14.77 17.61
CA LEU A 272 0.47 -13.61 18.26
C LEU A 272 0.62 -12.38 17.39
N GLN A 273 0.55 -12.53 16.08
CA GLN A 273 0.66 -11.41 15.16
C GLN A 273 -0.74 -10.91 14.70
N ASP A 274 -1.80 -11.45 15.31
CA ASP A 274 -3.18 -11.16 14.90
C ASP A 274 -3.52 -9.69 15.25
N ILE A 275 -3.83 -8.92 14.23
CA ILE A 275 -4.35 -7.55 14.39
C ILE A 275 -5.88 -7.41 14.34
N THR A 276 -6.57 -8.52 14.03
CA THR A 276 -8.03 -8.55 14.03
C THR A 276 -8.67 -8.99 15.34
N CYS A 277 -8.21 -10.11 15.89
CA CYS A 277 -8.49 -10.50 17.29
C CYS A 277 -7.15 -10.48 18.05
N PRO A 278 -6.76 -9.30 18.55
CA PRO A 278 -5.43 -9.15 19.11
C PRO A 278 -5.27 -10.05 20.31
N PRO A 279 -4.08 -10.64 20.48
CA PRO A 279 -3.87 -11.71 21.43
C PRO A 279 -4.17 -11.34 22.88
N SER A 280 -4.04 -10.08 23.27
CA SER A 280 -4.42 -9.67 24.65
C SER A 280 -5.89 -9.87 24.94
N THR A 281 -6.72 -9.78 23.92
CA THR A 281 -8.17 -9.96 24.13
C THR A 281 -8.52 -11.46 24.21
N CYS A 282 -7.78 -12.28 23.48
CA CYS A 282 -7.91 -13.73 23.52
C CYS A 282 -7.44 -14.24 24.87
N PHE A 283 -6.27 -13.79 25.32
CA PHE A 283 -5.74 -14.14 26.64
C PHE A 283 -6.62 -13.72 27.81
N ALA A 284 -7.25 -12.55 27.70
CA ALA A 284 -8.18 -12.08 28.70
C ALA A 284 -9.37 -13.01 28.96
N ALA A 285 -10.02 -13.51 27.91
CA ALA A 285 -11.02 -14.59 28.08
C ALA A 285 -10.40 -15.93 28.58
N TYR A 286 -9.35 -16.43 27.91
CA TYR A 286 -8.59 -17.67 28.35
C TYR A 286 -8.27 -17.64 29.85
N ASN A 287 -7.82 -16.52 30.36
CA ASN A 287 -7.41 -16.43 31.78
C ASN A 287 -8.57 -16.35 32.78
N HIS A 288 -9.80 -16.22 32.27
CA HIS A 288 -11.03 -16.30 33.05
C HIS A 288 -11.81 -17.62 32.93
N LEU A 289 -11.40 -18.52 32.08
CA LEU A 289 -12.06 -19.84 31.98
C LEU A 289 -12.07 -20.49 33.35
N ALA A 290 -13.21 -21.05 33.74
CA ALA A 290 -13.35 -21.67 35.04
C ALA A 290 -12.85 -23.15 35.01
N GLY A 291 -12.96 -23.83 33.87
CA GLY A 291 -12.62 -25.28 33.83
C GLY A 291 -11.22 -25.51 33.31
N PRO A 292 -10.79 -26.78 33.18
CA PRO A 292 -9.50 -27.07 32.53
C PRO A 292 -9.33 -26.51 31.14
N LYS A 293 -8.10 -26.16 30.79
CA LYS A 293 -7.81 -25.43 29.59
C LYS A 293 -6.40 -25.65 29.11
N GLU A 294 -6.22 -25.41 27.82
CA GLU A 294 -4.95 -25.62 27.13
C GLU A 294 -4.94 -24.61 26.05
N VAL A 295 -3.78 -24.14 25.67
CA VAL A 295 -3.62 -23.10 24.68
C VAL A 295 -2.61 -23.55 23.62
N ARG A 296 -2.84 -23.23 22.33
CA ARG A 296 -1.77 -23.35 21.33
C ARG A 296 -1.39 -21.91 20.88
N LEU A 297 -0.12 -21.52 21.04
CA LEU A 297 0.42 -20.18 20.63
C LEU A 297 1.18 -20.33 19.34
N TYR A 298 0.62 -19.80 18.27
CA TYR A 298 1.27 -19.73 16.96
C TYR A 298 1.95 -18.34 16.85
N HIS A 299 3.26 -18.32 17.14
CA HIS A 299 4.03 -17.05 17.26
C HIS A 299 4.04 -16.11 16.02
N ASP A 300 4.20 -16.68 14.81
CA ASP A 300 4.37 -15.90 13.55
C ASP A 300 3.16 -15.87 12.59
N TYR A 301 1.98 -16.13 13.14
CA TYR A 301 0.75 -16.16 12.37
C TYR A 301 -0.16 -15.01 12.83
N GLY A 302 -0.89 -14.47 11.86
CA GLY A 302 -1.99 -13.58 12.09
C GLY A 302 -3.37 -14.21 11.98
N HIS A 303 -4.33 -13.38 11.56
CA HIS A 303 -5.72 -13.83 11.40
C HIS A 303 -5.78 -14.49 10.02
N GLU A 304 -5.59 -15.79 9.98
CA GLU A 304 -5.36 -16.53 8.72
C GLU A 304 -5.58 -18.00 8.98
N GLY A 305 -5.76 -18.79 7.92
CA GLY A 305 -5.92 -20.25 8.05
C GLY A 305 -4.72 -20.91 8.77
N LEU A 306 -5.03 -21.90 9.62
CA LEU A 306 -4.06 -22.59 10.46
C LEU A 306 -4.06 -24.08 10.14
N PRO A 307 -3.39 -24.49 9.03
CA PRO A 307 -3.43 -25.91 8.57
C PRO A 307 -3.08 -26.97 9.63
N PHE A 308 -2.01 -26.73 10.36
CA PHE A 308 -1.54 -27.50 11.58
C PHE A 308 -2.51 -27.60 12.75
N HIS A 309 -3.46 -26.67 12.87
CA HIS A 309 -4.34 -26.67 14.04
C HIS A 309 -5.34 -27.80 14.00
N GLU A 310 -5.70 -28.24 12.81
CA GLU A 310 -6.73 -29.23 12.62
C GLU A 310 -6.37 -30.52 13.34
N GLU A 311 -5.15 -30.97 13.11
CA GLU A 311 -4.57 -32.06 13.84
C GLU A 311 -4.55 -31.86 15.35
N ALA A 312 -4.20 -30.68 15.82
CA ALA A 312 -4.15 -30.40 17.25
C ALA A 312 -5.57 -30.61 17.88
N MET A 313 -6.62 -30.22 17.16
CA MET A 313 -8.02 -30.36 17.62
C MET A 313 -8.48 -31.82 17.60
N MET A 314 -8.13 -32.51 16.53
CA MET A 314 -8.35 -33.95 16.44
C MET A 314 -7.79 -34.69 17.61
N ARG A 315 -6.53 -34.46 17.99
CA ARG A 315 -5.91 -35.13 19.19
C ARG A 315 -6.63 -34.79 20.50
N PHE A 316 -6.98 -33.53 20.67
CA PHE A 316 -7.75 -33.06 21.80
C PHE A 316 -9.12 -33.73 21.91
N ILE A 317 -9.85 -33.73 20.80
CA ILE A 317 -11.14 -34.40 20.69
C ILE A 317 -11.02 -35.91 20.95
N GLU A 318 -10.06 -36.57 20.32
CA GLU A 318 -9.85 -38.01 20.53
C GLU A 318 -9.51 -38.31 21.96
N ALA A 319 -8.72 -37.46 22.62
CA ALA A 319 -8.37 -37.71 24.01
C ALA A 319 -9.45 -37.52 25.02
N TYR A 320 -10.31 -36.53 24.82
CA TYR A 320 -11.18 -36.01 25.90
C TYR A 320 -12.70 -36.07 25.63
N LEU A 321 -13.13 -36.10 24.38
CA LEU A 321 -14.57 -36.10 24.09
C LEU A 321 -15.04 -37.55 24.20
N MET B 6 -12.25 4.31 -21.19
CA MET B 6 -12.91 4.91 -22.40
C MET B 6 -12.39 6.36 -22.66
N PRO B 7 -11.80 6.65 -23.87
CA PRO B 7 -11.44 8.05 -24.20
C PRO B 7 -12.63 9.02 -24.23
N LEU B 8 -12.35 10.30 -24.36
CA LEU B 8 -13.36 11.30 -24.02
C LEU B 8 -14.47 11.47 -25.06
N SER B 9 -14.16 11.64 -26.34
CA SER B 9 -15.24 11.78 -27.35
C SER B 9 -16.03 10.48 -27.53
N GLN B 10 -15.44 9.35 -27.15
CA GLN B 10 -16.20 8.12 -26.97
C GLN B 10 -17.22 8.22 -25.81
N LEU B 11 -16.81 8.71 -24.64
CA LEU B 11 -17.71 8.86 -23.47
C LEU B 11 -18.86 9.77 -23.77
N GLN B 12 -18.57 10.89 -24.38
CA GLN B 12 -19.60 11.83 -24.75
C GLN B 12 -20.67 11.30 -25.75
N ASP B 13 -20.38 10.26 -26.53
CA ASP B 13 -21.42 9.59 -27.36
C ASP B 13 -21.84 8.24 -26.79
N TYR B 14 -21.42 7.93 -25.56
CA TYR B 14 -21.67 6.60 -25.03
C TYR B 14 -23.16 6.47 -24.62
N LYS B 15 -23.86 5.62 -25.37
CA LYS B 15 -25.30 5.47 -25.24
C LYS B 15 -25.71 3.99 -25.39
N PRO B 16 -25.41 3.17 -24.38
CA PRO B 16 -25.70 1.75 -24.49
C PRO B 16 -27.18 1.50 -24.45
N GLU B 17 -27.60 0.32 -24.88
CA GLU B 17 -28.99 -0.07 -24.97
C GLU B 17 -29.60 -0.11 -23.56
N LEU B 18 -30.83 0.36 -23.39
CA LEU B 18 -31.56 0.24 -22.12
C LEU B 18 -31.76 -1.22 -21.74
N THR B 19 -31.65 -1.52 -20.44
CA THR B 19 -31.92 -2.85 -19.95
C THR B 19 -33.30 -2.99 -19.31
N ASN B 20 -34.11 -1.93 -19.26
CA ASN B 20 -35.45 -2.07 -18.69
C ASN B 20 -36.24 -3.24 -19.30
N GLU B 21 -36.77 -4.10 -18.44
CA GLU B 21 -37.68 -5.17 -18.85
C GLU B 21 -38.94 -4.53 -19.39
N THR B 22 -39.69 -5.24 -20.22
CA THR B 22 -40.97 -4.73 -20.75
C THR B 22 -42.01 -4.33 -19.66
N ASP B 23 -42.01 -5.02 -18.52
CA ASP B 23 -42.85 -4.68 -17.36
C ASP B 23 -42.27 -3.61 -16.36
N PHE B 24 -41.28 -2.82 -16.76
CA PHE B 24 -40.67 -1.78 -15.88
C PHE B 24 -41.69 -0.80 -15.24
N ASP B 25 -42.50 -0.16 -16.06
CA ASP B 25 -43.55 0.77 -15.58
C ASP B 25 -44.63 0.10 -14.75
N LEU B 26 -45.09 -1.07 -15.20
CA LEU B 26 -46.02 -1.87 -14.36
C LEU B 26 -45.47 -2.17 -12.91
N PHE B 27 -44.24 -2.65 -12.84
CA PHE B 27 -43.57 -2.92 -11.55
C PHE B 27 -43.61 -1.70 -10.67
N TRP B 28 -43.31 -0.54 -11.28
CA TRP B 28 -43.27 0.69 -10.50
C TRP B 28 -44.63 1.24 -10.08
N ASP B 29 -45.63 1.21 -10.96
CA ASP B 29 -46.90 1.73 -10.49
C ASP B 29 -47.57 0.81 -9.51
N ASN B 30 -47.21 -0.48 -9.53
CA ASN B 30 -47.61 -1.35 -8.42
C ASN B 30 -46.92 -0.90 -7.11
N ALA B 31 -45.60 -0.73 -7.15
CA ALA B 31 -44.90 -0.24 -5.98
C ALA B 31 -45.48 1.12 -5.53
N LYS B 32 -45.85 1.99 -6.46
CA LYS B 32 -46.48 3.25 -6.06
C LYS B 32 -47.85 3.10 -5.41
N ALA B 33 -48.59 2.03 -5.75
CA ALA B 33 -49.90 1.74 -5.13
C ALA B 33 -49.74 1.41 -3.65
N LEU B 34 -48.76 0.56 -3.32
CA LEU B 34 -48.28 0.36 -1.94
C LEU B 34 -48.09 1.66 -1.17
N SER B 35 -47.49 2.66 -1.80
CA SER B 35 -47.23 3.92 -1.13
C SER B 35 -48.52 4.75 -0.95
N ASN B 36 -49.29 4.87 -2.04
CA ASN B 36 -50.60 5.54 -2.02
C ASN B 36 -51.56 5.10 -0.90
N GLN B 37 -51.55 3.85 -0.53
CA GLN B 37 -52.39 3.35 0.56
C GLN B 37 -51.90 3.65 1.97
N LYS B 38 -50.65 4.09 2.10
CA LYS B 38 -50.09 4.28 3.43
C LYS B 38 -49.88 5.79 3.67
N PRO B 39 -50.62 6.38 4.62
CA PRO B 39 -50.49 7.85 4.83
C PRO B 39 -49.07 8.29 5.36
N LEU B 40 -48.68 9.54 5.13
CA LEU B 40 -47.39 10.05 5.59
C LEU B 40 -47.23 10.08 7.09
N HIS B 41 -48.24 10.60 7.82
CA HIS B 41 -48.21 10.75 9.29
C HIS B 41 -46.95 11.58 9.72
N ALA B 42 -46.72 12.67 9.00
CA ALA B 42 -45.54 13.53 9.17
C ALA B 42 -45.52 14.25 10.49
N GLN B 43 -44.52 13.98 11.33
CA GLN B 43 -44.24 14.68 12.61
C GLN B 43 -43.09 15.72 12.40
N VAL B 44 -43.33 16.99 12.69
CA VAL B 44 -42.39 18.05 12.44
C VAL B 44 -42.17 18.80 13.75
N ASN B 45 -40.96 18.77 14.32
CA ASN B 45 -40.69 19.48 15.61
C ASN B 45 -39.58 20.47 15.41
N LEU B 46 -39.85 21.74 15.71
CA LEU B 46 -38.93 22.84 15.50
C LEU B 46 -37.78 22.73 16.48
N VAL B 47 -36.57 22.96 16.01
CA VAL B 47 -35.40 22.98 16.89
C VAL B 47 -35.07 24.43 17.20
N GLN B 48 -35.03 24.80 18.45
CA GLN B 48 -34.79 26.20 18.85
C GLN B 48 -33.43 26.44 19.51
N ASP B 49 -32.70 25.38 19.86
CA ASP B 49 -31.41 25.44 20.57
C ASP B 49 -30.18 25.41 19.62
N TYR B 50 -30.35 25.81 18.37
CA TYR B 50 -29.28 25.68 17.37
C TYR B 50 -28.73 27.10 17.12
N PRO B 51 -27.40 27.23 17.01
CA PRO B 51 -26.82 28.56 16.98
C PRO B 51 -26.96 29.37 15.69
N LEU B 52 -27.44 28.81 14.56
CA LEU B 52 -27.41 29.61 13.30
C LEU B 52 -28.38 30.79 13.21
N LYS B 53 -29.61 30.59 13.66
CA LYS B 53 -30.60 31.67 13.89
C LYS B 53 -31.23 32.42 12.70
N SER B 54 -30.64 32.39 11.52
CA SER B 54 -31.19 33.06 10.33
C SER B 54 -32.15 32.14 9.56
N ILE B 55 -32.32 30.90 10.04
CA ILE B 55 -33.15 29.94 9.38
C ILE B 55 -33.96 29.23 10.44
N SER B 56 -35.10 28.67 10.02
CA SER B 56 -35.89 27.77 10.85
C SER B 56 -35.53 26.35 10.55
N ILE B 57 -35.29 25.58 11.59
CA ILE B 57 -34.83 24.19 11.49
C ILE B 57 -35.82 23.26 12.10
N TYR B 58 -36.33 22.33 11.30
CA TYR B 58 -37.28 21.32 11.77
C TYR B 58 -36.73 19.88 11.74
N ASP B 59 -36.96 19.14 12.82
CA ASP B 59 -36.72 17.72 12.94
C ASP B 59 -37.98 16.99 12.43
N VAL B 60 -37.81 16.16 11.40
CA VAL B 60 -38.95 15.62 10.67
C VAL B 60 -38.86 14.11 10.71
N VAL B 61 -40.03 13.51 10.80
CA VAL B 61 -40.16 12.08 10.62
C VAL B 61 -41.44 11.83 9.88
N TYR B 62 -41.37 10.96 8.89
CA TYR B 62 -42.57 10.49 8.21
C TYR B 62 -42.49 9.00 8.00
N ASP B 63 -43.64 8.38 7.80
CA ASP B 63 -43.70 6.92 7.51
C ASP B 63 -43.36 6.61 6.06
N GLY B 64 -42.51 5.60 5.89
CA GLY B 64 -42.25 5.00 4.60
C GLY B 64 -43.45 4.11 4.31
N ALA B 65 -43.58 3.69 3.05
CA ALA B 65 -44.66 2.77 2.59
C ALA B 65 -44.91 1.54 3.45
N ASP B 66 -43.85 0.93 4.00
CA ASP B 66 -44.01 -0.27 4.90
C ASP B 66 -44.02 0.11 6.39
N GLY B 67 -44.29 1.37 6.75
CA GLY B 67 -44.19 1.82 8.18
C GLY B 67 -42.84 2.27 8.80
N THR B 68 -41.70 2.08 8.12
CA THR B 68 -40.40 2.59 8.64
C THR B 68 -40.45 4.10 8.89
N PRO B 69 -40.07 4.59 10.11
CA PRO B 69 -40.06 6.04 10.35
C PRO B 69 -38.80 6.65 9.75
N ILE B 70 -38.94 7.46 8.72
CA ILE B 70 -37.82 8.07 8.06
C ILE B 70 -37.57 9.43 8.67
N HIS B 71 -36.33 9.68 9.07
CA HIS B 71 -35.94 10.91 9.68
C HIS B 71 -35.24 11.87 8.70
N GLY B 72 -35.51 13.17 8.84
CA GLY B 72 -34.90 14.21 8.01
C GLY B 72 -34.66 15.51 8.79
N TRP B 73 -34.11 16.49 8.09
CA TRP B 73 -34.05 17.89 8.55
C TRP B 73 -34.67 18.72 7.46
N TYR B 74 -35.60 19.60 7.83
CA TYR B 74 -36.26 20.50 6.93
C TYR B 74 -35.91 21.91 7.38
N VAL B 75 -35.45 22.72 6.44
CA VAL B 75 -34.94 24.05 6.76
C VAL B 75 -35.59 25.10 5.81
N THR B 76 -36.00 26.25 6.35
CA THR B 76 -36.51 27.42 5.60
C THR B 76 -35.80 28.74 6.01
N PRO B 77 -35.83 29.76 5.15
CA PRO B 77 -35.53 31.12 5.67
C PRO B 77 -36.45 31.46 6.85
N LYS B 78 -35.96 32.15 7.89
CA LYS B 78 -36.89 32.67 8.92
C LYS B 78 -37.77 33.75 8.26
N GLY B 79 -38.96 33.94 8.80
CA GLY B 79 -39.88 34.99 8.31
C GLY B 79 -41.17 34.39 7.77
N GLU B 80 -42.03 35.28 7.28
CA GLU B 80 -43.37 34.95 6.93
C GLU B 80 -43.40 34.61 5.42
N HIS B 81 -43.94 33.45 5.10
CA HIS B 81 -44.01 32.98 3.70
C HIS B 81 -45.46 32.72 3.37
N GLN B 82 -45.90 33.35 2.30
CA GLN B 82 -47.18 33.04 1.65
C GLN B 82 -47.23 31.56 1.25
N PRO B 83 -48.45 30.95 1.27
CA PRO B 83 -48.62 29.65 0.65
C PRO B 83 -48.04 29.62 -0.79
N GLY B 84 -47.34 28.54 -1.16
CA GLY B 84 -46.85 28.33 -2.55
C GLY B 84 -45.80 29.34 -3.03
N SER B 85 -45.03 29.89 -2.08
CA SER B 85 -43.97 30.87 -2.32
C SER B 85 -42.54 30.29 -2.34
N LEU B 86 -42.20 29.30 -1.50
CA LEU B 86 -40.80 28.81 -1.41
C LEU B 86 -40.45 27.70 -2.40
N PRO B 87 -39.43 27.93 -3.25
CA PRO B 87 -38.85 26.74 -3.87
C PRO B 87 -38.21 25.76 -2.86
N VAL B 88 -38.06 24.54 -3.31
CA VAL B 88 -37.59 23.52 -2.40
C VAL B 88 -36.55 22.65 -3.12
N LEU B 89 -35.48 22.38 -2.38
CA LEU B 89 -34.44 21.43 -2.78
C LEU B 89 -34.56 20.25 -1.86
N VAL B 90 -34.62 19.06 -2.40
CA VAL B 90 -34.63 17.81 -1.61
C VAL B 90 -33.30 17.11 -1.87
N LYS B 91 -32.57 16.83 -0.80
CA LYS B 91 -31.22 16.31 -0.88
C LYS B 91 -31.18 14.86 -0.36
N TYR B 92 -30.60 13.99 -1.16
CA TYR B 92 -30.42 12.58 -0.77
C TYR B 92 -28.92 12.37 -0.58
N HIS B 93 -28.56 11.37 0.22
CA HIS B 93 -27.16 11.25 0.72
C HIS B 93 -26.41 9.98 0.23
N GLY B 94 -25.11 10.00 0.50
CA GLY B 94 -24.12 9.03 -0.03
C GLY B 94 -24.25 7.72 0.71
N TYR B 95 -23.71 6.67 0.09
CA TYR B 95 -23.79 5.30 0.64
C TYR B 95 -23.20 5.23 2.06
N SER B 96 -24.03 4.80 3.00
CA SER B 96 -23.71 4.60 4.45
C SER B 96 -23.91 5.83 5.29
N GLY B 97 -24.23 6.95 4.65
CA GLY B 97 -24.33 8.24 5.36
C GLY B 97 -25.67 8.49 6.03
N ASN B 98 -26.10 9.75 6.09
CA ASN B 98 -27.29 10.09 6.85
C ASN B 98 -27.73 11.52 6.47
N ARG B 99 -28.79 11.96 7.12
CA ARG B 99 -29.31 13.31 6.95
C ARG B 99 -28.34 14.46 7.21
N GLY B 100 -27.19 14.21 7.85
CA GLY B 100 -26.16 15.23 8.10
C GLY B 100 -26.57 16.18 9.25
N TYR B 101 -26.05 17.41 9.22
CA TYR B 101 -26.34 18.43 10.24
C TYR B 101 -27.14 19.55 9.56
N PRO B 102 -27.97 20.28 10.31
CA PRO B 102 -28.80 21.29 9.63
C PRO B 102 -28.02 22.37 8.87
N ASN B 103 -26.87 22.80 9.42
CA ASN B 103 -26.07 23.89 8.80
C ASN B 103 -25.60 23.60 7.34
N GLU B 104 -25.58 22.34 6.92
CA GLU B 104 -25.25 22.01 5.51
C GLU B 104 -26.39 22.33 4.52
N LEU B 105 -27.56 22.71 5.02
CA LEU B 105 -28.65 23.19 4.18
C LEU B 105 -28.72 24.72 4.14
N LEU B 106 -27.77 25.37 4.81
CA LEU B 106 -27.73 26.82 4.91
C LEU B 106 -27.68 27.52 3.59
N GLN B 107 -26.79 27.07 2.70
CA GLN B 107 -26.66 27.65 1.35
C GLN B 107 -27.99 27.76 0.58
N TRP B 108 -28.80 26.72 0.67
CA TRP B 108 -30.08 26.70 -0.02
C TRP B 108 -31.05 27.64 0.67
N ALA B 109 -31.07 27.67 2.01
CA ALA B 109 -32.02 28.54 2.66
C ALA B 109 -31.69 30.02 2.43
N SER B 110 -30.40 30.36 2.31
CA SER B 110 -30.03 31.77 2.16
C SER B 110 -30.27 32.30 0.72
N MET B 111 -30.34 31.40 -0.27
CA MET B 111 -30.98 31.69 -1.57
C MET B 111 -32.53 31.91 -1.59
N GLY B 112 -33.24 31.83 -0.46
CA GLY B 112 -34.69 31.90 -0.42
C GLY B 112 -35.44 30.59 -0.65
N MET B 113 -34.85 29.43 -0.35
CA MET B 113 -35.45 28.17 -0.73
C MET B 113 -35.70 27.41 0.50
N ALA B 114 -36.73 26.59 0.54
CA ALA B 114 -36.77 25.55 1.54
C ALA B 114 -35.86 24.38 1.14
N ALA B 115 -35.48 23.56 2.11
CA ALA B 115 -34.72 22.36 1.82
C ALA B 115 -34.92 21.23 2.81
N LEU B 116 -34.88 20.00 2.29
CA LEU B 116 -35.06 18.77 3.04
C LEU B 116 -33.93 17.79 2.80
N ALA B 117 -33.35 17.25 3.88
CA ALA B 117 -32.38 16.19 3.82
C ALA B 117 -32.92 15.05 4.62
N ILE B 118 -33.02 13.88 4.00
CA ILE B 118 -33.53 12.68 4.67
C ILE B 118 -32.47 11.58 4.83
N ASP B 119 -32.70 10.71 5.81
CA ASP B 119 -31.95 9.44 5.98
C ASP B 119 -32.41 8.39 4.96
N VAL B 120 -31.49 7.54 4.52
CA VAL B 120 -31.81 6.40 3.69
C VAL B 120 -31.92 5.24 4.71
N ARG B 121 -33.05 4.55 4.73
CA ARG B 121 -33.31 3.48 5.68
C ARG B 121 -32.15 2.46 5.98
N GLY B 122 -31.88 2.28 7.27
CA GLY B 122 -30.88 1.30 7.69
C GLY B 122 -29.46 1.79 7.64
N GLN B 123 -29.20 2.99 7.09
CA GLN B 123 -27.84 3.46 6.91
C GLN B 123 -27.37 4.12 8.17
N GLY B 124 -26.37 4.99 8.12
CA GLY B 124 -25.68 5.37 9.36
C GLY B 124 -26.37 6.50 10.09
N GLY B 125 -27.69 6.38 10.23
CA GLY B 125 -28.48 7.35 10.99
C GLY B 125 -29.42 6.68 11.95
N VAL B 126 -30.42 7.45 12.35
CA VAL B 126 -31.39 7.00 13.33
C VAL B 126 -32.60 6.28 12.67
N THR B 127 -32.64 6.22 11.35
CA THR B 127 -33.71 5.58 10.60
C THR B 127 -33.41 4.09 10.36
N PRO B 128 -34.23 3.18 10.94
CA PRO B 128 -34.01 1.74 10.74
C PRO B 128 -34.55 1.22 9.40
N ASP B 129 -34.44 -0.08 9.16
CA ASP B 129 -34.92 -0.74 7.93
C ASP B 129 -35.86 -1.85 8.36
N ARG B 130 -37.16 -1.67 8.15
CA ARG B 130 -38.14 -2.70 8.53
C ARG B 130 -38.51 -3.76 7.53
N ALA B 131 -38.04 -3.63 6.28
CA ALA B 131 -38.30 -4.62 5.25
C ALA B 131 -37.62 -5.92 5.63
N GLU B 132 -38.24 -7.02 5.22
CA GLU B 132 -37.72 -8.37 5.48
C GLU B 132 -37.22 -8.90 4.14
N TYR B 133 -36.13 -9.65 4.18
CA TYR B 133 -35.47 -10.14 3.02
C TYR B 133 -35.44 -11.69 3.13
N PRO B 134 -35.46 -12.43 2.00
CA PRO B 134 -35.52 -13.92 2.07
C PRO B 134 -34.25 -14.65 2.54
N GLN B 135 -33.11 -14.03 2.35
CA GLN B 135 -31.83 -14.63 2.67
C GLN B 135 -30.96 -13.57 3.33
N GLY B 136 -29.71 -13.93 3.59
CA GLY B 136 -28.75 -12.99 4.17
C GLY B 136 -28.12 -12.15 3.09
N GLY B 137 -26.94 -11.59 3.38
CA GLY B 137 -26.18 -10.95 2.33
C GLY B 137 -24.77 -10.58 2.75
N ILE B 138 -24.19 -9.80 1.86
CA ILE B 138 -22.88 -9.19 2.00
C ILE B 138 -22.97 -7.98 2.92
N PRO B 139 -21.91 -7.69 3.74
CA PRO B 139 -22.06 -6.48 4.58
C PRO B 139 -22.42 -5.26 3.75
N GLY B 140 -23.35 -4.46 4.23
CA GLY B 140 -23.94 -3.40 3.41
C GLY B 140 -25.42 -3.67 3.00
N TRP B 141 -25.86 -3.04 1.96
CA TRP B 141 -27.32 -3.06 1.59
C TRP B 141 -27.59 -3.46 0.15
N MET B 142 -26.60 -3.34 -0.71
CA MET B 142 -26.80 -3.60 -2.17
C MET B 142 -27.30 -4.99 -2.55
N THR B 143 -27.01 -5.98 -1.71
CA THR B 143 -27.33 -7.38 -2.01
C THR B 143 -28.58 -7.90 -1.29
N LEU B 144 -29.22 -7.06 -0.48
CA LEU B 144 -30.41 -7.48 0.25
C LEU B 144 -31.62 -7.64 -0.71
N GLY B 145 -32.12 -8.88 -0.79
CA GLY B 145 -33.25 -9.24 -1.66
C GLY B 145 -32.91 -9.14 -3.13
N ILE B 146 -31.66 -9.34 -3.49
CA ILE B 146 -31.17 -9.17 -4.85
C ILE B 146 -31.76 -10.17 -5.88
N LEU B 147 -32.23 -11.35 -5.41
CA LEU B 147 -32.85 -12.32 -6.28
C LEU B 147 -34.29 -12.04 -6.76
N ASP B 148 -34.97 -11.07 -6.15
CA ASP B 148 -36.33 -10.73 -6.56
C ASP B 148 -36.58 -9.18 -6.52
N PRO B 149 -36.97 -8.55 -7.66
CA PRO B 149 -37.08 -7.11 -7.50
C PRO B 149 -38.15 -6.64 -6.50
N ALA B 150 -39.21 -7.43 -6.23
CA ALA B 150 -40.25 -7.03 -5.28
C ALA B 150 -39.73 -6.92 -3.89
N SER B 151 -38.64 -7.63 -3.58
CA SER B 151 -38.07 -7.60 -2.23
C SER B 151 -36.73 -6.85 -2.18
N TYR B 152 -36.26 -6.29 -3.31
CA TYR B 152 -34.88 -5.72 -3.32
C TYR B 152 -34.77 -4.48 -2.46
N TYR B 153 -33.66 -4.35 -1.70
CA TYR B 153 -33.48 -3.19 -0.79
C TYR B 153 -33.87 -1.81 -1.35
N TYR B 154 -33.57 -1.55 -2.61
CA TYR B 154 -33.81 -0.21 -3.12
C TYR B 154 -35.24 0.05 -3.54
N LYS B 155 -36.13 -0.94 -3.44
CA LYS B 155 -37.54 -0.68 -3.75
C LYS B 155 -38.16 0.23 -2.72
N GLN B 156 -38.11 -0.16 -1.46
CA GLN B 156 -38.62 0.72 -0.43
C GLN B 156 -37.78 2.04 -0.32
N VAL B 157 -36.49 1.99 -0.65
CA VAL B 157 -35.69 3.20 -0.62
C VAL B 157 -36.25 4.16 -1.64
N TYR B 158 -36.49 3.71 -2.87
CA TYR B 158 -37.03 4.61 -3.92
C TYR B 158 -38.38 5.24 -3.55
N LEU B 159 -39.25 4.39 -3.01
CA LEU B 159 -40.53 4.83 -2.44
C LEU B 159 -40.32 5.81 -1.28
N ASP B 160 -39.38 5.57 -0.35
CA ASP B 160 -39.09 6.58 0.71
C ASP B 160 -38.72 7.95 0.02
N CYS B 161 -37.96 7.89 -1.08
CA CYS B 161 -37.51 9.12 -1.76
C CYS B 161 -38.61 9.88 -2.45
N ILE B 162 -39.58 9.15 -2.99
CA ILE B 162 -40.78 9.80 -3.56
C ILE B 162 -41.68 10.38 -2.43
N ARG B 163 -41.84 9.64 -1.37
CA ARG B 163 -42.64 10.19 -0.25
C ARG B 163 -41.98 11.42 0.36
N ALA B 164 -40.67 11.64 0.15
CA ALA B 164 -40.06 12.92 0.59
C ALA B 164 -40.67 14.10 -0.19
N LEU B 165 -41.02 13.88 -1.44
CA LEU B 165 -41.63 14.92 -2.33
C LEU B 165 -43.04 15.20 -1.88
N ASP B 166 -43.70 14.14 -1.40
CA ASP B 166 -44.99 14.26 -0.75
C ASP B 166 -44.88 15.07 0.50
N PHE B 167 -43.89 14.79 1.34
CA PHE B 167 -43.74 15.60 2.53
C PHE B 167 -43.54 17.07 2.14
N VAL B 168 -42.64 17.40 1.21
CA VAL B 168 -42.45 18.82 0.90
C VAL B 168 -43.71 19.47 0.41
N CYS B 169 -44.47 18.79 -0.46
CA CYS B 169 -45.76 19.31 -0.95
C CYS B 169 -46.91 19.29 0.07
N SER B 170 -46.76 18.57 1.18
CA SER B 170 -47.68 18.72 2.34
C SER B 170 -47.54 20.08 3.06
N ARG B 171 -46.44 20.80 2.84
CA ARG B 171 -46.19 22.09 3.48
C ARG B 171 -46.70 23.20 2.58
N GLU B 172 -47.61 23.99 3.11
CA GLU B 172 -48.26 24.98 2.25
C GLU B 172 -47.33 26.09 1.77
N GLU B 173 -46.33 26.47 2.55
CA GLU B 173 -45.38 27.49 2.11
C GLU B 173 -44.58 27.08 0.85
N VAL B 174 -44.46 25.77 0.60
CA VAL B 174 -43.65 25.24 -0.53
C VAL B 174 -44.40 25.42 -1.84
N ASP B 175 -43.67 25.87 -2.84
CA ASP B 175 -44.19 25.91 -4.19
C ASP B 175 -43.93 24.58 -4.89
N ALA B 176 -45.00 23.81 -5.09
CA ALA B 176 -44.88 22.46 -5.61
C ALA B 176 -44.42 22.50 -7.07
N SER B 177 -44.58 23.63 -7.76
CA SER B 177 -44.05 23.74 -9.11
C SER B 177 -42.54 24.04 -9.20
N ARG B 178 -41.87 24.24 -8.08
CA ARG B 178 -40.42 24.55 -8.05
C ARG B 178 -39.61 23.66 -7.09
N ILE B 179 -39.60 22.35 -7.40
CA ILE B 179 -38.83 21.33 -6.69
C ILE B 179 -37.54 20.89 -7.46
N ALA B 180 -36.41 20.89 -6.74
CA ALA B 180 -35.15 20.33 -7.27
C ALA B 180 -34.80 19.13 -6.44
N VAL B 181 -34.35 18.06 -7.06
CA VAL B 181 -33.76 16.91 -6.37
C VAL B 181 -32.22 16.92 -6.58
N TYR B 182 -31.50 16.67 -5.49
CA TYR B 182 -30.02 16.75 -5.47
C TYR B 182 -29.36 15.61 -4.72
N GLY B 183 -28.18 15.24 -5.15
CA GLY B 183 -27.37 14.34 -4.34
C GLY B 183 -26.11 13.90 -5.03
N GLY B 184 -25.12 13.54 -4.18
CA GLY B 184 -23.84 13.00 -4.60
C GLY B 184 -23.87 11.51 -4.47
N SER B 185 -23.40 10.82 -5.49
CA SER B 185 -23.15 9.38 -5.48
C SER B 185 -24.45 8.52 -5.33
N GLN B 186 -24.60 7.74 -4.26
CA GLN B 186 -25.95 7.11 -4.01
C GLN B 186 -27.00 8.23 -4.10
N GLY B 187 -26.66 9.39 -3.54
CA GLY B 187 -27.56 10.53 -3.51
C GLY B 187 -28.01 10.90 -4.93
N GLY B 188 -27.10 10.75 -5.87
CA GLY B 188 -27.26 11.16 -7.28
C GLY B 188 -28.07 10.13 -8.00
N GLY B 189 -27.83 8.86 -7.67
CA GLY B 189 -28.70 7.79 -8.10
C GLY B 189 -30.12 7.97 -7.67
N LEU B 190 -30.31 8.23 -6.40
CA LEU B 190 -31.64 8.45 -5.88
C LEU B 190 -32.33 9.71 -6.47
N ALA B 191 -31.59 10.77 -6.80
CA ALA B 191 -32.25 11.94 -7.45
C ALA B 191 -32.74 11.59 -8.89
N LEU B 192 -31.95 10.79 -9.62
CA LEU B 192 -32.37 10.28 -10.93
C LEU B 192 -33.63 9.45 -10.80
N ALA B 193 -33.74 8.65 -9.74
CA ALA B 193 -34.91 7.81 -9.56
C ALA B 193 -36.16 8.61 -9.14
N ALA B 194 -35.96 9.65 -8.34
CA ALA B 194 -37.09 10.42 -7.89
C ALA B 194 -37.60 11.25 -9.06
N ALA B 195 -36.72 11.69 -9.94
CA ALA B 195 -37.15 12.47 -11.11
C ALA B 195 -37.64 11.56 -12.24
N GLY B 196 -37.11 10.33 -12.30
CA GLY B 196 -37.61 9.30 -13.19
C GLY B 196 -38.92 8.64 -12.85
N LEU B 197 -39.24 8.53 -11.57
CA LEU B 197 -40.49 7.89 -11.11
C LEU B 197 -41.65 8.85 -10.79
N ASP B 198 -41.35 10.12 -10.68
CA ASP B 198 -42.32 11.09 -10.30
C ASP B 198 -42.25 12.32 -11.20
N SER B 199 -43.41 12.90 -11.46
CA SER B 199 -43.53 14.00 -12.41
C SER B 199 -43.22 15.38 -11.81
N ARG B 200 -43.26 15.46 -10.49
CA ARG B 200 -43.24 16.77 -9.85
C ARG B 200 -41.89 17.51 -9.95
N PRO B 201 -40.74 16.82 -9.92
CA PRO B 201 -39.50 17.60 -9.89
C PRO B 201 -39.26 18.39 -11.15
N LYS B 202 -38.89 19.67 -10.98
CA LYS B 202 -38.65 20.54 -12.13
C LYS B 202 -37.19 20.44 -12.54
N LEU B 203 -36.26 20.39 -11.56
CA LEU B 203 -34.82 20.19 -11.80
C LEU B 203 -34.27 18.95 -11.11
N ALA B 204 -33.27 18.33 -11.74
CA ALA B 204 -32.46 17.29 -11.12
C ALA B 204 -31.00 17.70 -11.17
N LEU B 205 -30.30 17.54 -10.07
CA LEU B 205 -28.88 17.82 -10.04
C LEU B 205 -28.04 16.64 -9.51
N PRO B 206 -27.91 15.57 -10.27
CA PRO B 206 -27.06 14.43 -9.80
C PRO B 206 -25.53 14.74 -9.86
N VAL B 207 -24.78 14.39 -8.83
CA VAL B 207 -23.30 14.53 -8.85
C VAL B 207 -22.77 13.10 -8.89
N PHE B 208 -21.87 12.80 -9.83
CA PHE B 208 -21.29 11.41 -10.00
C PHE B 208 -22.19 10.24 -9.52
N PRO B 209 -23.36 10.08 -10.19
CA PRO B 209 -24.38 9.17 -9.69
C PRO B 209 -23.92 7.69 -9.67
N PHE B 210 -24.18 7.04 -8.54
CA PHE B 210 -24.07 5.61 -8.30
C PHE B 210 -25.43 5.04 -8.80
N LEU B 211 -25.54 3.71 -8.83
CA LEU B 211 -26.74 2.97 -9.21
C LEU B 211 -27.06 3.09 -10.70
N CYS B 212 -26.03 3.18 -11.55
CA CYS B 212 -26.16 3.37 -13.00
C CYS B 212 -25.38 2.25 -13.72
N HIS B 213 -25.99 1.67 -14.75
CA HIS B 213 -25.38 0.65 -15.61
C HIS B 213 -24.67 -0.50 -14.84
N PHE B 214 -25.42 -1.16 -13.97
CA PHE B 214 -24.87 -2.10 -13.01
C PHE B 214 -23.97 -3.15 -13.60
N ARG B 215 -24.31 -3.65 -14.77
CA ARG B 215 -23.53 -4.75 -15.34
C ARG B 215 -22.15 -4.29 -15.69
N ARG B 216 -22.07 -3.12 -16.32
CA ARG B 216 -20.82 -2.54 -16.67
C ARG B 216 -20.02 -2.15 -15.40
N SER B 217 -20.70 -1.57 -14.39
CA SER B 217 -20.00 -1.12 -13.19
C SER B 217 -19.26 -2.31 -12.56
N VAL B 218 -19.96 -3.42 -12.46
CA VAL B 218 -19.41 -4.63 -11.84
C VAL B 218 -18.30 -5.24 -12.68
N GLU B 219 -18.47 -5.20 -14.02
CA GLU B 219 -17.61 -5.84 -15.02
C GLU B 219 -16.27 -5.19 -15.01
N ILE B 220 -16.25 -3.85 -15.04
CA ILE B 220 -14.99 -3.12 -15.01
C ILE B 220 -14.42 -2.92 -13.57
N HIS B 221 -14.93 -3.62 -12.56
CA HIS B 221 -14.33 -3.62 -11.18
C HIS B 221 -14.27 -2.22 -10.58
N ALA B 222 -15.36 -1.45 -10.78
CA ALA B 222 -15.61 -0.25 -9.99
C ALA B 222 -15.38 -0.56 -8.50
N SER B 223 -14.71 0.34 -7.80
CA SER B 223 -14.52 0.25 -6.31
C SER B 223 -15.75 0.75 -5.61
N GLY B 224 -15.74 0.59 -4.28
CA GLY B 224 -16.79 1.05 -3.43
C GLY B 224 -17.88 0.00 -3.33
N PRO B 225 -19.12 0.45 -3.14
CA PRO B 225 -20.25 -0.48 -2.94
C PRO B 225 -20.60 -1.42 -4.13
N TYR B 226 -20.30 -1.05 -5.39
CA TYR B 226 -20.38 -2.04 -6.49
C TYR B 226 -19.58 -3.36 -6.17
N VAL B 227 -18.53 -3.32 -5.35
CA VAL B 227 -17.85 -4.60 -5.08
C VAL B 227 -18.71 -5.60 -4.27
N GLU B 228 -19.75 -5.10 -3.58
CA GLU B 228 -20.70 -5.99 -2.94
C GLU B 228 -21.37 -6.99 -3.88
N ILE B 229 -21.65 -6.56 -5.08
CA ILE B 229 -22.26 -7.45 -6.10
C ILE B 229 -21.30 -8.54 -6.57
N LYS B 230 -20.06 -8.17 -6.79
CA LYS B 230 -18.99 -9.14 -6.94
C LYS B 230 -18.87 -10.12 -5.78
N ASN B 231 -18.91 -9.61 -4.53
CA ASN B 231 -18.79 -10.49 -3.36
C ASN B 231 -20.01 -11.38 -3.25
N TRP B 232 -21.19 -10.88 -3.59
CA TRP B 232 -22.36 -11.77 -3.76
C TRP B 232 -22.06 -13.02 -4.58
N PHE B 233 -21.58 -12.86 -5.80
CA PHE B 233 -21.22 -14.03 -6.62
C PHE B 233 -20.16 -14.90 -5.97
N ARG B 234 -19.17 -14.30 -5.30
CA ARG B 234 -18.17 -15.07 -4.58
C ARG B 234 -18.79 -16.00 -3.58
N ARG B 235 -19.78 -15.52 -2.83
CA ARG B 235 -20.32 -16.37 -1.80
C ARG B 235 -21.51 -17.21 -2.26
N TYR B 236 -22.29 -16.72 -3.20
CA TYR B 236 -23.52 -17.42 -3.47
C TYR B 236 -23.49 -18.22 -4.77
N ASP B 237 -22.62 -17.85 -5.71
CA ASP B 237 -22.76 -18.26 -7.12
C ASP B 237 -21.44 -18.03 -7.91
N PRO B 238 -20.38 -18.78 -7.56
CA PRO B 238 -19.09 -18.50 -8.17
C PRO B 238 -19.01 -18.79 -9.68
N GLU B 239 -19.90 -19.61 -10.20
CA GLU B 239 -19.93 -19.89 -11.65
C GLU B 239 -20.89 -18.98 -12.42
N HIS B 240 -21.58 -18.06 -11.73
CA HIS B 240 -22.44 -17.09 -12.36
C HIS B 240 -23.65 -17.66 -13.06
N ARG B 241 -24.22 -18.71 -12.49
CA ARG B 241 -25.46 -19.29 -12.97
C ARG B 241 -26.70 -18.46 -12.72
N GLN B 242 -26.72 -17.60 -11.70
CA GLN B 242 -27.87 -16.75 -11.41
C GLN B 242 -27.62 -15.35 -11.90
N GLU B 243 -26.57 -15.15 -12.65
CA GLU B 243 -26.17 -13.84 -13.18
C GLU B 243 -27.31 -13.05 -13.77
N GLU B 244 -28.18 -13.78 -14.50
CA GLU B 244 -29.28 -13.21 -15.26
C GLU B 244 -30.37 -12.71 -14.32
N GLN B 245 -30.73 -13.51 -13.33
CA GLN B 245 -31.65 -13.03 -12.32
C GLN B 245 -31.11 -11.79 -11.60
N VAL B 246 -29.84 -11.79 -11.23
CA VAL B 246 -29.22 -10.67 -10.51
C VAL B 246 -29.32 -9.36 -11.31
N TYR B 247 -28.86 -9.35 -12.57
CA TYR B 247 -28.93 -8.12 -13.41
C TYR B 247 -30.32 -7.73 -13.86
N ARG B 248 -31.21 -8.72 -13.96
CA ARG B 248 -32.61 -8.44 -14.19
C ARG B 248 -33.20 -7.66 -12.99
N THR B 249 -33.01 -8.18 -11.78
CA THR B 249 -33.46 -7.45 -10.57
C THR B 249 -32.92 -6.05 -10.50
N LEU B 250 -31.63 -5.91 -10.73
CA LEU B 250 -31.01 -4.60 -10.67
C LEU B 250 -31.50 -3.61 -11.80
N SER B 251 -31.99 -4.13 -12.92
CA SER B 251 -32.41 -3.25 -14.04
C SER B 251 -33.59 -2.34 -13.68
N TYR B 252 -34.49 -2.82 -12.86
CA TYR B 252 -35.58 -2.00 -12.38
C TYR B 252 -35.21 -0.77 -11.52
N PHE B 253 -33.98 -0.72 -11.02
CA PHE B 253 -33.51 0.36 -10.18
C PHE B 253 -32.41 1.17 -10.84
N ASP B 254 -32.07 0.80 -12.10
CA ASP B 254 -30.87 1.29 -12.74
C ASP B 254 -31.11 2.74 -13.22
N GLY B 255 -30.22 3.66 -12.84
CA GLY B 255 -30.36 5.08 -13.19
C GLY B 255 -30.45 5.36 -14.68
N MET B 256 -29.80 4.54 -15.49
CA MET B 256 -29.87 4.67 -16.94
C MET B 256 -31.31 4.48 -17.46
N ASN B 257 -32.00 3.43 -16.94
CA ASN B 257 -33.43 3.23 -17.26
C ASN B 257 -34.31 4.38 -16.68
N MET B 258 -33.96 4.87 -15.49
CA MET B 258 -34.66 5.99 -14.92
C MET B 258 -34.49 7.25 -15.73
N ALA B 259 -33.30 7.44 -16.31
CA ALA B 259 -33.01 8.64 -17.07
C ALA B 259 -33.85 8.77 -18.33
N SER B 260 -34.18 7.65 -18.96
CA SER B 260 -35.03 7.68 -20.19
C SER B 260 -36.44 8.21 -19.93
N ARG B 261 -36.85 8.30 -18.66
CA ARG B 261 -38.19 8.76 -18.23
C ARG B 261 -38.21 10.12 -17.49
N ILE B 262 -37.05 10.77 -17.37
CA ILE B 262 -36.86 12.09 -16.77
C ILE B 262 -37.13 13.11 -17.84
N LYS B 263 -38.07 14.01 -17.58
CA LYS B 263 -38.29 15.27 -18.36
C LYS B 263 -37.78 16.53 -17.67
N ALA B 264 -37.57 16.48 -16.35
CA ALA B 264 -36.86 17.56 -15.68
C ALA B 264 -35.53 17.91 -16.38
N ARG B 265 -35.20 19.20 -16.35
CA ARG B 265 -33.90 19.72 -16.77
C ARG B 265 -32.87 19.28 -15.77
N THR B 266 -31.72 18.78 -16.25
CA THR B 266 -30.69 18.19 -15.40
C THR B 266 -29.34 18.88 -15.56
N LEU B 267 -28.66 19.10 -14.44
CA LEU B 267 -27.23 19.43 -14.44
C LEU B 267 -26.51 18.25 -13.84
N MET B 268 -25.70 17.53 -14.61
CA MET B 268 -24.87 16.46 -14.02
C MET B 268 -23.41 16.88 -13.89
N ALA B 269 -22.77 16.48 -12.79
CA ALA B 269 -21.36 16.57 -12.61
C ALA B 269 -20.73 15.20 -12.80
N ILE B 270 -19.72 15.12 -13.67
CA ILE B 270 -19.02 13.88 -13.92
C ILE B 270 -17.51 14.10 -13.64
N THR B 271 -16.91 13.14 -12.97
CA THR B 271 -15.52 13.24 -12.57
C THR B 271 -14.79 12.15 -13.33
N LEU B 272 -13.89 12.56 -14.22
CA LEU B 272 -13.17 11.59 -15.08
C LEU B 272 -12.24 10.58 -14.45
N GLN B 273 -11.68 10.84 -13.26
CA GLN B 273 -10.81 9.86 -12.59
C GLN B 273 -11.58 9.04 -11.57
N ASP B 274 -12.92 9.12 -11.57
CA ASP B 274 -13.75 8.44 -10.57
C ASP B 274 -13.72 6.93 -10.84
N ILE B 275 -13.39 6.17 -9.80
CA ILE B 275 -13.30 4.69 -9.88
C ILE B 275 -14.40 3.99 -9.06
N THR B 276 -15.15 4.75 -8.26
CA THR B 276 -16.36 4.25 -7.57
C THR B 276 -17.66 4.29 -8.43
N CYS B 277 -17.83 5.42 -9.13
CA CYS B 277 -18.88 5.65 -10.15
C CYS B 277 -18.14 6.02 -11.41
N PRO B 278 -17.70 5.02 -12.16
CA PRO B 278 -16.92 5.27 -13.40
C PRO B 278 -17.70 6.19 -14.33
N PRO B 279 -17.04 7.17 -14.97
CA PRO B 279 -17.76 8.09 -15.84
C PRO B 279 -18.52 7.49 -17.02
N SER B 280 -18.14 6.32 -17.51
CA SER B 280 -18.94 5.69 -18.57
C SER B 280 -20.34 5.30 -18.02
N THR B 281 -20.47 5.02 -16.73
CA THR B 281 -21.78 4.71 -16.20
C THR B 281 -22.60 6.02 -16.00
N CYS B 282 -21.91 7.09 -15.61
CA CYS B 282 -22.52 8.40 -15.47
C CYS B 282 -22.94 8.88 -16.86
N PHE B 283 -22.12 8.72 -17.89
CA PHE B 283 -22.48 9.17 -19.27
C PHE B 283 -23.55 8.29 -19.90
N ALA B 284 -23.55 6.99 -19.59
CA ALA B 284 -24.65 6.11 -19.96
C ALA B 284 -26.02 6.69 -19.58
N ALA B 285 -26.20 7.02 -18.30
CA ALA B 285 -27.39 7.73 -17.86
C ALA B 285 -27.62 9.10 -18.50
N TYR B 286 -26.61 9.95 -18.55
CA TYR B 286 -26.77 11.34 -19.00
C TYR B 286 -27.26 11.37 -20.44
N ASN B 287 -26.67 10.54 -21.28
CA ASN B 287 -27.05 10.48 -22.71
C ASN B 287 -28.39 9.78 -22.99
N HIS B 288 -29.05 9.26 -21.96
CA HIS B 288 -30.39 8.71 -22.08
C HIS B 288 -31.42 9.67 -21.47
N LEU B 289 -30.96 10.81 -20.97
CA LEU B 289 -31.84 11.83 -20.39
C LEU B 289 -32.80 12.30 -21.47
N ALA B 290 -34.10 12.33 -21.16
CA ALA B 290 -35.15 12.72 -22.14
C ALA B 290 -35.44 14.25 -22.17
N GLY B 291 -35.09 14.99 -21.11
CA GLY B 291 -35.28 16.45 -21.09
C GLY B 291 -33.99 17.20 -21.40
N PRO B 292 -34.05 18.54 -21.42
CA PRO B 292 -32.82 19.31 -21.57
C PRO B 292 -31.84 19.09 -20.37
N LYS B 293 -30.53 19.25 -20.66
CA LYS B 293 -29.45 18.80 -19.78
C LYS B 293 -28.16 19.59 -20.00
N GLU B 294 -27.36 19.69 -18.96
CA GLU B 294 -26.02 20.30 -19.01
C GLU B 294 -25.08 19.39 -18.26
N VAL B 295 -23.82 19.43 -18.57
CA VAL B 295 -22.87 18.61 -17.81
C VAL B 295 -21.66 19.46 -17.45
N ARG B 296 -21.09 19.16 -16.29
CA ARG B 296 -19.83 19.73 -15.88
C ARG B 296 -18.85 18.59 -15.78
N LEU B 297 -17.80 18.67 -16.60
CA LEU B 297 -16.73 17.69 -16.62
C LEU B 297 -15.50 18.13 -15.84
N TYR B 298 -15.18 17.41 -14.78
CA TYR B 298 -14.06 17.74 -13.91
C TYR B 298 -12.99 16.69 -14.20
N HIS B 299 -12.01 17.03 -15.06
CA HIS B 299 -11.06 16.07 -15.63
C HIS B 299 -10.16 15.34 -14.62
N ASP B 300 -9.63 16.07 -13.64
CA ASP B 300 -8.67 15.54 -12.64
C ASP B 300 -9.23 15.28 -11.22
N TYR B 301 -10.54 15.04 -11.15
CA TYR B 301 -11.17 14.71 -9.88
C TYR B 301 -11.73 13.32 -9.98
N GLY B 302 -11.77 12.67 -8.83
CA GLY B 302 -12.37 11.35 -8.67
C GLY B 302 -13.56 11.45 -7.73
N HIS B 303 -13.73 10.42 -6.92
CA HIS B 303 -14.88 10.37 -6.02
C HIS B 303 -14.55 11.15 -4.76
N GLU B 304 -14.93 12.42 -4.69
CA GLU B 304 -14.48 13.29 -3.61
C GLU B 304 -15.25 14.60 -3.71
N GLY B 305 -14.99 15.49 -2.76
CA GLY B 305 -15.65 16.80 -2.68
C GLY B 305 -15.33 17.67 -3.88
N LEU B 306 -16.32 18.44 -4.33
CA LEU B 306 -16.20 19.36 -5.44
C LEU B 306 -16.66 20.69 -4.94
N PRO B 307 -15.78 21.46 -4.26
CA PRO B 307 -16.23 22.79 -3.72
C PRO B 307 -16.63 23.87 -4.78
N PHE B 308 -16.01 23.80 -5.97
CA PHE B 308 -16.34 24.63 -7.13
C PHE B 308 -17.69 24.28 -7.76
N HIS B 309 -18.18 23.05 -7.57
CA HIS B 309 -19.47 22.68 -8.15
C HIS B 309 -20.68 23.40 -7.47
N GLU B 310 -20.62 23.63 -6.15
CA GLU B 310 -21.57 24.49 -5.41
C GLU B 310 -22.03 25.75 -6.20
N GLU B 311 -21.11 26.56 -6.66
CA GLU B 311 -21.43 27.78 -7.45
C GLU B 311 -22.11 27.45 -8.78
N ALA B 312 -21.73 26.36 -9.42
CA ALA B 312 -22.38 25.96 -10.70
C ALA B 312 -23.83 25.55 -10.45
N MET B 313 -24.04 24.80 -9.37
CA MET B 313 -25.41 24.42 -8.96
C MET B 313 -26.25 25.64 -8.64
N MET B 314 -25.65 26.62 -8.00
CA MET B 314 -26.38 27.86 -7.65
C MET B 314 -26.82 28.62 -8.90
N ARG B 315 -25.92 28.81 -9.83
CA ARG B 315 -26.26 29.47 -11.10
C ARG B 315 -27.40 28.79 -11.85
N PHE B 316 -27.31 27.48 -11.92
CA PHE B 316 -28.32 26.66 -12.55
C PHE B 316 -29.71 26.81 -11.94
N ILE B 317 -29.76 26.67 -10.62
CA ILE B 317 -31.00 26.88 -9.85
C ILE B 317 -31.58 28.29 -10.03
N GLU B 318 -30.77 29.33 -9.93
CA GLU B 318 -31.23 30.72 -10.13
C GLU B 318 -31.77 30.97 -11.55
N ALA B 319 -31.16 30.31 -12.54
CA ALA B 319 -31.53 30.48 -13.90
C ALA B 319 -32.82 29.75 -14.21
N TYR B 320 -33.08 28.60 -13.59
CA TYR B 320 -34.16 27.73 -14.05
C TYR B 320 -35.13 27.28 -12.98
N LEU B 321 -34.85 27.42 -11.70
CA LEU B 321 -35.80 26.85 -10.73
C LEU B 321 -37.03 27.72 -10.54
N MET C 6 1.15 8.59 23.23
CA MET C 6 1.10 8.95 24.68
C MET C 6 -0.34 8.64 25.18
N PRO C 7 -0.49 8.01 26.39
CA PRO C 7 -1.85 7.66 26.89
C PRO C 7 -2.64 8.88 27.37
N LEU C 8 -3.96 8.80 27.31
CA LEU C 8 -4.84 9.98 27.31
C LEU C 8 -4.68 10.96 28.49
N SER C 9 -4.71 10.47 29.74
CA SER C 9 -4.55 11.35 30.94
C SER C 9 -3.19 12.10 31.01
N GLN C 10 -2.12 11.43 30.60
CA GLN C 10 -0.79 12.08 30.48
C GLN C 10 -0.80 13.11 29.38
N LEU C 11 -1.37 12.73 28.24
CA LEU C 11 -1.48 13.59 27.08
C LEU C 11 -2.22 14.87 27.39
N GLN C 12 -3.33 14.75 28.12
CA GLN C 12 -4.08 15.94 28.56
C GLN C 12 -3.31 16.89 29.46
N ASP C 13 -2.36 16.38 30.27
CA ASP C 13 -1.43 17.19 31.10
C ASP C 13 0.00 17.44 30.53
N TYR C 14 0.20 17.24 29.22
CA TYR C 14 1.53 17.32 28.65
C TYR C 14 1.80 18.78 28.46
N LYS C 15 2.78 19.30 29.18
CA LYS C 15 3.18 20.69 29.15
C LYS C 15 4.70 20.76 29.08
N PRO C 16 5.28 20.54 27.92
CA PRO C 16 6.76 20.53 27.87
C PRO C 16 7.34 21.95 27.99
N GLU C 17 8.65 22.08 28.16
CA GLU C 17 9.25 23.41 28.39
C GLU C 17 9.27 24.28 27.13
N LEU C 18 8.99 25.57 27.33
CA LEU C 18 9.04 26.53 26.25
C LEU C 18 10.45 26.51 25.64
N THR C 19 10.53 26.47 24.32
CA THR C 19 11.78 26.58 23.59
C THR C 19 12.12 28.03 23.14
N ASN C 20 11.28 29.00 23.42
CA ASN C 20 11.51 30.37 22.92
C ASN C 20 12.88 30.83 23.40
N GLU C 21 13.66 31.44 22.51
CA GLU C 21 14.92 32.08 22.92
C GLU C 21 14.62 33.32 23.74
N THR C 22 15.57 33.76 24.55
CA THR C 22 15.52 35.05 25.30
C THR C 22 15.06 36.20 24.42
N ASP C 23 15.62 36.20 23.23
CA ASP C 23 15.28 37.02 22.09
C ASP C 23 13.84 37.17 21.58
N PHE C 24 12.94 36.25 21.93
CA PHE C 24 11.74 36.00 21.11
C PHE C 24 10.92 37.28 20.84
N ASP C 25 10.57 38.01 21.85
CA ASP C 25 9.74 39.23 21.71
C ASP C 25 10.50 40.35 21.01
N LEU C 26 11.80 40.43 21.26
CA LEU C 26 12.63 41.38 20.50
C LEU C 26 12.68 41.14 18.98
N PHE C 27 12.83 39.89 18.58
CA PHE C 27 12.78 39.49 17.17
C PHE C 27 11.47 39.93 16.50
N TRP C 28 10.36 39.72 17.19
CA TRP C 28 9.04 40.00 16.63
C TRP C 28 8.77 41.52 16.70
N ASP C 29 9.24 42.15 17.74
CA ASP C 29 9.20 43.66 17.81
C ASP C 29 9.88 44.31 16.64
N ASN C 30 11.01 43.76 16.22
CA ASN C 30 11.79 44.29 15.06
C ASN C 30 11.11 43.98 13.74
N ALA C 31 10.53 42.78 13.63
CA ALA C 31 9.80 42.38 12.41
C ALA C 31 8.50 43.17 12.23
N LYS C 32 7.73 43.35 13.28
CA LYS C 32 6.54 44.19 13.25
C LYS C 32 6.78 45.66 13.00
N ALA C 33 7.79 46.28 13.64
CA ALA C 33 8.15 47.67 13.31
C ALA C 33 8.46 47.83 11.83
N LEU C 34 9.13 46.87 11.23
CA LEU C 34 9.48 46.95 9.84
C LEU C 34 8.20 46.87 8.96
N SER C 35 7.28 45.94 9.29
CA SER C 35 5.97 45.89 8.66
C SER C 35 5.15 47.20 8.73
N ASN C 36 5.15 47.88 9.88
CA ASN C 36 4.44 49.17 10.08
C ASN C 36 4.99 50.32 9.19
N GLN C 37 6.17 50.17 8.59
CA GLN C 37 6.71 51.15 7.59
C GLN C 37 6.13 50.97 6.17
N LYS C 38 5.38 49.88 5.98
CA LYS C 38 4.81 49.53 4.68
C LYS C 38 3.27 49.69 4.67
N PRO C 39 2.75 50.77 4.03
CA PRO C 39 1.27 50.93 3.93
C PRO C 39 0.58 49.66 3.41
N LEU C 40 -0.69 49.49 3.77
CA LEU C 40 -1.53 48.38 3.25
C LEU C 40 -1.80 48.42 1.74
N HIS C 41 -2.18 49.57 1.24
CA HIS C 41 -2.64 49.70 -0.12
C HIS C 41 -3.74 48.72 -0.45
N ALA C 42 -4.77 48.69 0.40
CA ALA C 42 -5.90 47.79 0.20
C ALA C 42 -6.71 48.18 -1.06
N GLN C 43 -6.97 47.23 -1.94
CA GLN C 43 -7.94 47.41 -3.04
C GLN C 43 -9.07 46.36 -2.87
N VAL C 44 -10.30 46.85 -3.04
CA VAL C 44 -11.49 46.09 -2.84
C VAL C 44 -12.35 46.27 -4.11
N ASN C 45 -12.89 45.17 -4.64
CA ASN C 45 -13.80 45.19 -5.83
C ASN C 45 -15.01 44.33 -5.52
N LEU C 46 -16.19 44.94 -5.50
CA LEU C 46 -17.45 44.18 -5.38
C LEU C 46 -17.62 43.15 -6.51
N VAL C 47 -17.89 41.90 -6.16
CA VAL C 47 -18.20 40.89 -7.12
C VAL C 47 -19.69 41.03 -7.45
N GLN C 48 -19.93 41.16 -8.75
CA GLN C 48 -21.27 41.16 -9.24
C GLN C 48 -21.58 39.84 -9.91
N ASP C 49 -22.84 39.52 -9.96
CA ASP C 49 -23.27 38.34 -10.69
C ASP C 49 -22.85 37.08 -9.94
N TYR C 50 -22.87 37.14 -8.62
CA TYR C 50 -22.73 35.94 -7.82
C TYR C 50 -24.14 35.49 -7.54
N PRO C 51 -24.40 34.19 -7.53
CA PRO C 51 -25.78 33.76 -7.40
C PRO C 51 -26.44 33.90 -6.00
N LEU C 52 -25.67 33.95 -4.92
CA LEU C 52 -26.24 34.02 -3.56
C LEU C 52 -27.14 35.24 -3.29
N LYS C 53 -26.56 36.44 -3.30
CA LYS C 53 -27.33 37.73 -3.12
C LYS C 53 -27.67 38.15 -1.69
N SER C 54 -27.77 37.23 -0.73
CA SER C 54 -27.90 37.63 0.68
C SER C 54 -26.58 38.14 1.37
N ILE C 55 -25.44 38.04 0.66
CA ILE C 55 -24.11 38.48 1.13
C ILE C 55 -23.52 39.41 0.10
N SER C 56 -22.66 40.30 0.55
CA SER C 56 -21.81 41.07 -0.35
C SER C 56 -20.46 40.45 -0.33
N ILE C 57 -19.88 40.29 -1.50
CA ILE C 57 -18.63 39.60 -1.73
C ILE C 57 -17.65 40.55 -2.39
N TYR C 58 -16.50 40.74 -1.74
CA TYR C 58 -15.43 41.54 -2.30
C TYR C 58 -14.17 40.74 -2.55
N ASP C 59 -13.64 40.95 -3.74
CA ASP C 59 -12.32 40.54 -4.14
C ASP C 59 -11.32 41.56 -3.58
N VAL C 60 -10.34 41.09 -2.83
CA VAL C 60 -9.48 41.92 -2.00
C VAL C 60 -8.03 41.63 -2.23
N VAL C 61 -7.28 42.72 -2.35
CA VAL C 61 -5.83 42.67 -2.33
C VAL C 61 -5.22 43.69 -1.42
N TYR C 62 -4.22 43.25 -0.62
CA TYR C 62 -3.40 44.16 0.20
C TYR C 62 -1.93 43.78 0.08
N ASP C 63 -1.05 44.73 0.35
CA ASP C 63 0.37 44.46 0.38
C ASP C 63 0.84 43.80 1.65
N GLY C 64 1.71 42.79 1.48
CA GLY C 64 2.45 42.21 2.61
C GLY C 64 3.55 43.21 2.94
N ALA C 65 4.30 42.97 4.02
CA ALA C 65 5.33 43.91 4.49
C ALA C 65 6.50 44.12 3.54
N ASP C 66 6.79 43.11 2.71
CA ASP C 66 7.77 43.23 1.57
C ASP C 66 7.15 43.55 0.19
N GLY C 67 5.88 43.91 0.11
CA GLY C 67 5.26 44.30 -1.18
C GLY C 67 4.48 43.24 -1.94
N THR C 68 4.60 41.98 -1.51
CA THR C 68 3.79 40.88 -2.07
C THR C 68 2.26 41.18 -2.09
N PRO C 69 1.61 41.06 -3.25
CA PRO C 69 0.15 41.34 -3.21
C PRO C 69 -0.62 40.10 -2.73
N ILE C 70 -1.19 40.19 -1.53
CA ILE C 70 -1.93 39.13 -0.90
C ILE C 70 -3.41 39.24 -1.28
N HIS C 71 -3.97 38.18 -1.80
CA HIS C 71 -5.36 38.15 -2.21
C HIS C 71 -6.26 37.44 -1.20
N GLY C 72 -7.53 37.84 -1.20
CA GLY C 72 -8.55 37.32 -0.30
C GLY C 72 -9.96 37.46 -0.83
N TRP C 73 -10.88 36.84 -0.11
CA TRP C 73 -12.28 37.15 -0.15
C TRP C 73 -12.78 37.76 1.15
N TYR C 74 -13.49 38.88 1.02
CA TYR C 74 -14.13 39.59 2.11
C TYR C 74 -15.65 39.62 1.84
N VAL C 75 -16.41 39.14 2.82
CA VAL C 75 -17.81 38.81 2.72
C VAL C 75 -18.51 39.42 3.96
N THR C 76 -19.62 40.11 3.69
CA THR C 76 -20.47 40.67 4.72
C THR C 76 -21.90 40.30 4.40
N PRO C 77 -22.77 40.41 5.41
CA PRO C 77 -24.16 40.39 5.09
C PRO C 77 -24.45 41.56 4.15
N LYS C 78 -25.48 41.37 3.33
CA LYS C 78 -25.85 42.39 2.32
C LYS C 78 -26.26 43.70 2.99
N GLY C 79 -26.12 44.80 2.26
CA GLY C 79 -26.61 46.12 2.73
C GLY C 79 -25.54 47.01 3.38
N GLU C 80 -25.95 48.20 3.81
CA GLU C 80 -25.06 49.11 4.50
C GLU C 80 -25.05 48.67 5.97
N HIS C 81 -23.98 48.99 6.67
CA HIS C 81 -23.97 48.73 8.08
C HIS C 81 -23.44 49.95 8.80
N GLN C 82 -23.93 50.10 10.03
CA GLN C 82 -23.39 51.04 11.01
C GLN C 82 -21.88 50.91 11.17
N PRO C 83 -21.18 52.02 11.39
CA PRO C 83 -19.77 51.99 11.77
C PRO C 83 -19.45 51.15 13.00
N GLY C 84 -18.40 50.31 12.89
CA GLY C 84 -17.93 49.52 14.01
C GLY C 84 -18.89 48.48 14.53
N SER C 85 -19.84 48.04 13.72
CA SER C 85 -20.93 47.20 14.24
C SER C 85 -20.73 45.71 14.02
N LEU C 86 -20.07 45.34 12.93
CA LEU C 86 -19.92 43.92 12.55
C LEU C 86 -18.79 43.21 13.26
N PRO C 87 -19.08 42.15 13.99
CA PRO C 87 -17.94 41.22 14.30
C PRO C 87 -17.29 40.61 13.04
N VAL C 88 -16.04 40.16 13.18
CA VAL C 88 -15.32 39.71 11.98
C VAL C 88 -14.57 38.39 12.24
N LEU C 89 -14.59 37.50 11.27
CA LEU C 89 -13.86 36.23 11.38
C LEU C 89 -12.77 36.23 10.30
N VAL C 90 -11.51 36.04 10.71
CA VAL C 90 -10.37 35.83 9.78
C VAL C 90 -9.96 34.36 9.75
N LYS C 91 -9.97 33.78 8.56
CA LYS C 91 -9.76 32.37 8.33
C LYS C 91 -8.48 32.22 7.54
N TYR C 92 -7.61 31.39 8.03
CA TYR C 92 -6.37 31.12 7.37
C TYR C 92 -6.41 29.64 6.92
N HIS C 93 -5.83 29.35 5.75
CA HIS C 93 -5.97 28.04 5.16
C HIS C 93 -4.84 27.02 5.41
N GLY C 94 -5.15 25.77 5.08
CA GLY C 94 -4.24 24.65 5.23
C GLY C 94 -3.06 24.67 4.23
N TYR C 95 -2.08 23.78 4.47
CA TYR C 95 -0.86 23.71 3.71
C TYR C 95 -1.11 23.35 2.22
N SER C 96 -0.74 24.29 1.34
CA SER C 96 -0.79 24.18 -0.12
C SER C 96 -2.08 24.75 -0.71
N GLY C 97 -2.99 25.17 0.17
CA GLY C 97 -4.32 25.62 -0.23
C GLY C 97 -4.39 27.08 -0.57
N ASN C 98 -5.55 27.69 -0.34
CA ASN C 98 -5.79 29.06 -0.80
C ASN C 98 -7.01 29.60 -0.13
N ARG C 99 -7.29 30.85 -0.47
CA ARG C 99 -8.49 31.56 -0.06
C ARG C 99 -9.85 30.85 -0.31
N GLY C 100 -9.88 29.74 -1.04
CA GLY C 100 -11.11 29.02 -1.37
C GLY C 100 -12.12 29.85 -2.14
N TYR C 101 -13.38 29.60 -1.83
CA TYR C 101 -14.53 30.12 -2.53
C TYR C 101 -15.41 30.95 -1.59
N PRO C 102 -15.97 32.03 -2.12
CA PRO C 102 -16.78 32.95 -1.34
C PRO C 102 -17.95 32.30 -0.56
N ASN C 103 -18.67 31.38 -1.20
CA ASN C 103 -19.72 30.62 -0.50
C ASN C 103 -19.29 29.91 0.76
N GLU C 104 -18.00 29.57 0.91
CA GLU C 104 -17.52 28.93 2.13
C GLU C 104 -17.51 29.92 3.31
N LEU C 105 -17.67 31.22 3.08
CA LEU C 105 -17.81 32.16 4.17
C LEU C 105 -19.28 32.49 4.55
N LEU C 106 -20.20 31.82 3.90
CA LEU C 106 -21.60 32.05 4.09
C LEU C 106 -22.09 31.89 5.54
N GLN C 107 -21.68 30.83 6.21
CA GLN C 107 -22.17 30.56 7.53
C GLN C 107 -21.83 31.69 8.50
N TRP C 108 -20.63 32.27 8.40
CA TRP C 108 -20.20 33.38 9.23
C TRP C 108 -21.04 34.61 9.01
N ALA C 109 -21.29 34.93 7.73
CA ALA C 109 -22.11 36.07 7.36
C ALA C 109 -23.56 35.98 7.80
N SER C 110 -24.11 34.76 7.79
CA SER C 110 -25.51 34.57 8.11
C SER C 110 -25.67 34.68 9.64
N MET C 111 -24.59 34.52 10.42
CA MET C 111 -24.59 34.90 11.84
C MET C 111 -24.45 36.41 12.11
N GLY C 112 -24.44 37.26 11.09
CA GLY C 112 -24.21 38.72 11.32
C GLY C 112 -22.77 39.19 11.35
N MET C 113 -21.85 38.39 10.81
CA MET C 113 -20.44 38.62 10.93
C MET C 113 -19.90 38.98 9.54
N ALA C 114 -18.86 39.81 9.50
CA ALA C 114 -18.00 39.86 8.33
C ALA C 114 -16.96 38.70 8.35
N ALA C 115 -16.40 38.34 7.21
CA ALA C 115 -15.35 37.27 7.15
C ALA C 115 -14.35 37.54 6.06
N LEU C 116 -13.09 37.27 6.38
CA LEU C 116 -11.97 37.41 5.46
C LEU C 116 -11.22 36.06 5.37
N ALA C 117 -11.04 35.54 4.16
CA ALA C 117 -10.19 34.39 3.93
C ALA C 117 -9.06 34.85 3.03
N ILE C 118 -7.80 34.62 3.41
CA ILE C 118 -6.66 35.10 2.59
C ILE C 118 -5.84 33.95 2.00
N ASP C 119 -5.10 34.19 0.91
CA ASP C 119 -4.03 33.27 0.42
C ASP C 119 -2.80 33.39 1.31
N VAL C 120 -2.17 32.24 1.61
CA VAL C 120 -0.83 32.20 2.17
C VAL C 120 0.14 32.26 0.99
N ARG C 121 1.11 33.16 1.10
CA ARG C 121 2.02 33.49 -0.01
C ARG C 121 2.72 32.27 -0.58
N GLY C 122 2.67 32.20 -1.89
CA GLY C 122 3.29 31.17 -2.65
C GLY C 122 2.56 29.84 -2.74
N GLN C 123 1.46 29.65 -2.03
CA GLN C 123 0.83 28.30 -2.03
C GLN C 123 -0.16 28.23 -3.19
N GLY C 124 -1.10 27.29 -3.18
CA GLY C 124 -1.97 27.05 -4.36
C GLY C 124 -3.05 28.07 -4.79
N GLY C 125 -2.71 29.34 -4.85
CA GLY C 125 -3.63 30.41 -5.27
C GLY C 125 -2.91 31.45 -6.10
N VAL C 126 -3.52 32.64 -6.25
CA VAL C 126 -2.95 33.69 -7.10
C VAL C 126 -1.92 34.58 -6.41
N THR C 127 -1.65 34.36 -5.12
CA THR C 127 -0.69 35.18 -4.38
C THR C 127 0.67 34.57 -4.53
N PRO C 128 1.64 35.29 -5.17
CA PRO C 128 3.01 34.77 -5.20
C PRO C 128 3.77 34.88 -3.84
N ASP C 129 5.06 34.58 -3.83
CA ASP C 129 5.94 34.90 -2.69
C ASP C 129 7.14 35.66 -3.23
N ARG C 130 7.24 36.94 -2.90
CA ARG C 130 8.38 37.73 -3.37
C ARG C 130 9.59 37.75 -2.45
N ALA C 131 9.53 37.15 -1.27
CA ALA C 131 10.69 37.02 -0.41
C ALA C 131 11.80 36.28 -1.14
N GLU C 132 13.05 36.65 -0.89
CA GLU C 132 14.20 35.95 -1.45
C GLU C 132 14.77 35.12 -0.34
N TYR C 133 15.30 33.97 -0.69
CA TYR C 133 15.89 33.05 0.25
C TYR C 133 17.38 32.80 -0.08
N PRO C 134 18.19 32.51 0.94
CA PRO C 134 19.63 32.33 0.78
C PRO C 134 20.05 31.05 0.05
N GLN C 135 19.29 29.97 0.19
CA GLN C 135 19.60 28.65 -0.45
C GLN C 135 18.33 28.09 -1.14
N GLY C 136 18.42 26.87 -1.65
CA GLY C 136 17.26 26.23 -2.19
C GLY C 136 16.52 25.54 -1.09
N GLY C 137 15.70 24.57 -1.44
CA GLY C 137 15.19 23.69 -0.42
C GLY C 137 14.45 22.51 -1.00
N ILE C 138 13.72 21.89 -0.10
CA ILE C 138 12.81 20.77 -0.37
C ILE C 138 11.51 21.29 -1.02
N PRO C 139 10.91 20.51 -1.97
CA PRO C 139 9.58 20.89 -2.51
C PRO C 139 8.62 21.20 -1.36
N GLY C 140 7.98 22.35 -1.44
CA GLY C 140 7.20 22.89 -0.37
C GLY C 140 7.84 24.20 0.10
N TRP C 141 7.44 24.64 1.30
CA TRP C 141 7.85 25.92 1.84
C TRP C 141 8.46 25.90 3.24
N MET C 142 8.43 24.73 3.88
CA MET C 142 8.84 24.57 5.25
C MET C 142 10.31 24.77 5.45
N THR C 143 11.09 24.60 4.39
CA THR C 143 12.56 24.63 4.50
C THR C 143 13.22 25.88 3.92
N LEU C 144 12.42 26.78 3.37
CA LEU C 144 12.93 28.02 2.83
C LEU C 144 13.46 29.00 3.88
N GLY C 145 14.74 29.25 3.83
CA GLY C 145 15.38 30.16 4.79
C GLY C 145 15.57 29.57 6.18
N ILE C 146 15.66 28.25 6.27
CA ILE C 146 15.51 27.58 7.58
C ILE C 146 16.74 27.81 8.53
N LEU C 147 17.85 28.23 8.02
CA LEU C 147 19.04 28.51 8.85
C LEU C 147 19.10 29.87 9.50
N ASP C 148 18.17 30.76 9.18
CA ASP C 148 18.15 32.14 9.71
C ASP C 148 16.70 32.63 9.93
N PRO C 149 16.27 32.88 11.19
CA PRO C 149 14.90 33.28 11.44
C PRO C 149 14.39 34.54 10.71
N ALA C 150 15.25 35.52 10.49
CA ALA C 150 14.94 36.72 9.73
C ALA C 150 14.64 36.42 8.23
N SER C 151 15.19 35.35 7.68
CA SER C 151 14.86 35.02 6.25
C SER C 151 13.86 33.77 6.08
N TYR C 152 13.36 33.23 7.19
CA TYR C 152 12.55 31.99 7.15
C TYR C 152 11.18 32.23 6.54
N TYR C 153 10.70 31.25 5.76
CA TYR C 153 9.42 31.43 5.04
C TYR C 153 8.27 32.01 5.91
N TYR C 154 8.15 31.55 7.14
CA TYR C 154 7.02 31.93 7.93
C TYR C 154 7.16 33.30 8.59
N LYS C 155 8.27 34.00 8.44
CA LYS C 155 8.32 35.38 8.96
C LYS C 155 7.36 36.34 8.20
N GLN C 156 7.53 36.43 6.90
CA GLN C 156 6.59 37.20 6.06
C GLN C 156 5.18 36.70 6.06
N VAL C 157 5.01 35.38 6.21
CA VAL C 157 3.69 34.79 6.42
C VAL C 157 3.05 35.24 7.72
N TYR C 158 3.74 35.23 8.88
CA TYR C 158 3.09 35.63 10.14
C TYR C 158 2.76 37.10 10.05
N LEU C 159 3.60 37.89 9.36
CA LEU C 159 3.28 39.33 9.14
C LEU C 159 2.12 39.56 8.17
N ASP C 160 2.04 38.76 7.09
CA ASP C 160 0.84 38.83 6.25
C ASP C 160 -0.47 38.58 7.08
N CYS C 161 -0.44 37.59 7.97
CA CYS C 161 -1.62 37.27 8.80
C CYS C 161 -2.08 38.38 9.72
N ILE C 162 -1.14 39.07 10.31
CA ILE C 162 -1.39 40.22 11.17
C ILE C 162 -1.89 41.41 10.36
N ARG C 163 -1.29 41.60 9.20
CA ARG C 163 -1.73 42.64 8.30
C ARG C 163 -3.15 42.32 7.78
N ALA C 164 -3.64 41.05 7.88
CA ALA C 164 -5.06 40.76 7.57
C ALA C 164 -5.95 41.35 8.64
N LEU C 165 -5.44 41.43 9.86
CA LEU C 165 -6.20 42.03 10.94
C LEU C 165 -6.27 43.55 10.70
N ASP C 166 -5.20 44.16 10.14
CA ASP C 166 -5.18 45.60 9.78
C ASP C 166 -6.12 45.85 8.63
N PHE C 167 -6.16 45.00 7.58
CA PHE C 167 -7.17 45.19 6.54
C PHE C 167 -8.61 45.17 7.12
N VAL C 168 -9.00 44.15 7.90
CA VAL C 168 -10.40 44.18 8.46
C VAL C 168 -10.68 45.41 9.34
N CYS C 169 -9.72 45.76 10.21
CA CYS C 169 -9.81 46.99 11.02
C CYS C 169 -9.89 48.33 10.22
N SER C 170 -9.38 48.35 9.00
CA SER C 170 -9.47 49.51 8.16
C SER C 170 -10.89 49.59 7.51
N ARG C 171 -11.73 48.56 7.63
CA ARG C 171 -13.11 48.59 7.09
C ARG C 171 -13.98 49.31 8.12
N GLU C 172 -14.65 50.37 7.72
CA GLU C 172 -15.51 51.17 8.62
C GLU C 172 -16.61 50.38 9.35
N GLU C 173 -17.22 49.39 8.69
CA GLU C 173 -18.28 48.53 9.25
C GLU C 173 -17.86 47.58 10.35
N VAL C 174 -16.57 47.29 10.43
CA VAL C 174 -16.03 46.20 11.20
C VAL C 174 -15.83 46.71 12.63
N ASP C 175 -16.25 45.91 13.62
CA ASP C 175 -16.01 46.15 15.05
C ASP C 175 -14.66 45.53 15.43
N ALA C 176 -13.66 46.36 15.65
CA ALA C 176 -12.31 45.93 15.93
C ALA C 176 -12.15 45.26 17.29
N SER C 177 -13.07 45.49 18.21
CA SER C 177 -13.01 44.79 19.47
C SER C 177 -13.64 43.37 19.42
N ARG C 178 -14.17 42.92 18.27
CA ARG C 178 -14.81 41.61 18.18
C ARG C 178 -14.24 40.83 16.97
N ILE C 179 -12.95 40.49 17.04
CA ILE C 179 -12.25 39.76 15.96
C ILE C 179 -12.01 38.34 16.49
N ALA C 180 -12.42 37.37 15.70
CA ALA C 180 -12.03 35.94 15.90
C ALA C 180 -11.12 35.49 14.71
N VAL C 181 -10.06 34.73 15.03
CA VAL C 181 -9.13 34.14 14.07
C VAL C 181 -9.35 32.63 14.14
N TYR C 182 -9.46 32.02 12.96
CA TYR C 182 -9.86 30.62 12.79
C TYR C 182 -8.95 29.98 11.74
N GLY C 183 -8.65 28.69 11.93
CA GLY C 183 -8.18 27.86 10.85
C GLY C 183 -7.87 26.44 11.29
N GLY C 184 -7.68 25.63 10.26
CA GLY C 184 -7.38 24.21 10.42
C GLY C 184 -5.98 23.91 9.95
N SER C 185 -5.24 23.14 10.75
CA SER C 185 -3.95 22.65 10.34
C SER C 185 -2.93 23.84 10.23
N GLN C 186 -2.29 24.09 9.10
CA GLN C 186 -1.55 25.32 8.93
C GLN C 186 -2.33 26.55 9.39
N GLY C 187 -3.60 26.61 9.08
CA GLY C 187 -4.45 27.69 9.51
C GLY C 187 -4.64 27.81 10.99
N GLY C 188 -4.57 26.69 11.69
CA GLY C 188 -4.67 26.63 13.16
C GLY C 188 -3.38 27.22 13.71
N GLY C 189 -2.25 26.83 13.12
CA GLY C 189 -0.96 27.41 13.37
C GLY C 189 -0.92 28.91 13.18
N LEU C 190 -1.51 29.39 12.08
CA LEU C 190 -1.50 30.80 11.79
C LEU C 190 -2.39 31.50 12.72
N ALA C 191 -3.42 30.84 13.21
CA ALA C 191 -4.39 31.49 14.10
C ALA C 191 -3.72 31.75 15.46
N LEU C 192 -3.00 30.76 15.99
CA LEU C 192 -2.20 30.88 17.20
C LEU C 192 -1.11 31.93 17.12
N ALA C 193 -0.52 32.12 15.94
CA ALA C 193 0.48 33.17 15.75
C ALA C 193 -0.14 34.53 15.77
N ALA C 194 -1.22 34.69 14.98
CA ALA C 194 -1.95 35.95 14.94
C ALA C 194 -2.43 36.40 16.34
N ALA C 195 -2.93 35.48 17.13
CA ALA C 195 -3.47 35.82 18.44
C ALA C 195 -2.31 36.02 19.43
N GLY C 196 -1.17 35.39 19.17
CA GLY C 196 -0.01 35.49 20.03
C GLY C 196 0.89 36.67 19.80
N LEU C 197 0.99 37.13 18.57
CA LEU C 197 1.82 38.27 18.24
C LEU C 197 1.02 39.54 18.17
N ASP C 198 -0.31 39.44 18.14
CA ASP C 198 -1.17 40.61 18.12
C ASP C 198 -2.15 40.60 19.31
N SER C 199 -2.43 41.77 19.83
CA SER C 199 -3.34 41.92 20.96
C SER C 199 -4.81 42.12 20.54
N ARG C 200 -5.10 42.26 19.25
CA ARG C 200 -6.48 42.57 18.86
C ARG C 200 -7.45 41.39 18.88
N PRO C 201 -7.03 40.17 18.47
CA PRO C 201 -8.04 39.09 18.43
C PRO C 201 -8.67 38.87 19.78
N LYS C 202 -9.96 38.75 19.78
CA LYS C 202 -10.67 38.46 21.04
C LYS C 202 -10.89 36.95 21.25
N LEU C 203 -11.01 36.22 20.14
CA LEU C 203 -11.16 34.76 20.13
C LEU C 203 -10.19 34.07 19.15
N ALA C 204 -9.70 32.88 19.51
CA ALA C 204 -8.93 32.04 18.61
C ALA C 204 -9.58 30.69 18.54
N LEU C 205 -9.74 30.17 17.32
CA LEU C 205 -10.35 28.92 17.07
C LEU C 205 -9.44 28.02 16.20
N PRO C 206 -8.30 27.61 16.73
CA PRO C 206 -7.45 26.62 16.00
C PRO C 206 -8.04 25.17 15.95
N VAL C 207 -8.10 24.59 14.76
CA VAL C 207 -8.37 23.18 14.58
C VAL C 207 -7.08 22.45 14.24
N PHE C 208 -6.87 21.30 14.87
CA PHE C 208 -5.61 20.54 14.86
C PHE C 208 -4.37 21.28 14.32
N PRO C 209 -3.93 22.29 15.08
CA PRO C 209 -2.91 23.18 14.58
C PRO C 209 -1.54 22.49 14.27
N PHE C 210 -1.03 22.84 13.10
CA PHE C 210 0.28 22.61 12.58
C PHE C 210 1.20 23.69 13.18
N LEU C 211 2.51 23.54 12.99
CA LEU C 211 3.53 24.45 13.47
C LEU C 211 3.68 24.51 15.01
N CYS C 212 3.45 23.41 15.70
CA CYS C 212 3.59 23.31 17.14
C CYS C 212 4.67 22.27 17.55
N HIS C 213 5.52 22.61 18.55
CA HIS C 213 6.51 21.69 19.08
C HIS C 213 7.28 20.97 17.94
N PHE C 214 7.86 21.74 17.02
CA PHE C 214 8.60 21.24 15.84
C PHE C 214 9.55 20.06 16.09
N ARG C 215 10.39 20.14 17.13
CA ARG C 215 11.36 19.06 17.37
C ARG C 215 10.67 17.75 17.71
N ARG C 216 9.58 17.81 18.48
CA ARG C 216 8.85 16.58 18.78
C ARG C 216 8.12 16.09 17.52
N SER C 217 7.46 16.97 16.81
CA SER C 217 6.85 16.59 15.52
C SER C 217 7.77 15.80 14.58
N VAL C 218 9.00 16.28 14.37
CA VAL C 218 9.91 15.62 13.42
C VAL C 218 10.37 14.26 13.97
N GLU C 219 10.62 14.17 15.27
CA GLU C 219 11.28 13.02 15.84
C GLU C 219 10.30 11.86 16.17
N ILE C 220 9.01 12.17 16.30
CA ILE C 220 7.99 11.10 16.23
C ILE C 220 7.49 10.82 14.81
N HIS C 221 8.11 11.45 13.82
CA HIS C 221 7.85 11.21 12.41
C HIS C 221 6.40 11.44 12.05
N ALA C 222 5.84 12.60 12.46
CA ALA C 222 4.56 13.03 11.89
C ALA C 222 4.61 12.99 10.35
N SER C 223 3.50 12.59 9.72
CA SER C 223 3.35 12.69 8.26
C SER C 223 3.05 14.13 7.88
N GLY C 224 2.87 14.33 6.58
CA GLY C 224 2.53 15.60 6.06
C GLY C 224 3.77 16.44 5.94
N PRO C 225 3.59 17.76 5.82
CA PRO C 225 4.69 18.69 5.64
C PRO C 225 5.81 18.71 6.73
N TYR C 226 5.58 18.19 7.95
CA TYR C 226 6.72 18.09 8.90
C TYR C 226 7.87 17.21 8.32
N VAL C 227 7.54 16.36 7.38
CA VAL C 227 8.46 15.54 6.63
C VAL C 227 9.47 16.33 5.86
N GLU C 228 9.13 17.54 5.42
CA GLU C 228 10.06 18.38 4.72
C GLU C 228 11.33 18.68 5.52
N ILE C 229 11.20 18.79 6.84
CA ILE C 229 12.30 19.10 7.70
C ILE C 229 13.27 17.94 7.81
N LYS C 230 12.76 16.75 8.03
CA LYS C 230 13.53 15.53 7.93
C LYS C 230 14.30 15.41 6.59
N ASN C 231 13.64 15.70 5.49
CA ASN C 231 14.28 15.69 4.19
C ASN C 231 15.34 16.78 4.04
N TRP C 232 15.15 17.90 4.73
CA TRP C 232 16.20 18.90 4.81
C TRP C 232 17.46 18.29 5.38
N PHE C 233 17.35 17.65 6.55
CA PHE C 233 18.52 17.01 7.11
C PHE C 233 19.13 16.02 6.09
N ARG C 234 18.31 15.20 5.47
CA ARG C 234 18.76 14.26 4.42
C ARG C 234 19.62 14.88 3.35
N ARG C 235 19.22 16.05 2.87
CA ARG C 235 19.88 16.70 1.77
C ARG C 235 21.07 17.56 2.17
N TYR C 236 21.01 18.22 3.33
CA TYR C 236 21.99 19.25 3.70
C TYR C 236 22.83 18.92 4.89
N ASP C 237 22.44 17.92 5.69
CA ASP C 237 23.04 17.70 7.02
C ASP C 237 22.71 16.29 7.57
N PRO C 238 23.24 15.26 6.90
CA PRO C 238 22.91 13.88 7.25
C PRO C 238 23.14 13.48 8.70
N GLU C 239 24.23 13.95 9.31
CA GLU C 239 24.60 13.67 10.71
C GLU C 239 24.09 14.68 11.77
N HIS C 240 23.21 15.61 11.37
CA HIS C 240 22.56 16.57 12.28
C HIS C 240 23.50 17.55 12.99
N ARG C 241 24.53 17.99 12.28
CA ARG C 241 25.50 18.90 12.87
C ARG C 241 24.93 20.31 13.01
N GLN C 242 23.99 20.68 12.15
CA GLN C 242 23.32 21.97 12.20
C GLN C 242 21.93 21.91 12.84
N GLU C 243 21.61 20.80 13.53
CA GLU C 243 20.29 20.66 14.15
C GLU C 243 19.90 21.74 15.16
N GLU C 244 20.83 22.18 16.00
CA GLU C 244 20.54 23.24 17.00
C GLU C 244 20.23 24.60 16.29
N GLN C 245 20.83 24.91 15.15
CA GLN C 245 20.46 26.14 14.42
C GLN C 245 19.07 25.98 13.77
N VAL C 246 18.75 24.77 13.32
CA VAL C 246 17.49 24.50 12.60
C VAL C 246 16.34 24.67 13.62
N TYR C 247 16.50 24.13 14.80
CA TYR C 247 15.47 24.18 15.83
C TYR C 247 15.41 25.48 16.59
N ARG C 248 16.54 26.19 16.64
CA ARG C 248 16.55 27.58 17.14
C ARG C 248 15.70 28.47 16.16
N THR C 249 15.97 28.40 14.86
CA THR C 249 15.15 29.10 13.82
C THR C 249 13.67 28.87 14.04
N LEU C 250 13.29 27.59 14.13
CA LEU C 250 11.90 27.20 14.16
C LEU C 250 11.22 27.61 15.46
N SER C 251 12.00 27.76 16.53
CA SER C 251 11.49 28.13 17.80
C SER C 251 10.81 29.50 17.81
N TYR C 252 11.24 30.45 16.94
CA TYR C 252 10.56 31.77 16.87
C TYR C 252 9.15 31.70 16.21
N PHE C 253 8.85 30.54 15.61
CA PHE C 253 7.62 30.36 14.87
C PHE C 253 6.72 29.35 15.50
N ASP C 254 7.11 28.82 16.65
CA ASP C 254 6.51 27.65 17.15
C ASP C 254 5.24 27.99 17.93
N GLY C 255 4.15 27.33 17.56
CA GLY C 255 2.86 27.59 18.12
C GLY C 255 2.78 27.51 19.64
N MET C 256 3.55 26.60 20.21
CA MET C 256 3.66 26.45 21.67
C MET C 256 4.19 27.71 22.33
N ASN C 257 5.22 28.33 21.76
CA ASN C 257 5.73 29.64 22.23
C ASN C 257 4.76 30.76 21.98
N MET C 258 4.04 30.69 20.88
CA MET C 258 3.01 31.71 20.63
C MET C 258 1.87 31.57 21.63
N ALA C 259 1.57 30.36 22.09
CA ALA C 259 0.42 30.13 22.97
C ALA C 259 0.55 30.75 24.37
N SER C 260 1.78 30.86 24.83
CA SER C 260 2.05 31.41 26.14
C SER C 260 1.91 32.91 26.11
N ARG C 261 1.84 33.48 24.90
CA ARG C 261 1.48 34.89 24.74
C ARG C 261 0.02 35.16 24.35
N ILE C 262 -0.83 34.15 24.23
CA ILE C 262 -2.23 34.40 23.93
C ILE C 262 -3.06 34.63 25.18
N LYS C 263 -3.67 35.84 25.25
CA LYS C 263 -4.70 36.14 26.30
C LYS C 263 -6.13 36.00 25.78
N ALA C 264 -6.35 35.95 24.46
CA ALA C 264 -7.67 35.73 23.90
C ALA C 264 -8.22 34.35 24.35
N ARG C 265 -9.54 34.18 24.31
CA ARG C 265 -10.18 32.95 24.66
C ARG C 265 -10.12 32.04 23.45
N THR C 266 -9.75 30.79 23.71
CA THR C 266 -9.40 29.82 22.71
C THR C 266 -10.32 28.59 22.77
N LEU C 267 -10.86 28.17 21.61
CA LEU C 267 -11.51 26.85 21.48
C LEU C 267 -10.66 25.97 20.55
N MET C 268 -10.00 24.94 21.06
CA MET C 268 -9.17 24.10 20.17
C MET C 268 -9.85 22.74 19.92
N ALA C 269 -9.89 22.31 18.65
CA ALA C 269 -10.30 20.96 18.25
C ALA C 269 -9.02 20.11 18.15
N ILE C 270 -8.99 18.96 18.81
CA ILE C 270 -7.80 18.07 18.80
C ILE C 270 -8.31 16.70 18.39
N THR C 271 -7.67 16.13 17.34
CA THR C 271 -7.96 14.85 16.84
C THR C 271 -6.93 13.83 17.35
N LEU C 272 -7.44 12.74 17.93
CA LEU C 272 -6.66 11.75 18.61
C LEU C 272 -5.88 10.79 17.77
N GLN C 273 -6.34 10.52 16.56
CA GLN C 273 -5.64 9.63 15.63
C GLN C 273 -4.84 10.38 14.59
N ASP C 274 -4.83 11.72 14.63
CA ASP C 274 -4.11 12.55 13.69
C ASP C 274 -2.62 12.19 13.66
N ILE C 275 -2.11 11.84 12.49
CA ILE C 275 -0.66 11.58 12.40
C ILE C 275 0.09 12.64 11.60
N THR C 276 -0.60 13.71 11.20
CA THR C 276 0.04 14.85 10.57
C THR C 276 0.36 15.93 11.59
N CYS C 277 -0.61 16.23 12.45
CA CYS C 277 -0.51 17.12 13.58
C CYS C 277 -0.78 16.30 14.81
N PRO C 278 0.23 15.59 15.30
CA PRO C 278 -0.01 14.62 16.32
C PRO C 278 -0.59 15.29 17.57
N PRO C 279 -1.42 14.57 18.34
CA PRO C 279 -2.13 15.17 19.46
C PRO C 279 -1.24 15.72 20.60
N SER C 280 -0.11 15.10 20.90
CA SER C 280 0.83 15.64 21.87
C SER C 280 1.33 17.06 21.51
N THR C 281 1.47 17.38 20.24
CA THR C 281 2.00 18.69 19.85
C THR C 281 0.89 19.76 20.04
N CYS C 282 -0.33 19.42 19.65
CA CYS C 282 -1.49 20.24 19.87
C CYS C 282 -1.70 20.49 21.35
N PHE C 283 -1.57 19.43 22.16
CA PHE C 283 -1.75 19.58 23.60
C PHE C 283 -0.67 20.40 24.27
N ALA C 284 0.57 20.24 23.83
CA ALA C 284 1.66 21.06 24.31
C ALA C 284 1.31 22.56 24.21
N ALA C 285 0.76 22.99 23.05
CA ALA C 285 0.35 24.37 22.86
C ALA C 285 -0.84 24.72 23.75
N TYR C 286 -1.85 23.86 23.74
CA TYR C 286 -3.06 24.09 24.50
C TYR C 286 -2.74 24.31 25.96
N ASN C 287 -1.87 23.49 26.52
CA ASN C 287 -1.50 23.63 27.94
C ASN C 287 -0.51 24.78 28.30
N HIS C 288 -0.04 25.52 27.29
CA HIS C 288 0.69 26.76 27.53
C HIS C 288 -0.15 27.99 27.31
N LEU C 289 -1.40 27.85 26.83
CA LEU C 289 -2.23 29.04 26.53
C LEU C 289 -2.42 29.84 27.82
N ALA C 290 -2.11 31.14 27.73
CA ALA C 290 -2.22 32.09 28.85
C ALA C 290 -3.66 32.61 29.14
N GLY C 291 -4.59 32.53 28.18
CA GLY C 291 -5.99 32.93 28.44
C GLY C 291 -6.92 31.79 28.85
N PRO C 292 -8.22 32.10 28.98
CA PRO C 292 -9.26 31.05 29.11
C PRO C 292 -9.40 30.22 27.83
N LYS C 293 -9.66 28.93 28.02
CA LYS C 293 -9.54 27.96 26.95
C LYS C 293 -10.58 26.83 27.10
N GLU C 294 -10.99 26.26 25.98
CA GLU C 294 -11.76 25.05 25.93
C GLU C 294 -11.15 24.16 24.85
N VAL C 295 -11.29 22.86 25.03
CA VAL C 295 -10.83 21.84 24.11
C VAL C 295 -12.00 20.89 23.74
N ARG C 296 -12.08 20.54 22.45
CA ARG C 296 -12.89 19.42 21.99
C ARG C 296 -11.94 18.34 21.48
N LEU C 297 -12.12 17.16 22.05
CA LEU C 297 -11.26 16.00 21.89
C LEU C 297 -12.07 14.96 21.13
N TYR C 298 -11.74 14.76 19.86
CA TYR C 298 -12.46 13.84 18.99
C TYR C 298 -11.66 12.51 18.86
N HIS C 299 -12.09 11.48 19.61
CA HIS C 299 -11.32 10.24 19.73
C HIS C 299 -11.06 9.47 18.47
N ASP C 300 -11.98 9.49 17.49
CA ASP C 300 -11.96 8.56 16.34
C ASP C 300 -11.66 9.18 14.97
N TYR C 301 -11.01 10.32 15.01
CA TYR C 301 -10.84 11.21 13.90
C TYR C 301 -9.35 11.55 13.86
N GLY C 302 -8.85 11.69 12.64
CA GLY C 302 -7.51 12.16 12.35
C GLY C 302 -7.53 13.48 11.58
N HIS C 303 -6.63 13.58 10.63
CA HIS C 303 -6.50 14.79 9.84
C HIS C 303 -7.51 14.79 8.70
N GLU C 304 -8.68 15.35 8.97
CA GLU C 304 -9.83 15.26 8.08
C GLU C 304 -10.85 16.38 8.51
N GLY C 305 -11.79 16.68 7.61
CA GLY C 305 -13.03 17.43 7.95
C GLY C 305 -13.76 17.04 9.24
N LEU C 306 -14.22 18.06 9.97
CA LEU C 306 -14.89 17.86 11.23
C LEU C 306 -16.23 18.57 11.14
N PRO C 307 -17.22 17.93 10.52
CA PRO C 307 -18.49 18.64 10.25
C PRO C 307 -19.31 18.95 11.52
N PHE C 308 -19.31 18.06 12.51
CA PHE C 308 -19.87 18.34 13.86
C PHE C 308 -19.22 19.53 14.56
N HIS C 309 -17.95 19.81 14.25
CA HIS C 309 -17.24 20.92 14.89
C HIS C 309 -17.74 22.31 14.52
N GLU C 310 -18.36 22.47 13.36
CA GLU C 310 -18.89 23.77 12.89
C GLU C 310 -19.87 24.27 13.91
N GLU C 311 -20.79 23.39 14.33
CA GLU C 311 -21.81 23.72 15.36
C GLU C 311 -21.17 24.19 16.67
N ALA C 312 -20.08 23.55 17.08
CA ALA C 312 -19.39 23.89 18.31
C ALA C 312 -18.68 25.26 18.23
N MET C 313 -18.09 25.59 17.11
CA MET C 313 -17.47 26.93 16.91
C MET C 313 -18.53 28.01 16.97
N MET C 314 -19.65 27.78 16.27
CA MET C 314 -20.76 28.70 16.24
C MET C 314 -21.35 28.91 17.63
N ARG C 315 -21.49 27.88 18.43
CA ARG C 315 -22.00 28.16 19.77
C ARG C 315 -21.00 28.98 20.57
N PHE C 316 -19.71 28.71 20.36
CA PHE C 316 -18.63 29.39 21.05
C PHE C 316 -18.61 30.88 20.61
N ILE C 317 -18.75 31.16 19.32
CA ILE C 317 -18.77 32.55 18.82
C ILE C 317 -19.97 33.31 19.41
N GLU C 318 -21.13 32.65 19.46
CA GLU C 318 -22.28 33.27 20.08
C GLU C 318 -22.21 33.55 21.56
N ALA C 319 -21.60 32.67 22.32
CA ALA C 319 -21.49 32.93 23.75
C ALA C 319 -20.50 34.05 24.00
N TYR C 320 -19.44 34.18 23.21
CA TYR C 320 -18.31 35.08 23.59
C TYR C 320 -17.87 36.18 22.66
N LEU C 321 -18.17 36.09 21.37
CA LEU C 321 -17.65 37.11 20.46
C LEU C 321 -18.47 38.36 20.67
N MET D 6 -7.02 -10.34 -20.93
CA MET D 6 -7.62 -10.81 -22.22
C MET D 6 -9.13 -11.05 -22.02
N PRO D 7 -10.00 -10.46 -22.89
CA PRO D 7 -11.48 -10.61 -22.73
C PRO D 7 -12.04 -12.04 -22.95
N LEU D 8 -12.97 -12.46 -22.08
CA LEU D 8 -13.42 -13.87 -21.96
C LEU D 8 -13.66 -14.63 -23.29
N SER D 9 -14.29 -14.00 -24.26
CA SER D 9 -14.55 -14.69 -25.53
C SER D 9 -13.26 -15.01 -26.32
N GLN D 10 -12.27 -14.09 -26.29
CA GLN D 10 -10.94 -14.32 -26.89
C GLN D 10 -10.18 -15.33 -26.09
N LEU D 11 -10.25 -15.24 -24.76
CA LEU D 11 -9.59 -16.19 -23.85
C LEU D 11 -9.89 -17.65 -24.17
N GLN D 12 -11.18 -17.94 -24.38
CA GLN D 12 -11.61 -19.32 -24.57
C GLN D 12 -11.10 -19.86 -25.88
N ASP D 13 -11.03 -19.02 -26.91
CA ASP D 13 -10.46 -19.45 -28.20
C ASP D 13 -8.92 -19.32 -28.32
N TYR D 14 -8.21 -19.01 -27.23
CA TYR D 14 -6.79 -18.64 -27.27
C TYR D 14 -5.93 -19.87 -27.35
N LYS D 15 -5.20 -19.98 -28.45
CA LYS D 15 -4.45 -21.17 -28.75
C LYS D 15 -3.21 -20.68 -29.49
N PRO D 16 -2.22 -20.19 -28.75
CA PRO D 16 -0.98 -19.74 -29.37
C PRO D 16 -0.15 -20.89 -29.90
N GLU D 17 0.77 -20.56 -30.81
CA GLU D 17 1.78 -21.51 -31.32
C GLU D 17 2.60 -22.20 -30.20
N LEU D 18 2.83 -23.49 -30.39
CA LEU D 18 3.61 -24.26 -29.49
C LEU D 18 5.06 -23.79 -29.65
N THR D 19 5.77 -23.72 -28.52
CA THR D 19 7.17 -23.29 -28.53
C THR D 19 8.12 -24.49 -28.46
N ASN D 20 7.60 -25.71 -28.36
CA ASN D 20 8.48 -26.87 -28.26
C ASN D 20 9.48 -26.91 -29.44
N GLU D 21 10.75 -27.12 -29.11
CA GLU D 21 11.81 -27.35 -30.12
C GLU D 21 11.62 -28.73 -30.68
N THR D 22 12.21 -28.93 -31.85
CA THR D 22 12.07 -30.23 -32.55
C THR D 22 12.64 -31.38 -31.72
N ASP D 23 13.62 -31.15 -30.86
CA ASP D 23 14.13 -32.27 -30.02
C ASP D 23 13.42 -32.42 -28.65
N PHE D 24 12.21 -31.92 -28.52
CA PHE D 24 11.49 -31.91 -27.22
C PHE D 24 11.35 -33.33 -26.68
N ASP D 25 10.89 -34.27 -27.50
CA ASP D 25 10.67 -35.67 -26.99
C ASP D 25 11.93 -36.44 -26.76
N LEU D 26 12.93 -36.15 -27.56
CA LEU D 26 14.26 -36.76 -27.35
C LEU D 26 14.92 -36.33 -26.02
N PHE D 27 14.83 -35.04 -25.68
CA PHE D 27 15.28 -34.50 -24.38
C PHE D 27 14.67 -35.32 -23.24
N TRP D 28 13.36 -35.39 -23.20
CA TRP D 28 12.63 -36.09 -22.16
C TRP D 28 12.90 -37.57 -22.13
N ASP D 29 13.06 -38.18 -23.30
CA ASP D 29 13.54 -39.61 -23.36
C ASP D 29 14.87 -39.82 -22.71
N ASN D 30 15.81 -38.91 -22.99
CA ASN D 30 17.12 -38.93 -22.34
C ASN D 30 16.98 -38.67 -20.82
N ALA D 31 16.21 -37.65 -20.45
CA ALA D 31 16.03 -37.34 -19.02
C ALA D 31 15.41 -38.51 -18.27
N LYS D 32 14.48 -39.22 -18.87
CA LYS D 32 13.84 -40.44 -18.27
C LYS D 32 14.78 -41.62 -18.13
N ALA D 33 15.68 -41.79 -19.12
CA ALA D 33 16.79 -42.79 -18.96
C ALA D 33 17.68 -42.54 -17.72
N LEU D 34 17.92 -41.28 -17.32
CA LEU D 34 18.57 -41.03 -16.00
C LEU D 34 17.81 -41.68 -14.86
N SER D 35 16.50 -41.56 -14.92
CA SER D 35 15.64 -42.09 -13.86
C SER D 35 15.70 -43.58 -13.91
N ASN D 36 15.71 -44.16 -15.10
CA ASN D 36 15.77 -45.64 -15.17
C ASN D 36 17.01 -46.26 -14.52
N GLN D 37 18.15 -45.58 -14.57
CA GLN D 37 19.40 -46.07 -13.92
C GLN D 37 19.25 -46.22 -12.39
N LYS D 38 18.48 -45.31 -11.79
CA LYS D 38 18.51 -45.11 -10.31
C LYS D 38 17.36 -45.80 -9.62
N PRO D 39 17.59 -46.91 -8.91
CA PRO D 39 16.40 -47.53 -8.29
C PRO D 39 15.75 -46.59 -7.24
N LEU D 40 14.53 -46.90 -6.80
CA LEU D 40 13.79 -46.07 -5.82
C LEU D 40 14.33 -46.12 -4.39
N HIS D 41 14.63 -47.32 -3.91
CA HIS D 41 15.00 -47.56 -2.51
C HIS D 41 13.94 -47.03 -1.56
N ALA D 42 12.67 -47.19 -1.94
CA ALA D 42 11.54 -46.76 -1.10
C ALA D 42 11.68 -47.19 0.35
N GLN D 43 11.44 -46.28 1.26
CA GLN D 43 11.25 -46.66 2.67
C GLN D 43 9.94 -46.13 3.19
N VAL D 44 9.26 -47.05 3.86
CA VAL D 44 7.91 -46.81 4.24
C VAL D 44 7.85 -47.11 5.71
N ASN D 45 7.25 -46.22 6.50
CA ASN D 45 7.21 -46.43 7.96
C ASN D 45 5.84 -45.95 8.46
N LEU D 46 5.09 -46.88 9.06
CA LEU D 46 3.75 -46.58 9.60
C LEU D 46 3.80 -45.54 10.69
N VAL D 47 2.99 -44.49 10.57
CA VAL D 47 2.89 -43.44 11.59
C VAL D 47 1.95 -43.91 12.67
N GLN D 48 2.37 -43.80 13.93
CA GLN D 48 1.66 -44.33 15.10
C GLN D 48 0.98 -43.18 15.82
N ASP D 49 -0.09 -43.49 16.57
CA ASP D 49 -0.72 -42.52 17.46
C ASP D 49 -1.35 -41.27 16.78
N TYR D 50 -1.66 -41.36 15.47
CA TYR D 50 -2.25 -40.24 14.74
C TYR D 50 -3.75 -40.28 15.08
N PRO D 51 -4.39 -39.12 15.17
CA PRO D 51 -5.77 -39.18 15.74
C PRO D 51 -6.88 -39.79 14.84
N LEU D 52 -6.69 -39.76 13.50
CA LEU D 52 -7.62 -40.42 12.53
C LEU D 52 -7.29 -41.90 12.41
N LYS D 53 -8.07 -42.73 13.10
CA LYS D 53 -7.88 -44.19 13.08
C LYS D 53 -8.58 -44.90 11.92
N SER D 54 -9.37 -44.19 11.12
CA SER D 54 -9.96 -44.79 9.90
C SER D 54 -8.89 -45.04 8.81
N ILE D 55 -7.75 -44.38 8.90
CA ILE D 55 -6.78 -44.45 7.85
C ILE D 55 -5.46 -45.01 8.33
N SER D 56 -4.71 -45.64 7.42
CA SER D 56 -3.32 -45.95 7.71
C SER D 56 -2.44 -44.88 7.04
N ILE D 57 -1.47 -44.38 7.79
CA ILE D 57 -0.61 -43.25 7.31
C ILE D 57 0.83 -43.69 7.30
N TYR D 58 1.48 -43.62 6.15
CA TYR D 58 2.87 -43.99 6.02
C TYR D 58 3.75 -42.78 5.72
N ASP D 59 4.82 -42.65 6.48
CA ASP D 59 5.86 -41.67 6.25
C ASP D 59 6.80 -42.31 5.23
N VAL D 60 7.10 -41.62 4.14
CA VAL D 60 7.68 -42.26 2.92
C VAL D 60 8.86 -41.48 2.41
N VAL D 61 9.91 -42.21 2.06
CA VAL D 61 11.06 -41.62 1.36
C VAL D 61 11.43 -42.53 0.22
N TYR D 62 11.78 -41.93 -0.91
CA TYR D 62 12.39 -42.70 -2.04
C TYR D 62 13.38 -41.75 -2.69
N ASP D 63 14.33 -42.29 -3.46
CA ASP D 63 15.38 -41.50 -4.08
C ASP D 63 14.92 -40.86 -5.37
N GLY D 64 15.32 -39.60 -5.58
CA GLY D 64 15.23 -39.01 -6.93
C GLY D 64 16.27 -39.63 -7.87
N ALA D 65 16.23 -39.28 -9.15
CA ALA D 65 17.17 -39.78 -10.15
C ALA D 65 18.64 -39.46 -9.91
N ASP D 66 18.91 -38.31 -9.36
CA ASP D 66 20.27 -37.96 -8.88
C ASP D 66 20.61 -38.35 -7.41
N GLY D 67 19.70 -39.00 -6.69
CA GLY D 67 19.94 -39.52 -5.30
C GLY D 67 19.27 -38.75 -4.17
N THR D 68 18.70 -37.58 -4.47
CA THR D 68 17.97 -36.76 -3.48
C THR D 68 16.87 -37.57 -2.75
N PRO D 69 16.88 -37.68 -1.37
CA PRO D 69 15.76 -38.35 -0.68
C PRO D 69 14.51 -37.46 -0.72
N ILE D 70 13.44 -37.94 -1.39
CA ILE D 70 12.19 -37.24 -1.58
C ILE D 70 11.28 -37.77 -0.54
N HIS D 71 10.70 -36.92 0.28
CA HIS D 71 9.78 -37.40 1.36
C HIS D 71 8.32 -37.13 1.03
N GLY D 72 7.44 -38.00 1.57
CA GLY D 72 6.01 -37.86 1.42
C GLY D 72 5.15 -38.48 2.50
N TRP D 73 3.84 -38.34 2.34
CA TRP D 73 2.83 -39.08 3.09
C TRP D 73 2.03 -39.88 2.10
N TYR D 74 1.92 -41.17 2.38
CA TYR D 74 1.09 -42.11 1.65
C TYR D 74 0.04 -42.63 2.63
N VAL D 75 -1.21 -42.49 2.20
CA VAL D 75 -2.39 -42.69 3.03
C VAL D 75 -3.32 -43.70 2.34
N THR D 76 -3.77 -44.69 3.10
CA THR D 76 -4.75 -45.67 2.61
C THR D 76 -5.91 -45.85 3.62
N PRO D 77 -7.07 -46.33 3.13
CA PRO D 77 -8.05 -46.90 4.07
C PRO D 77 -7.41 -47.96 4.96
N LYS D 78 -7.88 -48.04 6.18
CA LYS D 78 -7.37 -49.01 7.17
C LYS D 78 -7.60 -50.46 6.76
N GLY D 79 -6.81 -51.40 7.28
CA GLY D 79 -6.98 -52.85 7.02
C GLY D 79 -6.29 -53.28 5.72
N GLU D 80 -6.40 -54.57 5.43
CA GLU D 80 -5.71 -55.22 4.31
C GLU D 80 -6.52 -55.00 3.07
N HIS D 81 -5.86 -55.08 1.93
CA HIS D 81 -6.46 -54.88 0.63
C HIS D 81 -5.84 -55.90 -0.36
N GLN D 82 -6.65 -56.32 -1.30
CA GLN D 82 -6.28 -57.29 -2.30
C GLN D 82 -5.28 -56.64 -3.25
N PRO D 83 -4.37 -57.45 -3.81
CA PRO D 83 -3.47 -56.95 -4.84
C PRO D 83 -4.16 -56.16 -5.91
N GLY D 84 -3.61 -55.00 -6.28
CA GLY D 84 -4.15 -54.21 -7.39
C GLY D 84 -5.54 -53.62 -7.18
N SER D 85 -6.05 -53.45 -5.96
CA SER D 85 -7.45 -53.02 -5.78
C SER D 85 -7.68 -51.50 -5.70
N LEU D 86 -6.75 -50.74 -5.12
CA LEU D 86 -7.00 -49.34 -4.83
C LEU D 86 -6.66 -48.38 -5.92
N PRO D 87 -7.61 -47.55 -6.37
CA PRO D 87 -7.22 -46.30 -7.10
C PRO D 87 -6.30 -45.39 -6.29
N VAL D 88 -5.53 -44.58 -6.97
CA VAL D 88 -4.53 -43.77 -6.23
C VAL D 88 -4.44 -42.32 -6.76
N LEU D 89 -4.27 -41.38 -5.85
CA LEU D 89 -4.14 -39.97 -6.19
C LEU D 89 -2.81 -39.48 -5.76
N VAL D 90 -2.12 -38.84 -6.69
CA VAL D 90 -0.84 -38.15 -6.45
C VAL D 90 -1.00 -36.66 -6.45
N LYS D 91 -0.58 -36.06 -5.33
CA LYS D 91 -0.73 -34.65 -5.08
C LYS D 91 0.63 -33.93 -5.10
N TYR D 92 0.75 -32.85 -5.87
CA TYR D 92 1.94 -32.02 -6.02
C TYR D 92 1.58 -30.66 -5.55
N HIS D 93 2.52 -29.97 -4.89
CA HIS D 93 2.21 -28.81 -4.12
C HIS D 93 2.73 -27.56 -4.77
N GLY D 94 2.29 -26.44 -4.21
CA GLY D 94 2.60 -25.10 -4.68
C GLY D 94 4.00 -24.57 -4.35
N TYR D 95 4.35 -23.46 -4.96
CA TYR D 95 5.70 -23.00 -4.98
C TYR D 95 6.09 -22.58 -3.58
N SER D 96 7.15 -23.22 -3.06
CA SER D 96 7.72 -23.00 -1.69
C SER D 96 7.09 -23.84 -0.60
N GLY D 97 6.05 -24.63 -0.95
CA GLY D 97 5.31 -25.46 -0.02
C GLY D 97 6.00 -26.82 0.21
N ASN D 98 5.21 -27.86 0.53
CA ASN D 98 5.71 -29.12 1.01
C ASN D 98 4.56 -30.15 0.96
N ARG D 99 4.89 -31.34 1.35
CA ARG D 99 3.96 -32.45 1.42
C ARG D 99 2.72 -32.25 2.33
N GLY D 100 2.71 -31.24 3.19
CA GLY D 100 1.50 -30.92 3.99
C GLY D 100 1.37 -31.89 5.14
N TYR D 101 0.14 -32.10 5.57
CA TYR D 101 -0.21 -32.93 6.71
C TYR D 101 -1.05 -34.11 6.25
N PRO D 102 -0.94 -35.28 6.91
CA PRO D 102 -1.73 -36.44 6.45
C PRO D 102 -3.25 -36.22 6.36
N ASN D 103 -3.81 -35.43 7.29
CA ASN D 103 -5.29 -35.15 7.27
C ASN D 103 -5.79 -34.50 5.97
N GLU D 104 -4.92 -33.88 5.17
CA GLU D 104 -5.40 -33.29 3.89
C GLU D 104 -5.66 -34.34 2.83
N LEU D 105 -5.25 -35.59 3.05
CA LEU D 105 -5.54 -36.69 2.13
C LEU D 105 -6.66 -37.60 2.63
N LEU D 106 -7.30 -37.19 3.71
CA LEU D 106 -8.38 -37.95 4.31
C LEU D 106 -9.56 -38.17 3.37
N GLN D 107 -9.98 -37.13 2.66
CA GLN D 107 -11.04 -37.26 1.64
C GLN D 107 -10.91 -38.40 0.63
N TRP D 108 -9.69 -38.64 0.13
CA TRP D 108 -9.44 -39.72 -0.84
C TRP D 108 -9.54 -41.08 -0.17
N ALA D 109 -9.05 -41.23 1.06
CA ALA D 109 -9.19 -42.52 1.78
C ALA D 109 -10.63 -42.91 2.14
N SER D 110 -11.44 -41.91 2.44
CA SER D 110 -12.82 -42.15 2.81
C SER D 110 -13.64 -42.50 1.52
N MET D 111 -13.19 -42.06 0.34
CA MET D 111 -13.66 -42.60 -0.96
C MET D 111 -13.11 -44.00 -1.33
N GLY D 112 -12.36 -44.64 -0.44
CA GLY D 112 -11.83 -46.00 -0.68
C GLY D 112 -10.55 -46.06 -1.55
N MET D 113 -9.83 -44.93 -1.64
CA MET D 113 -8.64 -44.76 -2.49
C MET D 113 -7.39 -44.51 -1.67
N ALA D 114 -6.21 -44.82 -2.27
CA ALA D 114 -4.95 -44.45 -1.69
C ALA D 114 -4.59 -43.05 -2.15
N ALA D 115 -3.65 -42.43 -1.46
CA ALA D 115 -3.12 -41.14 -1.92
C ALA D 115 -1.71 -40.85 -1.44
N LEU D 116 -1.00 -40.07 -2.25
CA LEU D 116 0.37 -39.71 -2.01
C LEU D 116 0.62 -38.21 -2.24
N ALA D 117 1.18 -37.59 -1.24
CA ALA D 117 1.65 -36.18 -1.28
C ALA D 117 3.17 -36.16 -1.06
N ILE D 118 3.93 -35.56 -2.00
CA ILE D 118 5.37 -35.43 -1.93
C ILE D 118 5.84 -33.97 -1.79
N ASP D 119 7.01 -33.80 -1.18
CA ASP D 119 7.78 -32.56 -1.28
C ASP D 119 8.39 -32.40 -2.69
N VAL D 120 8.38 -31.16 -3.19
CA VAL D 120 9.23 -30.73 -4.27
C VAL D 120 10.60 -30.32 -3.66
N ARG D 121 11.65 -30.86 -4.28
CA ARG D 121 13.05 -30.72 -3.87
C ARG D 121 13.56 -29.26 -3.64
N GLY D 122 14.15 -29.06 -2.47
CA GLY D 122 14.65 -27.78 -2.10
C GLY D 122 13.65 -26.80 -1.54
N GLN D 123 12.34 -27.14 -1.49
CA GLN D 123 11.30 -26.15 -1.09
C GLN D 123 11.07 -26.29 0.42
N GLY D 124 9.96 -25.82 0.96
CA GLY D 124 9.81 -25.64 2.41
C GLY D 124 9.46 -26.87 3.20
N GLY D 125 10.13 -27.98 2.94
CA GLY D 125 9.99 -29.22 3.69
C GLY D 125 11.31 -29.85 4.02
N VAL D 126 11.31 -31.15 4.32
CA VAL D 126 12.53 -31.81 4.70
C VAL D 126 13.38 -32.36 3.56
N THR D 127 12.93 -32.18 2.30
CA THR D 127 13.59 -32.74 1.10
C THR D 127 14.57 -31.71 0.54
N PRO D 128 15.86 -32.04 0.54
CA PRO D 128 16.86 -31.08 0.04
C PRO D 128 16.85 -31.20 -1.49
N ASP D 129 17.71 -30.44 -2.14
CA ASP D 129 17.98 -30.46 -3.58
C ASP D 129 19.44 -30.75 -3.82
N ARG D 130 19.76 -31.98 -4.19
CA ARG D 130 21.13 -32.35 -4.40
C ARG D 130 21.70 -32.06 -5.81
N ALA D 131 20.89 -31.63 -6.79
CA ALA D 131 21.42 -31.17 -8.07
C ALA D 131 22.43 -30.02 -7.84
N GLU D 132 23.41 -29.95 -8.74
CA GLU D 132 24.44 -28.89 -8.78
C GLU D 132 24.14 -28.07 -10.01
N TYR D 133 24.29 -26.76 -9.88
CA TYR D 133 23.99 -25.85 -10.97
C TYR D 133 25.26 -25.11 -11.34
N PRO D 134 25.38 -24.67 -12.62
CA PRO D 134 26.63 -24.08 -13.10
C PRO D 134 26.93 -22.65 -12.58
N GLN D 135 25.90 -21.94 -12.12
CA GLN D 135 25.99 -20.51 -11.75
C GLN D 135 25.15 -20.28 -10.52
N GLY D 136 25.07 -19.03 -10.08
CA GLY D 136 24.16 -18.70 -8.99
C GLY D 136 22.79 -18.45 -9.54
N GLY D 137 21.97 -17.75 -8.75
CA GLY D 137 20.69 -17.30 -9.23
C GLY D 137 20.04 -16.27 -8.35
N ILE D 138 18.83 -15.94 -8.76
CA ILE D 138 17.84 -15.17 -7.98
C ILE D 138 17.29 -16.00 -6.82
N PRO D 139 16.92 -15.32 -5.67
CA PRO D 139 16.32 -16.09 -4.56
C PRO D 139 15.12 -16.87 -5.03
N GLY D 140 15.03 -18.14 -4.62
CA GLY D 140 14.05 -19.08 -5.16
C GLY D 140 14.69 -20.16 -6.08
N TRP D 141 13.90 -20.72 -6.99
CA TRP D 141 14.31 -21.91 -7.75
C TRP D 141 14.13 -21.81 -9.26
N MET D 142 13.38 -20.82 -9.71
CA MET D 142 13.01 -20.69 -11.12
C MET D 142 14.19 -20.34 -12.02
N THR D 143 15.31 -19.85 -11.46
CA THR D 143 16.40 -19.42 -12.30
C THR D 143 17.59 -20.34 -12.24
N LEU D 144 17.54 -21.39 -11.45
CA LEU D 144 18.69 -22.25 -11.34
C LEU D 144 18.86 -23.05 -12.58
N GLY D 145 20.05 -22.90 -13.18
CA GLY D 145 20.43 -23.66 -14.35
C GLY D 145 19.67 -23.18 -15.58
N ILE D 146 19.23 -21.94 -15.57
CA ILE D 146 18.29 -21.53 -16.59
C ILE D 146 18.90 -21.47 -17.97
N LEU D 147 20.23 -21.47 -18.07
CA LEU D 147 20.88 -21.37 -19.40
C LEU D 147 21.05 -22.68 -20.16
N ASP D 148 20.67 -23.78 -19.54
CA ASP D 148 20.76 -25.06 -20.20
C ASP D 148 19.70 -26.00 -19.60
N PRO D 149 18.79 -26.50 -20.45
CA PRO D 149 17.69 -27.38 -19.98
C PRO D 149 18.16 -28.66 -19.33
N ALA D 150 19.29 -29.20 -19.77
CA ALA D 150 19.91 -30.31 -19.15
C ALA D 150 20.24 -30.08 -17.63
N SER D 151 20.46 -28.83 -17.24
CA SER D 151 20.85 -28.49 -15.84
C SER D 151 19.74 -27.68 -15.08
N TYR D 152 18.62 -27.41 -15.76
CA TYR D 152 17.55 -26.58 -15.19
C TYR D 152 16.87 -27.21 -13.97
N TYR D 153 16.52 -26.34 -13.03
CA TYR D 153 15.87 -26.78 -11.77
C TYR D 153 14.77 -27.82 -11.97
N TYR D 154 13.82 -27.53 -12.82
CA TYR D 154 12.66 -28.39 -13.04
C TYR D 154 12.85 -29.71 -13.78
N LYS D 155 14.05 -30.03 -14.33
CA LYS D 155 14.27 -31.40 -14.87
C LYS D 155 14.24 -32.44 -13.84
N GLN D 156 15.09 -32.33 -12.83
CA GLN D 156 15.03 -33.28 -11.74
C GLN D 156 13.69 -33.21 -10.98
N VAL D 157 13.05 -32.05 -10.92
CA VAL D 157 11.70 -31.99 -10.33
C VAL D 157 10.68 -32.79 -11.14
N TYR D 158 10.73 -32.70 -12.45
CA TYR D 158 9.71 -33.38 -13.26
C TYR D 158 9.94 -34.89 -13.13
N LEU D 159 11.22 -35.30 -13.01
CA LEU D 159 11.56 -36.68 -12.82
C LEU D 159 11.16 -37.21 -11.46
N ASP D 160 11.29 -36.42 -10.39
CA ASP D 160 10.82 -36.89 -9.08
C ASP D 160 9.29 -37.11 -9.12
N CYS D 161 8.56 -36.18 -9.75
CA CYS D 161 7.12 -36.35 -10.00
C CYS D 161 6.71 -37.63 -10.74
N ILE D 162 7.53 -38.06 -11.71
CA ILE D 162 7.35 -39.33 -12.41
C ILE D 162 7.68 -40.48 -11.52
N ARG D 163 8.74 -40.34 -10.75
CA ARG D 163 9.12 -41.38 -9.79
C ARG D 163 8.14 -41.61 -8.62
N ALA D 164 7.36 -40.60 -8.30
CA ALA D 164 6.23 -40.74 -7.34
C ALA D 164 5.19 -41.73 -7.89
N LEU D 165 4.96 -41.70 -9.21
CA LEU D 165 4.08 -42.63 -9.86
C LEU D 165 4.66 -44.03 -9.84
N ASP D 166 5.98 -44.15 -9.99
CA ASP D 166 6.65 -45.45 -9.84
C ASP D 166 6.54 -45.83 -8.41
N PHE D 167 6.67 -44.91 -7.46
CA PHE D 167 6.49 -45.35 -6.06
C PHE D 167 5.09 -45.96 -5.89
N VAL D 168 4.04 -45.30 -6.33
CA VAL D 168 2.70 -45.87 -6.09
C VAL D 168 2.46 -47.19 -6.82
N CYS D 169 2.85 -47.32 -8.09
CA CYS D 169 2.77 -48.61 -8.76
C CYS D 169 3.58 -49.74 -8.13
N SER D 170 4.61 -49.43 -7.35
CA SER D 170 5.36 -50.45 -6.59
C SER D 170 4.62 -50.98 -5.37
N ARG D 171 3.55 -50.31 -4.94
CA ARG D 171 2.74 -50.80 -3.81
C ARG D 171 1.82 -51.93 -4.26
N GLU D 172 1.87 -53.06 -3.55
CA GLU D 172 1.07 -54.27 -3.91
C GLU D 172 -0.44 -53.96 -4.08
N GLU D 173 -1.01 -53.30 -3.07
CA GLU D 173 -2.44 -52.85 -3.03
C GLU D 173 -2.94 -51.87 -4.09
N VAL D 174 -2.05 -51.22 -4.81
CA VAL D 174 -2.45 -50.15 -5.72
C VAL D 174 -2.81 -50.73 -7.09
N ASP D 175 -3.77 -50.06 -7.77
CA ASP D 175 -4.21 -50.36 -9.16
C ASP D 175 -3.62 -49.31 -10.10
N ALA D 176 -2.62 -49.74 -10.84
CA ALA D 176 -1.88 -48.94 -11.81
C ALA D 176 -2.72 -48.32 -12.93
N SER D 177 -3.85 -48.95 -13.25
CA SER D 177 -4.68 -48.41 -14.30
C SER D 177 -5.61 -47.28 -13.79
N ARG D 178 -5.62 -47.03 -12.46
CA ARG D 178 -6.45 -45.96 -11.87
C ARG D 178 -5.65 -44.93 -11.01
N ILE D 179 -4.79 -44.16 -11.71
CA ILE D 179 -3.97 -43.12 -11.13
C ILE D 179 -4.48 -41.73 -11.54
N ALA D 180 -4.76 -40.88 -10.58
CA ALA D 180 -5.01 -39.46 -10.85
C ALA D 180 -3.84 -38.59 -10.31
N VAL D 181 -3.62 -37.44 -10.94
CA VAL D 181 -2.54 -36.49 -10.47
C VAL D 181 -3.23 -35.17 -10.39
N TYR D 182 -3.04 -34.46 -9.30
CA TYR D 182 -3.65 -33.13 -9.13
C TYR D 182 -2.73 -32.19 -8.37
N GLY D 183 -3.06 -30.92 -8.46
CA GLY D 183 -2.31 -29.93 -7.74
C GLY D 183 -2.69 -28.54 -8.15
N GLY D 184 -2.34 -27.60 -7.30
CA GLY D 184 -2.64 -26.18 -7.55
C GLY D 184 -1.41 -25.36 -7.79
N SER D 185 -1.54 -24.39 -8.67
CA SER D 185 -0.48 -23.49 -9.05
C SER D 185 0.77 -24.30 -9.57
N GLN D 186 1.95 -24.28 -8.92
CA GLN D 186 3.09 -25.14 -9.30
C GLN D 186 2.69 -26.65 -9.32
N GLY D 187 1.88 -27.06 -8.36
CA GLY D 187 1.35 -28.41 -8.37
C GLY D 187 0.54 -28.71 -9.64
N GLY D 188 -0.15 -27.71 -10.18
CA GLY D 188 -0.94 -27.88 -11.41
C GLY D 188 -0.08 -28.09 -12.67
N GLY D 189 0.99 -27.28 -12.74
CA GLY D 189 2.10 -27.48 -13.60
C GLY D 189 2.73 -28.84 -13.48
N LEU D 190 3.00 -29.32 -12.27
CA LEU D 190 3.61 -30.64 -12.12
C LEU D 190 2.66 -31.76 -12.54
N ALA D 191 1.39 -31.62 -12.21
CA ALA D 191 0.36 -32.53 -12.76
C ALA D 191 0.29 -32.59 -14.31
N LEU D 192 0.35 -31.42 -14.98
CA LEU D 192 0.44 -31.34 -16.42
C LEU D 192 1.67 -32.04 -16.94
N ALA D 193 2.82 -31.83 -16.27
CA ALA D 193 4.11 -32.49 -16.62
C ALA D 193 4.02 -33.98 -16.46
N ALA D 194 3.55 -34.43 -15.30
CA ALA D 194 3.35 -35.88 -15.06
C ALA D 194 2.46 -36.57 -16.11
N ALA D 195 1.35 -35.96 -16.52
CA ALA D 195 0.42 -36.59 -17.47
C ALA D 195 0.97 -36.50 -18.93
N GLY D 196 1.77 -35.51 -19.25
CA GLY D 196 2.26 -35.31 -20.61
C GLY D 196 3.51 -36.10 -20.92
N LEU D 197 4.30 -36.44 -19.89
CA LEU D 197 5.53 -37.18 -20.02
C LEU D 197 5.41 -38.65 -19.67
N ASP D 198 4.31 -39.04 -19.05
CA ASP D 198 4.12 -40.40 -18.62
C ASP D 198 2.72 -40.82 -19.05
N SER D 199 2.59 -42.10 -19.38
CA SER D 199 1.36 -42.62 -19.96
C SER D 199 0.43 -43.17 -18.90
N ARG D 200 0.97 -43.42 -17.70
CA ARG D 200 0.21 -44.05 -16.66
C ARG D 200 -0.96 -43.26 -16.09
N PRO D 201 -0.84 -41.93 -15.84
CA PRO D 201 -2.01 -41.27 -15.23
C PRO D 201 -3.28 -41.26 -16.11
N LYS D 202 -4.40 -41.64 -15.52
CA LYS D 202 -5.65 -41.67 -16.19
C LYS D 202 -6.36 -40.30 -16.13
N LEU D 203 -6.27 -39.61 -14.98
CA LEU D 203 -6.88 -38.29 -14.84
C LEU D 203 -5.82 -37.26 -14.39
N ALA D 204 -6.08 -35.99 -14.71
CA ALA D 204 -5.20 -34.86 -14.38
C ALA D 204 -6.12 -33.76 -13.91
N LEU D 205 -5.84 -33.16 -12.75
CA LEU D 205 -6.70 -32.12 -12.18
C LEU D 205 -5.86 -30.92 -11.77
N PRO D 206 -5.47 -30.12 -12.76
CA PRO D 206 -4.69 -28.91 -12.46
C PRO D 206 -5.60 -27.74 -12.12
N VAL D 207 -5.26 -27.05 -11.06
CA VAL D 207 -5.88 -25.84 -10.64
C VAL D 207 -4.90 -24.71 -10.89
N PHE D 208 -5.40 -23.61 -11.46
CA PHE D 208 -4.63 -22.47 -11.94
C PHE D 208 -3.12 -22.69 -12.13
N PRO D 209 -2.77 -23.55 -13.08
CA PRO D 209 -1.41 -24.07 -13.19
C PRO D 209 -0.38 -22.99 -13.54
N PHE D 210 0.76 -23.09 -12.86
CA PHE D 210 1.97 -22.31 -13.02
C PHE D 210 2.78 -23.08 -14.09
N LEU D 211 3.84 -22.48 -14.60
CA LEU D 211 4.76 -23.12 -15.56
C LEU D 211 4.11 -23.31 -16.93
N CYS D 212 3.40 -22.28 -17.39
CA CYS D 212 2.61 -22.27 -18.61
C CYS D 212 2.87 -20.99 -19.35
N HIS D 213 3.27 -21.15 -20.61
CA HIS D 213 3.37 -20.04 -21.57
C HIS D 213 4.34 -18.98 -21.04
N PHE D 214 5.51 -19.46 -20.64
CA PHE D 214 6.49 -18.68 -19.89
C PHE D 214 6.73 -17.24 -20.41
N ARG D 215 6.82 -17.07 -21.72
CA ARG D 215 7.15 -15.79 -22.32
C ARG D 215 6.02 -14.80 -22.21
N ARG D 216 4.78 -15.29 -22.33
CA ARG D 216 3.67 -14.44 -22.04
C ARG D 216 3.62 -14.09 -20.54
N SER D 217 3.78 -15.08 -19.67
CA SER D 217 3.62 -14.81 -18.25
C SER D 217 4.62 -13.72 -17.79
N VAL D 218 5.83 -13.75 -18.30
CA VAL D 218 6.81 -12.69 -17.99
C VAL D 218 6.42 -11.36 -18.65
N GLU D 219 5.97 -11.40 -19.92
CA GLU D 219 5.74 -10.19 -20.72
C GLU D 219 4.61 -9.30 -20.21
N ILE D 220 3.57 -9.93 -19.70
CA ILE D 220 2.44 -9.22 -19.11
C ILE D 220 2.58 -8.94 -17.62
N HIS D 221 3.74 -9.29 -17.04
CA HIS D 221 4.12 -8.94 -15.66
C HIS D 221 3.28 -9.68 -14.61
N ALA D 222 3.06 -10.99 -14.81
CA ALA D 222 2.49 -11.82 -13.77
C ALA D 222 3.34 -11.62 -12.48
N SER D 223 2.64 -11.49 -11.35
CA SER D 223 3.24 -11.47 -10.00
C SER D 223 3.59 -12.86 -9.53
N GLY D 224 4.19 -12.95 -8.36
CA GLY D 224 4.63 -14.23 -7.86
C GLY D 224 5.90 -14.64 -8.56
N PRO D 225 6.24 -15.92 -8.54
CA PRO D 225 7.53 -16.42 -9.00
C PRO D 225 7.94 -16.24 -10.43
N TYR D 226 7.02 -16.02 -11.36
CA TYR D 226 7.42 -15.62 -12.71
C TYR D 226 8.33 -14.40 -12.63
N VAL D 227 8.12 -13.53 -11.64
CA VAL D 227 9.02 -12.36 -11.41
C VAL D 227 10.53 -12.71 -11.30
N GLU D 228 10.88 -13.94 -10.84
CA GLU D 228 12.26 -14.34 -10.73
C GLU D 228 12.94 -14.31 -12.10
N ILE D 229 12.21 -14.64 -13.17
CA ILE D 229 12.80 -14.58 -14.49
C ILE D 229 13.13 -13.17 -14.94
N LYS D 230 12.26 -12.20 -14.64
CA LYS D 230 12.54 -10.79 -15.02
C LYS D 230 13.72 -10.29 -14.22
N ASN D 231 13.76 -10.67 -12.92
CA ASN D 231 14.91 -10.37 -12.09
C ASN D 231 16.18 -10.98 -12.57
N TRP D 232 16.10 -12.17 -13.20
CA TRP D 232 17.26 -12.75 -13.81
C TRP D 232 17.82 -11.84 -14.89
N PHE D 233 16.97 -11.34 -15.78
CA PHE D 233 17.44 -10.45 -16.85
C PHE D 233 18.07 -9.20 -16.21
N ARG D 234 17.44 -8.66 -15.18
CA ARG D 234 17.91 -7.51 -14.46
C ARG D 234 19.33 -7.66 -14.03
N ARG D 235 19.72 -8.86 -13.59
CA ARG D 235 21.04 -9.09 -13.00
C ARG D 235 22.08 -9.63 -13.92
N TYR D 236 21.68 -10.46 -14.87
CA TYR D 236 22.60 -11.18 -15.75
C TYR D 236 22.61 -10.64 -17.17
N ASP D 237 21.50 -10.06 -17.62
CA ASP D 237 21.32 -9.72 -19.04
C ASP D 237 20.35 -8.53 -19.24
N PRO D 238 20.78 -7.33 -18.82
CA PRO D 238 19.98 -6.11 -18.97
C PRO D 238 19.42 -5.82 -20.36
N GLU D 239 20.21 -6.08 -21.39
CA GLU D 239 19.78 -5.79 -22.79
C GLU D 239 19.09 -7.00 -23.49
N HIS D 240 18.83 -8.10 -22.76
CA HIS D 240 18.15 -9.26 -23.33
C HIS D 240 18.92 -9.96 -24.47
N ARG D 241 20.25 -9.87 -24.47
CA ARG D 241 21.11 -10.61 -25.40
C ARG D 241 20.95 -12.17 -25.36
N GLN D 242 20.57 -12.74 -24.21
CA GLN D 242 20.39 -14.17 -24.03
C GLN D 242 18.93 -14.59 -23.90
N GLU D 243 18.03 -13.67 -24.19
CA GLU D 243 16.58 -13.85 -24.19
C GLU D 243 16.17 -15.15 -24.91
N GLU D 244 16.70 -15.37 -26.11
CA GLU D 244 16.31 -16.49 -26.93
C GLU D 244 16.71 -17.80 -26.24
N GLN D 245 17.89 -17.85 -25.63
CA GLN D 245 18.34 -19.05 -24.92
C GLN D 245 17.56 -19.30 -23.57
N VAL D 246 17.16 -18.22 -22.89
CA VAL D 246 16.35 -18.36 -21.64
C VAL D 246 14.99 -19.02 -21.98
N TYR D 247 14.30 -18.47 -22.96
CA TYR D 247 13.00 -19.00 -23.42
C TYR D 247 13.05 -20.37 -24.10
N ARG D 248 14.16 -20.69 -24.70
CA ARG D 248 14.41 -22.02 -25.21
C ARG D 248 14.53 -23.05 -24.12
N THR D 249 15.38 -22.75 -23.14
CA THR D 249 15.41 -23.63 -21.95
C THR D 249 14.04 -23.87 -21.34
N LEU D 250 13.30 -22.82 -21.09
CA LEU D 250 11.99 -22.97 -20.44
C LEU D 250 10.92 -23.61 -21.35
N SER D 251 11.11 -23.57 -22.67
CA SER D 251 10.14 -24.20 -23.55
C SER D 251 10.08 -25.73 -23.26
N TYR D 252 11.16 -26.36 -22.81
CA TYR D 252 11.12 -27.78 -22.54
C TYR D 252 10.30 -28.14 -21.31
N PHE D 253 9.95 -27.16 -20.47
CA PHE D 253 9.25 -27.38 -19.21
C PHE D 253 7.87 -26.83 -19.19
N ASP D 254 7.49 -26.25 -20.34
CA ASP D 254 6.31 -25.46 -20.44
C ASP D 254 5.08 -26.37 -20.58
N GLY D 255 4.08 -26.09 -19.74
CA GLY D 255 2.82 -26.81 -19.64
C GLY D 255 1.97 -26.83 -20.89
N MET D 256 1.97 -25.74 -21.61
CA MET D 256 1.36 -25.68 -22.91
C MET D 256 1.93 -26.76 -23.85
N ASN D 257 3.26 -26.98 -23.82
CA ASN D 257 3.87 -28.04 -24.64
C ASN D 257 3.53 -29.46 -24.11
N MET D 258 3.50 -29.60 -22.78
CA MET D 258 3.11 -30.87 -22.14
C MET D 258 1.67 -31.28 -22.48
N ALA D 259 0.80 -30.29 -22.56
CA ALA D 259 -0.64 -30.44 -22.66
C ALA D 259 -0.99 -31.08 -23.98
N SER D 260 -0.36 -30.60 -25.07
CA SER D 260 -0.42 -31.26 -26.42
C SER D 260 -0.05 -32.76 -26.43
N ARG D 261 0.64 -33.26 -25.43
CA ARG D 261 0.94 -34.71 -25.33
C ARG D 261 0.13 -35.41 -24.24
N ILE D 262 -0.83 -34.69 -23.63
CA ILE D 262 -1.71 -35.33 -22.64
C ILE D 262 -2.95 -35.95 -23.34
N LYS D 263 -3.12 -37.24 -23.14
CA LYS D 263 -4.33 -37.98 -23.52
C LYS D 263 -5.28 -38.19 -22.33
N ALA D 264 -4.79 -38.22 -21.09
CA ALA D 264 -5.65 -38.28 -19.93
C ALA D 264 -6.81 -37.27 -20.03
N ARG D 265 -7.94 -37.63 -19.43
CA ARG D 265 -9.05 -36.72 -19.23
C ARG D 265 -8.67 -35.70 -18.15
N THR D 266 -8.99 -34.42 -18.38
CA THR D 266 -8.52 -33.36 -17.52
C THR D 266 -9.66 -32.50 -17.04
N LEU D 267 -9.70 -32.22 -15.74
CA LEU D 267 -10.52 -31.13 -15.18
C LEU D 267 -9.61 -29.91 -14.78
N MET D 268 -9.72 -28.78 -15.43
CA MET D 268 -8.84 -27.63 -15.06
C MET D 268 -9.67 -26.59 -14.34
N ALA D 269 -9.20 -26.02 -13.21
CA ALA D 269 -9.81 -24.76 -12.73
C ALA D 269 -9.01 -23.53 -13.15
N ILE D 270 -9.74 -22.52 -13.57
CA ILE D 270 -9.22 -21.25 -14.01
C ILE D 270 -9.94 -20.15 -13.29
N THR D 271 -9.15 -19.29 -12.66
CA THR D 271 -9.64 -18.12 -11.97
C THR D 271 -9.32 -16.90 -12.80
N LEU D 272 -10.34 -16.11 -13.00
CA LEU D 272 -10.32 -15.09 -13.98
C LEU D 272 -9.61 -13.83 -13.50
N GLN D 273 -9.53 -13.60 -12.19
CA GLN D 273 -8.83 -12.42 -11.64
C GLN D 273 -7.42 -12.76 -11.16
N ASP D 274 -6.94 -13.95 -11.51
CA ASP D 274 -5.63 -14.39 -11.05
C ASP D 274 -4.50 -13.54 -11.68
N ILE D 275 -3.61 -12.98 -10.85
CA ILE D 275 -2.44 -12.22 -11.40
C ILE D 275 -1.08 -12.91 -11.24
N THR D 276 -1.07 -14.10 -10.64
CA THR D 276 0.10 -14.92 -10.42
C THR D 276 0.15 -15.95 -11.51
N CYS D 277 -1.01 -16.54 -11.82
CA CYS D 277 -1.18 -17.44 -12.96
C CYS D 277 -2.29 -16.90 -13.86
N PRO D 278 -1.92 -15.98 -14.76
CA PRO D 278 -2.93 -15.26 -15.53
C PRO D 278 -3.76 -16.21 -16.45
N PRO D 279 -5.07 -15.93 -16.63
CA PRO D 279 -5.87 -16.96 -17.27
C PRO D 279 -5.52 -17.18 -18.76
N SER D 280 -4.89 -16.21 -19.40
CA SER D 280 -4.51 -16.39 -20.80
C SER D 280 -3.50 -17.51 -20.85
N THR D 281 -2.64 -17.62 -19.85
CA THR D 281 -1.63 -18.68 -19.85
C THR D 281 -2.20 -20.07 -19.55
N CYS D 282 -3.14 -20.13 -18.62
CA CYS D 282 -3.88 -21.35 -18.30
C CYS D 282 -4.69 -21.86 -19.48
N PHE D 283 -5.43 -20.94 -20.13
CA PHE D 283 -6.24 -21.31 -21.30
C PHE D 283 -5.36 -21.75 -22.48
N ALA D 284 -4.17 -21.13 -22.62
CA ALA D 284 -3.19 -21.54 -23.63
C ALA D 284 -2.85 -23.02 -23.46
N ALA D 285 -2.67 -23.48 -22.21
CA ALA D 285 -2.52 -24.92 -22.00
C ALA D 285 -3.82 -25.74 -22.19
N TYR D 286 -4.91 -25.31 -21.62
CA TYR D 286 -6.18 -26.03 -21.71
C TYR D 286 -6.51 -26.27 -23.19
N ASN D 287 -6.42 -25.21 -24.03
CA ASN D 287 -6.71 -25.39 -25.47
C ASN D 287 -5.71 -26.15 -26.30
N HIS D 288 -4.60 -26.61 -25.74
CA HIS D 288 -3.74 -27.55 -26.48
C HIS D 288 -3.88 -28.96 -25.94
N LEU D 289 -4.64 -29.21 -24.87
CA LEU D 289 -4.85 -30.58 -24.36
C LEU D 289 -5.32 -31.51 -25.48
N ALA D 290 -4.80 -32.72 -25.57
CA ALA D 290 -5.13 -33.66 -26.69
C ALA D 290 -6.15 -34.75 -26.29
N GLY D 291 -6.79 -34.67 -25.12
CA GLY D 291 -7.75 -35.69 -24.67
C GLY D 291 -9.04 -34.98 -24.29
N PRO D 292 -10.02 -35.74 -23.77
CA PRO D 292 -11.24 -35.06 -23.31
C PRO D 292 -10.95 -34.12 -22.09
N LYS D 293 -11.62 -32.98 -22.07
CA LYS D 293 -11.33 -31.93 -21.14
C LYS D 293 -12.62 -31.24 -20.64
N GLU D 294 -12.56 -30.72 -19.41
CA GLU D 294 -13.55 -29.78 -18.86
C GLU D 294 -12.83 -28.66 -18.13
N VAL D 295 -13.49 -27.53 -18.05
CA VAL D 295 -12.97 -26.37 -17.38
C VAL D 295 -14.06 -25.91 -16.39
N ARG D 296 -13.64 -25.49 -15.21
CA ARG D 296 -14.46 -24.68 -14.38
C ARG D 296 -13.78 -23.30 -14.31
N LEU D 297 -14.57 -22.26 -14.60
CA LEU D 297 -14.13 -20.88 -14.70
C LEU D 297 -14.77 -20.09 -13.58
N TYR D 298 -13.95 -19.52 -12.71
CA TYR D 298 -14.47 -18.81 -11.56
C TYR D 298 -14.19 -17.32 -11.75
N HIS D 299 -15.23 -16.60 -12.16
CA HIS D 299 -15.12 -15.21 -12.61
C HIS D 299 -14.44 -14.22 -11.66
N ASP D 300 -14.69 -14.35 -10.35
CA ASP D 300 -14.35 -13.31 -9.34
C ASP D 300 -13.37 -13.80 -8.27
N TYR D 301 -12.55 -14.76 -8.65
CA TYR D 301 -11.54 -15.29 -7.78
C TYR D 301 -10.24 -15.05 -8.47
N GLY D 302 -9.23 -14.92 -7.63
CA GLY D 302 -7.88 -14.78 -8.07
C GLY D 302 -7.13 -16.01 -7.67
N HIS D 303 -5.86 -15.79 -7.30
CA HIS D 303 -5.02 -16.87 -6.90
C HIS D 303 -5.26 -17.12 -5.43
N GLU D 304 -6.19 -18.02 -5.08
CA GLU D 304 -6.60 -18.22 -3.66
C GLU D 304 -7.30 -19.56 -3.47
N GLY D 305 -7.61 -19.92 -2.24
CA GLY D 305 -8.42 -21.09 -1.92
C GLY D 305 -9.72 -21.08 -2.68
N LEU D 306 -10.19 -22.27 -3.02
CA LEU D 306 -11.45 -22.41 -3.78
C LEU D 306 -12.22 -23.53 -3.08
N PRO D 307 -12.86 -23.24 -1.92
CA PRO D 307 -13.53 -24.34 -1.15
C PRO D 307 -14.64 -25.10 -1.93
N PHE D 308 -15.37 -24.40 -2.81
CA PHE D 308 -16.31 -25.05 -3.80
C PHE D 308 -15.64 -26.02 -4.77
N HIS D 309 -14.37 -25.81 -5.11
CA HIS D 309 -13.75 -26.70 -6.06
C HIS D 309 -13.49 -28.09 -5.49
N GLU D 310 -13.46 -28.26 -4.17
CA GLU D 310 -13.15 -29.58 -3.60
C GLU D 310 -14.24 -30.62 -4.03
N GLU D 311 -15.51 -30.17 -3.95
CA GLU D 311 -16.64 -30.98 -4.34
C GLU D 311 -16.64 -31.30 -5.85
N ALA D 312 -16.28 -30.33 -6.69
CA ALA D 312 -16.19 -30.54 -8.16
C ALA D 312 -15.15 -31.61 -8.50
N MET D 313 -13.99 -31.54 -7.84
CA MET D 313 -12.94 -32.56 -8.00
C MET D 313 -13.34 -33.94 -7.53
N MET D 314 -13.97 -34.02 -6.36
CA MET D 314 -14.45 -35.30 -5.86
C MET D 314 -15.48 -35.92 -6.80
N ARG D 315 -16.32 -35.13 -7.38
CA ARG D 315 -17.34 -35.60 -8.35
C ARG D 315 -16.68 -36.13 -9.63
N PHE D 316 -15.80 -35.33 -10.23
CA PHE D 316 -14.96 -35.77 -11.35
C PHE D 316 -14.24 -37.12 -11.11
N ILE D 317 -13.65 -37.32 -9.96
CA ILE D 317 -12.92 -38.50 -9.63
C ILE D 317 -13.85 -39.69 -9.43
N GLU D 318 -14.93 -39.53 -8.66
CA GLU D 318 -16.01 -40.54 -8.57
C GLU D 318 -16.53 -40.91 -9.96
N ALA D 319 -16.78 -39.93 -10.84
CA ALA D 319 -17.28 -40.21 -12.19
C ALA D 319 -16.29 -41.03 -13.03
N TYR D 320 -15.01 -40.68 -12.98
CA TYR D 320 -14.06 -41.10 -14.02
C TYR D 320 -12.85 -41.97 -13.60
N LEU D 321 -12.46 -41.93 -12.32
CA LEU D 321 -11.30 -42.67 -11.89
C LEU D 321 -11.77 -44.10 -11.69
N MET E 6 14.14 1.81 19.74
CA MET E 6 15.06 2.21 20.85
C MET E 6 15.49 3.67 20.64
N PRO E 7 15.39 4.52 21.68
CA PRO E 7 15.84 5.93 21.56
C PRO E 7 17.35 6.08 21.61
N LEU E 8 17.88 7.03 20.83
CA LEU E 8 19.34 7.19 20.61
C LEU E 8 20.26 7.11 21.85
N SER E 9 19.85 7.69 22.99
CA SER E 9 20.72 7.70 24.17
C SER E 9 20.99 6.25 24.63
N GLN E 10 19.94 5.43 24.72
CA GLN E 10 20.15 4.04 25.12
C GLN E 10 20.65 3.10 24.00
N LEU E 11 20.47 3.45 22.72
CA LEU E 11 21.17 2.78 21.59
C LEU E 11 22.65 2.77 21.77
N GLN E 12 23.21 3.94 22.09
CA GLN E 12 24.67 4.12 22.27
C GLN E 12 25.29 3.38 23.43
N ASP E 13 24.49 2.95 24.40
CA ASP E 13 25.00 2.13 25.50
C ASP E 13 24.45 0.71 25.42
N TYR E 14 23.91 0.31 24.28
CA TYR E 14 23.20 -0.97 24.24
C TYR E 14 24.30 -2.02 23.94
N LYS E 15 24.54 -2.87 24.93
CA LYS E 15 25.54 -3.91 24.85
C LYS E 15 24.89 -5.17 25.39
N PRO E 16 24.04 -5.86 24.60
CA PRO E 16 23.41 -7.04 25.21
C PRO E 16 24.39 -8.22 25.35
N GLU E 17 23.96 -9.28 26.06
CA GLU E 17 24.76 -10.48 26.28
C GLU E 17 25.19 -11.19 24.99
N LEU E 18 26.45 -11.59 24.94
CA LEU E 18 26.95 -12.38 23.81
C LEU E 18 26.27 -13.74 23.78
N THR E 19 25.97 -14.24 22.60
CA THR E 19 25.26 -15.51 22.50
C THR E 19 26.23 -16.63 22.08
N ASN E 20 27.50 -16.31 21.93
CA ASN E 20 28.45 -17.39 21.59
C ASN E 20 28.37 -18.60 22.57
N GLU E 21 28.36 -19.80 22.01
CA GLU E 21 28.42 -21.02 22.79
C GLU E 21 29.89 -21.28 23.22
N THR E 22 30.11 -22.17 24.20
CA THR E 22 31.50 -22.59 24.56
C THR E 22 32.36 -23.09 23.38
N ASP E 23 31.73 -23.74 22.42
CA ASP E 23 32.48 -24.24 21.27
C ASP E 23 32.53 -23.31 20.05
N PHE E 24 32.28 -22.01 20.22
CA PHE E 24 32.35 -21.03 19.10
C PHE E 24 33.75 -21.00 18.50
N ASP E 25 34.79 -20.83 19.34
CA ASP E 25 36.16 -20.86 18.80
C ASP E 25 36.55 -22.24 18.23
N LEU E 26 36.15 -23.31 18.89
CA LEU E 26 36.46 -24.67 18.37
C LEU E 26 35.86 -24.90 16.93
N PHE E 27 34.58 -24.54 16.79
CA PHE E 27 33.88 -24.57 15.51
C PHE E 27 34.68 -23.90 14.42
N TRP E 28 35.06 -22.65 14.67
CA TRP E 28 35.86 -21.91 13.68
C TRP E 28 37.28 -22.37 13.58
N ASP E 29 37.96 -22.74 14.65
CA ASP E 29 39.32 -23.42 14.53
C ASP E 29 39.26 -24.57 13.52
N ASN E 30 38.29 -25.49 13.73
CA ASN E 30 38.13 -26.66 12.87
C ASN E 30 37.87 -26.27 11.39
N ALA E 31 36.98 -25.33 11.15
CA ALA E 31 36.64 -24.94 9.77
C ALA E 31 37.82 -24.28 9.06
N LYS E 32 38.64 -23.53 9.81
CA LYS E 32 39.81 -22.87 9.24
C LYS E 32 40.99 -23.82 8.98
N ALA E 33 41.16 -24.79 9.87
CA ALA E 33 42.15 -25.90 9.64
C ALA E 33 41.82 -26.58 8.32
N LEU E 34 40.59 -27.01 8.09
CA LEU E 34 40.28 -27.61 6.78
C LEU E 34 40.51 -26.66 5.62
N SER E 35 40.01 -25.46 5.74
CA SER E 35 40.29 -24.45 4.72
C SER E 35 41.80 -24.29 4.42
N ASN E 36 42.62 -24.22 5.49
CA ASN E 36 44.08 -24.07 5.33
C ASN E 36 44.71 -25.23 4.51
N GLN E 37 44.22 -26.48 4.67
CA GLN E 37 44.63 -27.63 3.82
C GLN E 37 44.28 -27.59 2.32
N LYS E 38 43.45 -26.65 1.87
CA LYS E 38 42.95 -26.67 0.50
C LYS E 38 43.51 -25.46 -0.22
N PRO E 39 44.48 -25.66 -1.15
CA PRO E 39 45.00 -24.49 -1.88
C PRO E 39 43.90 -23.77 -2.66
N LEU E 40 44.16 -22.47 -2.95
CA LEU E 40 43.28 -21.63 -3.80
C LEU E 40 43.30 -21.86 -5.30
N HIS E 41 44.42 -22.32 -5.86
CA HIS E 41 44.54 -22.53 -7.35
C HIS E 41 43.96 -21.36 -8.12
N ALA E 42 44.39 -20.16 -7.72
CA ALA E 42 43.90 -18.90 -8.30
C ALA E 42 44.23 -18.77 -9.81
N GLN E 43 43.25 -18.41 -10.62
CA GLN E 43 43.53 -17.95 -11.97
C GLN E 43 43.14 -16.47 -12.03
N VAL E 44 43.83 -15.77 -12.92
CA VAL E 44 43.87 -14.33 -12.97
C VAL E 44 44.09 -14.04 -14.46
N ASN E 45 43.12 -13.42 -15.14
CA ASN E 45 43.29 -13.01 -16.55
C ASN E 45 43.02 -11.50 -16.79
N LEU E 46 43.95 -10.81 -17.46
CA LEU E 46 43.85 -9.34 -17.67
C LEU E 46 42.68 -9.05 -18.59
N VAL E 47 41.81 -8.12 -18.23
CA VAL E 47 40.74 -7.70 -19.13
C VAL E 47 41.27 -6.65 -20.09
N GLN E 48 40.95 -6.81 -21.37
CA GLN E 48 41.30 -5.83 -22.41
C GLN E 48 40.06 -5.19 -23.04
N ASP E 49 40.29 -4.03 -23.66
CA ASP E 49 39.21 -3.18 -24.24
C ASP E 49 38.14 -2.74 -23.21
N TYR E 50 38.59 -2.34 -22.03
CA TYR E 50 37.72 -1.70 -21.04
C TYR E 50 38.09 -0.23 -21.17
N PRO E 51 37.11 0.68 -21.29
CA PRO E 51 37.44 2.07 -21.60
C PRO E 51 38.26 2.92 -20.58
N LEU E 52 38.56 2.43 -19.38
CA LEU E 52 39.12 3.29 -18.32
C LEU E 52 40.61 3.71 -18.46
N LYS E 53 41.50 2.72 -18.60
CA LYS E 53 42.97 2.91 -18.87
C LYS E 53 43.87 3.32 -17.72
N SER E 54 43.35 4.01 -16.71
CA SER E 54 44.20 4.34 -15.57
C SER E 54 44.42 3.13 -14.65
N ILE E 55 43.68 2.05 -14.89
CA ILE E 55 43.69 0.85 -14.01
C ILE E 55 44.01 -0.41 -14.78
N SER E 56 44.58 -1.38 -14.08
CA SER E 56 44.66 -2.73 -14.65
C SER E 56 43.52 -3.52 -14.07
N ILE E 57 42.76 -4.19 -14.90
CA ILE E 57 41.62 -5.01 -14.43
C ILE E 57 41.80 -6.50 -14.68
N TYR E 58 41.61 -7.30 -13.65
CA TYR E 58 41.70 -8.74 -13.78
C TYR E 58 40.38 -9.49 -13.43
N ASP E 59 40.01 -10.41 -14.30
CA ASP E 59 39.01 -11.43 -14.02
C ASP E 59 39.68 -12.50 -13.23
N VAL E 60 39.18 -12.72 -12.01
CA VAL E 60 39.78 -13.63 -11.04
C VAL E 60 38.80 -14.77 -10.67
N VAL E 61 39.37 -15.95 -10.38
CA VAL E 61 38.64 -17.08 -9.81
C VAL E 61 39.58 -17.92 -8.88
N TYR E 62 39.10 -18.22 -7.68
CA TYR E 62 39.77 -19.13 -6.76
C TYR E 62 38.79 -20.17 -6.20
N ASP E 63 39.31 -21.31 -5.77
CA ASP E 63 38.51 -22.36 -5.13
C ASP E 63 38.12 -21.98 -3.67
N GLY E 64 36.84 -22.21 -3.34
CA GLY E 64 36.39 -22.23 -1.96
C GLY E 64 36.97 -23.43 -1.25
N ALA E 65 36.78 -23.49 0.06
CA ALA E 65 37.21 -24.60 0.89
C ALA E 65 36.57 -25.95 0.51
N ASP E 66 35.32 -25.93 0.05
CA ASP E 66 34.63 -27.16 -0.45
C ASP E 66 34.69 -27.34 -1.98
N GLY E 67 35.49 -26.54 -2.68
CA GLY E 67 35.55 -26.60 -4.15
C GLY E 67 34.68 -25.70 -5.03
N THR E 68 33.89 -24.80 -4.46
CA THR E 68 33.18 -23.82 -5.29
C THR E 68 34.19 -22.88 -5.98
N PRO E 69 34.06 -22.63 -7.29
CA PRO E 69 34.94 -21.66 -7.88
C PRO E 69 34.37 -20.25 -7.60
N ILE E 70 35.11 -19.41 -6.88
CA ILE E 70 34.66 -18.04 -6.51
C ILE E 70 35.15 -17.03 -7.52
N HIS E 71 34.26 -16.26 -8.10
CA HIS E 71 34.66 -15.30 -9.09
C HIS E 71 34.76 -13.88 -8.53
N GLY E 72 35.66 -13.09 -9.09
CA GLY E 72 35.80 -11.70 -8.67
C GLY E 72 36.41 -10.77 -9.68
N TRP E 73 36.49 -9.48 -9.31
CA TRP E 73 37.29 -8.49 -10.05
C TRP E 73 38.42 -8.00 -9.16
N TYR E 74 39.65 -7.98 -9.70
CA TYR E 74 40.84 -7.55 -9.00
C TYR E 74 41.43 -6.39 -9.80
N VAL E 75 41.55 -5.23 -9.18
CA VAL E 75 41.89 -3.97 -9.84
C VAL E 75 43.03 -3.25 -9.11
N THR E 76 43.96 -2.70 -9.91
CA THR E 76 45.11 -1.92 -9.39
C THR E 76 45.37 -0.71 -10.27
N PRO E 77 46.21 0.21 -9.79
CA PRO E 77 46.67 1.24 -10.71
C PRO E 77 47.47 0.55 -11.81
N LYS E 78 47.32 1.04 -13.04
CA LYS E 78 48.08 0.53 -14.19
C LYS E 78 49.59 0.59 -13.97
N GLY E 79 50.32 -0.13 -14.84
CA GLY E 79 51.76 -0.24 -14.72
C GLY E 79 52.22 -1.24 -13.67
N GLU E 80 53.53 -1.32 -13.53
CA GLU E 80 54.19 -2.29 -12.66
C GLU E 80 54.32 -1.62 -11.30
N HIS E 81 54.53 -2.42 -10.25
CA HIS E 81 54.66 -1.92 -8.86
C HIS E 81 55.62 -2.77 -8.06
N GLN E 82 56.33 -2.16 -7.12
CA GLN E 82 57.31 -2.89 -6.28
C GLN E 82 56.65 -3.94 -5.38
N PRO E 83 57.35 -5.06 -5.14
CA PRO E 83 56.78 -6.07 -4.23
C PRO E 83 56.33 -5.45 -2.89
N GLY E 84 55.22 -5.92 -2.35
CA GLY E 84 54.67 -5.44 -1.06
C GLY E 84 54.30 -3.97 -0.92
N SER E 85 53.97 -3.27 -2.02
CA SER E 85 53.82 -1.79 -1.96
C SER E 85 52.39 -1.27 -1.91
N LEU E 86 51.43 -2.00 -2.47
CA LEU E 86 50.07 -1.45 -2.58
C LEU E 86 49.25 -1.87 -1.41
N PRO E 87 48.59 -0.95 -0.73
CA PRO E 87 47.57 -1.38 0.22
C PRO E 87 46.35 -1.94 -0.54
N VAL E 88 45.49 -2.69 0.13
CA VAL E 88 44.38 -3.36 -0.57
C VAL E 88 43.02 -3.28 0.18
N LEU E 89 41.96 -3.10 -0.58
CA LEU E 89 40.63 -3.09 -0.07
C LEU E 89 39.91 -4.32 -0.60
N VAL E 90 39.27 -5.06 0.27
CA VAL E 90 38.50 -6.24 -0.13
C VAL E 90 37.03 -5.87 0.11
N LYS E 91 36.23 -5.87 -0.97
CA LYS E 91 34.78 -5.58 -0.94
C LYS E 91 33.85 -6.84 -1.04
N TYR E 92 32.94 -6.95 -0.11
CA TYR E 92 31.92 -7.99 -0.08
C TYR E 92 30.55 -7.35 -0.37
N HIS E 93 29.66 -8.03 -1.08
CA HIS E 93 28.45 -7.37 -1.63
C HIS E 93 27.17 -7.74 -0.81
N GLY E 94 26.10 -7.03 -1.12
CA GLY E 94 24.79 -7.20 -0.52
C GLY E 94 24.01 -8.45 -0.97
N TYR E 95 22.99 -8.75 -0.21
CA TYR E 95 22.25 -9.98 -0.34
C TYR E 95 21.59 -10.01 -1.76
N SER E 96 21.86 -11.08 -2.49
CA SER E 96 21.34 -11.38 -3.82
C SER E 96 22.23 -10.78 -4.89
N GLY E 97 23.21 -9.97 -4.52
CA GLY E 97 24.05 -9.26 -5.44
C GLY E 97 25.19 -10.07 -6.01
N ASN E 98 26.21 -9.34 -6.43
CA ASN E 98 27.35 -9.96 -7.08
C ASN E 98 28.59 -9.01 -7.04
N ARG E 99 29.68 -9.47 -7.64
CA ARG E 99 30.90 -8.71 -7.77
C ARG E 99 30.80 -7.37 -8.47
N GLY E 100 29.65 -7.02 -9.05
CA GLY E 100 29.47 -5.70 -9.68
C GLY E 100 30.26 -5.57 -10.98
N TYR E 101 30.75 -4.35 -11.26
CA TYR E 101 31.47 -4.03 -12.45
C TYR E 101 32.83 -3.52 -12.00
N PRO E 102 33.87 -3.69 -12.85
CA PRO E 102 35.18 -3.16 -12.51
C PRO E 102 35.20 -1.65 -12.27
N ASN E 103 34.37 -0.84 -12.94
CA ASN E 103 34.39 0.64 -12.67
C ASN E 103 34.04 1.10 -11.26
N GLU E 104 33.35 0.31 -10.47
CA GLU E 104 33.02 0.66 -9.06
C GLU E 104 34.17 0.51 -8.07
N LEU E 105 35.30 -0.03 -8.53
CA LEU E 105 36.53 -0.16 -7.78
C LEU E 105 37.52 0.95 -8.11
N LEU E 106 37.18 1.72 -9.12
CA LEU E 106 38.02 2.82 -9.60
C LEU E 106 38.47 3.75 -8.49
N GLN E 107 37.53 4.16 -7.64
CA GLN E 107 37.82 5.08 -6.52
C GLN E 107 39.03 4.65 -5.65
N TRP E 108 39.07 3.36 -5.30
CA TRP E 108 40.11 2.82 -4.46
C TRP E 108 41.45 2.73 -5.20
N ALA E 109 41.37 2.43 -6.50
CA ALA E 109 42.50 2.42 -7.39
C ALA E 109 43.12 3.77 -7.55
N SER E 110 42.30 4.82 -7.60
CA SER E 110 42.83 6.16 -7.79
C SER E 110 43.54 6.65 -6.50
N MET E 111 43.18 6.12 -5.33
CA MET E 111 43.95 6.36 -4.07
C MET E 111 45.30 5.64 -3.93
N GLY E 112 45.74 4.89 -4.95
CA GLY E 112 46.95 4.07 -4.88
C GLY E 112 46.75 2.66 -4.33
N MET E 113 45.53 2.15 -4.31
CA MET E 113 45.30 0.81 -3.77
C MET E 113 44.92 -0.21 -4.82
N ALA E 114 45.15 -1.47 -4.47
CA ALA E 114 44.52 -2.62 -5.11
C ALA E 114 43.16 -2.85 -4.46
N ALA E 115 42.26 -3.42 -5.24
CA ALA E 115 40.90 -3.69 -4.77
C ALA E 115 40.37 -4.97 -5.41
N LEU E 116 39.74 -5.76 -4.55
CA LEU E 116 39.09 -7.01 -4.94
C LEU E 116 37.63 -6.97 -4.52
N ALA E 117 36.71 -7.18 -5.46
CA ALA E 117 35.35 -7.56 -5.16
C ALA E 117 35.07 -8.98 -5.60
N ILE E 118 34.53 -9.82 -4.71
CA ILE E 118 34.15 -11.17 -5.03
C ILE E 118 32.63 -11.41 -5.05
N ASP E 119 32.25 -12.57 -5.60
CA ASP E 119 30.85 -13.09 -5.50
C ASP E 119 30.62 -13.89 -4.18
N VAL E 120 29.39 -13.84 -3.66
CA VAL E 120 28.96 -14.71 -2.58
C VAL E 120 28.24 -15.87 -3.27
N ARG E 121 28.69 -17.08 -2.93
CA ARG E 121 28.20 -18.32 -3.53
C ARG E 121 26.71 -18.46 -3.67
N GLY E 122 26.30 -18.76 -4.88
CA GLY E 122 24.92 -18.96 -5.15
C GLY E 122 24.06 -17.75 -5.42
N GLN E 123 24.57 -16.53 -5.27
CA GLN E 123 23.71 -15.34 -5.35
C GLN E 123 23.71 -14.88 -6.80
N GLY E 124 23.48 -13.59 -7.07
CA GLY E 124 23.15 -13.10 -8.42
C GLY E 124 24.30 -12.89 -9.40
N GLY E 125 25.21 -13.86 -9.40
CA GLY E 125 26.38 -13.83 -10.23
C GLY E 125 26.66 -15.20 -10.79
N VAL E 126 27.88 -15.41 -11.26
CA VAL E 126 28.30 -16.63 -11.95
C VAL E 126 28.87 -17.65 -10.96
N THR E 127 29.03 -17.27 -9.70
CA THR E 127 29.52 -18.18 -8.68
C THR E 127 28.38 -19.04 -8.13
N PRO E 128 28.45 -20.38 -8.32
CA PRO E 128 27.43 -21.29 -7.85
C PRO E 128 27.70 -21.64 -6.41
N ASP E 129 26.88 -22.53 -5.87
CA ASP E 129 27.03 -23.03 -4.50
C ASP E 129 27.16 -24.52 -4.59
N ARG E 130 28.32 -25.10 -4.26
CA ARG E 130 28.48 -26.53 -4.24
C ARG E 130 28.06 -27.25 -2.95
N ALA E 131 27.74 -26.53 -1.87
CA ALA E 131 27.42 -27.24 -0.62
C ALA E 131 26.10 -28.02 -0.70
N GLU E 132 26.00 -29.06 0.11
CA GLU E 132 24.78 -29.85 0.25
C GLU E 132 24.17 -29.53 1.61
N TYR E 133 22.84 -29.44 1.68
CA TYR E 133 22.16 -29.12 2.94
C TYR E 133 21.25 -30.26 3.22
N PRO E 134 20.96 -30.55 4.48
CA PRO E 134 20.14 -31.74 4.75
C PRO E 134 18.64 -31.66 4.42
N GLN E 135 18.09 -30.45 4.28
CA GLN E 135 16.67 -30.25 4.16
C GLN E 135 16.50 -29.23 3.08
N GLY E 136 15.25 -28.85 2.86
CA GLY E 136 14.95 -27.71 2.06
C GLY E 136 15.14 -26.39 2.72
N GLY E 137 14.52 -25.40 2.10
CA GLY E 137 14.25 -24.15 2.76
C GLY E 137 13.27 -23.18 2.11
N ILE E 138 13.29 -22.00 2.71
CA ILE E 138 12.61 -20.81 2.28
C ILE E 138 13.38 -20.21 1.14
N PRO E 139 12.67 -19.58 0.20
CA PRO E 139 13.42 -19.05 -0.92
C PRO E 139 14.50 -18.06 -0.41
N GLY E 140 15.69 -18.13 -0.99
CA GLY E 140 16.89 -17.36 -0.55
C GLY E 140 17.84 -18.36 0.10
N TRP E 141 18.75 -17.83 0.92
CA TRP E 141 19.88 -18.60 1.43
C TRP E 141 19.98 -18.54 2.95
N MET E 142 19.21 -17.70 3.62
CA MET E 142 19.26 -17.60 5.11
C MET E 142 18.87 -18.82 5.85
N THR E 143 18.06 -19.66 5.22
CA THR E 143 17.56 -20.83 5.91
C THR E 143 18.23 -22.14 5.58
N LEU E 144 19.21 -22.10 4.66
CA LEU E 144 19.81 -23.35 4.22
C LEU E 144 20.73 -23.92 5.29
N GLY E 145 20.42 -25.15 5.72
CA GLY E 145 21.16 -25.77 6.75
C GLY E 145 21.00 -25.21 8.13
N ILE E 146 19.88 -24.58 8.40
CA ILE E 146 19.73 -23.82 9.63
C ILE E 146 19.66 -24.63 10.94
N LEU E 147 19.33 -25.91 10.88
CA LEU E 147 19.28 -26.75 12.08
C LEU E 147 20.66 -27.30 12.55
N ASP E 148 21.75 -27.01 11.84
CA ASP E 148 23.07 -27.52 12.20
C ASP E 148 24.17 -26.54 11.73
N PRO E 149 25.00 -26.09 12.68
CA PRO E 149 26.06 -25.14 12.31
C PRO E 149 27.05 -25.67 11.23
N ALA E 150 27.36 -26.97 11.27
CA ALA E 150 28.31 -27.54 10.34
C ALA E 150 27.77 -27.50 8.90
N SER E 151 26.46 -27.38 8.71
CA SER E 151 25.92 -27.34 7.31
C SER E 151 25.32 -25.98 6.90
N TYR E 152 25.39 -25.01 7.79
CA TYR E 152 24.72 -23.67 7.57
C TYR E 152 25.34 -22.92 6.42
N TYR E 153 24.49 -22.36 5.56
CA TYR E 153 24.91 -21.63 4.35
C TYR E 153 26.11 -20.71 4.61
N TYR E 154 26.09 -19.93 5.67
CA TYR E 154 27.15 -18.89 5.81
C TYR E 154 28.50 -19.44 6.31
N LYS E 155 28.58 -20.71 6.72
CA LYS E 155 29.85 -21.34 7.02
C LYS E 155 30.80 -21.31 5.85
N GLN E 156 30.45 -21.90 4.69
CA GLN E 156 31.36 -21.80 3.54
C GLN E 156 31.49 -20.35 2.95
N VAL E 157 30.48 -19.47 3.18
CA VAL E 157 30.62 -18.04 2.69
C VAL E 157 31.67 -17.34 3.53
N TYR E 158 31.61 -17.53 4.83
CA TYR E 158 32.60 -16.95 5.68
C TYR E 158 33.99 -17.40 5.33
N LEU E 159 34.21 -18.70 5.11
CA LEU E 159 35.49 -19.23 4.67
C LEU E 159 35.93 -18.69 3.29
N ASP E 160 35.01 -18.53 2.33
CA ASP E 160 35.37 -17.98 1.02
C ASP E 160 35.84 -16.49 1.17
N CYS E 161 35.25 -15.76 2.13
CA CYS E 161 35.62 -14.36 2.42
C CYS E 161 37.00 -14.26 3.04
N ILE E 162 37.36 -15.26 3.87
CA ILE E 162 38.72 -15.36 4.44
C ILE E 162 39.70 -15.78 3.34
N ARG E 163 39.27 -16.64 2.44
CA ARG E 163 40.13 -16.97 1.31
C ARG E 163 40.34 -15.82 0.32
N ALA E 164 39.49 -14.80 0.34
CA ALA E 164 39.76 -13.62 -0.50
C ALA E 164 41.02 -12.87 0.00
N LEU E 165 41.26 -12.87 1.31
CA LEU E 165 42.44 -12.37 1.93
C LEU E 165 43.69 -13.20 1.55
N ASP E 166 43.64 -14.54 1.60
CA ASP E 166 44.74 -15.35 1.07
C ASP E 166 44.97 -14.94 -0.39
N PHE E 167 43.93 -14.79 -1.21
CA PHE E 167 44.16 -14.40 -2.61
C PHE E 167 44.96 -13.08 -2.71
N VAL E 168 44.55 -12.03 -2.00
CA VAL E 168 45.26 -10.74 -2.15
C VAL E 168 46.67 -10.75 -1.55
N CYS E 169 46.84 -11.38 -0.40
CA CYS E 169 48.19 -11.60 0.13
C CYS E 169 49.13 -12.45 -0.79
N SER E 170 48.59 -13.25 -1.71
CA SER E 170 49.42 -14.09 -2.63
C SER E 170 49.96 -13.28 -3.85
N ARG E 171 49.43 -12.07 -4.05
CA ARG E 171 49.89 -11.16 -5.07
C ARG E 171 51.19 -10.47 -4.59
N GLU E 172 52.25 -10.54 -5.39
CA GLU E 172 53.53 -9.87 -5.10
C GLU E 172 53.39 -8.36 -4.80
N GLU E 173 52.69 -7.61 -5.66
CA GLU E 173 52.49 -6.16 -5.45
C GLU E 173 51.80 -5.71 -4.14
N VAL E 174 51.06 -6.60 -3.46
CA VAL E 174 50.25 -6.23 -2.28
C VAL E 174 51.03 -6.24 -0.98
N ASP E 175 50.71 -5.23 -0.17
CA ASP E 175 51.19 -5.10 1.18
C ASP E 175 50.21 -5.78 2.15
N ALA E 176 50.54 -7.00 2.56
CA ALA E 176 49.69 -7.77 3.50
C ALA E 176 49.45 -7.11 4.88
N SER E 177 50.26 -6.13 5.26
CA SER E 177 50.07 -5.48 6.52
C SER E 177 49.08 -4.27 6.41
N ARG E 178 48.63 -3.93 5.19
CA ARG E 178 47.68 -2.84 4.95
C ARG E 178 46.45 -3.30 4.16
N ILE E 179 45.72 -4.22 4.79
CA ILE E 179 44.46 -4.71 4.27
C ILE E 179 43.27 -4.02 4.96
N ALA E 180 42.33 -3.55 4.15
CA ALA E 180 41.03 -3.04 4.60
C ALA E 180 39.89 -3.95 4.04
N VAL E 181 38.91 -4.30 4.88
CA VAL E 181 37.71 -5.06 4.43
C VAL E 181 36.49 -4.16 4.55
N TYR E 182 35.65 -4.14 3.50
CA TYR E 182 34.56 -3.22 3.39
C TYR E 182 33.28 -3.88 2.83
N GLY E 183 32.13 -3.39 3.26
CA GLY E 183 30.91 -3.70 2.61
C GLY E 183 29.70 -3.20 3.34
N GLY E 184 28.59 -3.18 2.61
CA GLY E 184 27.30 -2.81 3.19
C GLY E 184 26.24 -3.92 3.20
N SER E 185 25.46 -3.87 4.27
CA SER E 185 24.40 -4.80 4.56
C SER E 185 24.99 -6.21 4.70
N GLN E 186 24.64 -7.20 3.87
CA GLN E 186 25.29 -8.52 3.96
C GLN E 186 26.82 -8.34 3.90
N GLY E 187 27.28 -7.43 3.07
CA GLY E 187 28.74 -7.15 2.98
C GLY E 187 29.44 -6.63 4.22
N GLY E 188 28.68 -6.02 5.08
CA GLY E 188 29.13 -5.46 6.31
C GLY E 188 29.21 -6.52 7.35
N GLY E 189 28.22 -7.42 7.33
CA GLY E 189 28.29 -8.65 8.08
C GLY E 189 29.50 -9.50 7.74
N LEU E 190 29.79 -9.65 6.45
CA LEU E 190 30.97 -10.41 6.02
C LEU E 190 32.32 -9.72 6.35
N ALA E 191 32.38 -8.39 6.25
CA ALA E 191 33.50 -7.64 6.72
C ALA E 191 33.71 -7.91 8.19
N LEU E 192 32.67 -7.88 9.05
CA LEU E 192 32.87 -8.15 10.43
C LEU E 192 33.36 -9.59 10.69
N ALA E 193 32.85 -10.57 9.95
CA ALA E 193 33.30 -11.95 10.09
C ALA E 193 34.77 -12.13 9.58
N ALA E 194 35.16 -11.40 8.54
CA ALA E 194 36.52 -11.47 7.98
C ALA E 194 37.53 -10.87 8.97
N ALA E 195 37.14 -9.80 9.63
CA ALA E 195 37.95 -9.19 10.67
C ALA E 195 37.91 -9.94 12.01
N GLY E 196 36.83 -10.68 12.28
CA GLY E 196 36.74 -11.44 13.55
C GLY E 196 37.35 -12.86 13.51
N LEU E 197 37.45 -13.44 12.31
CA LEU E 197 37.95 -14.81 12.09
C LEU E 197 39.42 -14.91 11.68
N ASP E 198 39.95 -13.82 11.17
CA ASP E 198 41.28 -13.74 10.65
C ASP E 198 42.02 -12.51 11.20
N SER E 199 43.32 -12.66 11.37
CA SER E 199 44.14 -11.64 12.01
C SER E 199 44.72 -10.62 11.05
N ARG E 200 44.71 -10.84 9.74
CA ARG E 200 45.44 -9.95 8.83
C ARG E 200 44.85 -8.57 8.56
N PRO E 201 43.49 -8.37 8.58
CA PRO E 201 42.97 -7.05 8.20
C PRO E 201 43.30 -6.00 9.25
N LYS E 202 43.69 -4.85 8.74
CA LYS E 202 44.05 -3.74 9.55
C LYS E 202 42.84 -2.83 9.80
N LEU E 203 42.05 -2.56 8.74
CA LEU E 203 40.79 -1.82 8.88
C LEU E 203 39.57 -2.65 8.50
N ALA E 204 38.45 -2.32 9.16
CA ALA E 204 37.13 -2.86 8.84
C ALA E 204 36.15 -1.69 8.69
N LEU E 205 35.40 -1.70 7.58
CA LEU E 205 34.48 -0.63 7.26
C LEU E 205 33.07 -1.19 6.92
N PRO E 206 32.38 -1.75 7.92
CA PRO E 206 31.01 -2.20 7.77
C PRO E 206 29.98 -1.01 7.72
N VAL E 207 29.09 -1.06 6.74
CA VAL E 207 28.01 -0.12 6.59
C VAL E 207 26.74 -0.93 6.84
N PHE E 208 25.92 -0.42 7.78
CA PHE E 208 24.69 -1.05 8.30
C PHE E 208 24.71 -2.59 8.23
N PRO E 209 25.64 -3.19 8.98
CA PRO E 209 25.83 -4.67 8.89
C PRO E 209 24.56 -5.52 9.17
N PHE E 210 24.22 -6.32 8.18
CA PHE E 210 23.27 -7.45 8.33
C PHE E 210 24.02 -8.57 9.11
N LEU E 211 23.30 -9.62 9.49
CA LEU E 211 23.84 -10.84 10.19
C LEU E 211 24.23 -10.54 11.63
N CYS E 212 23.52 -9.59 12.27
CA CYS E 212 23.79 -9.16 13.64
C CYS E 212 22.59 -9.33 14.56
N HIS E 213 22.87 -9.89 15.74
CA HIS E 213 21.90 -10.02 16.80
C HIS E 213 20.58 -10.60 16.21
N PHE E 214 20.67 -11.81 15.69
CA PHE E 214 19.58 -12.48 14.94
C PHE E 214 18.29 -12.55 15.71
N ARG E 215 18.35 -12.86 16.98
CA ARG E 215 17.14 -13.08 17.75
C ARG E 215 16.35 -11.79 17.87
N ARG E 216 17.00 -10.71 18.25
CA ARG E 216 16.37 -9.41 18.28
C ARG E 216 15.81 -9.03 16.88
N SER E 217 16.64 -9.08 15.86
CA SER E 217 16.21 -8.68 14.52
C SER E 217 14.94 -9.37 14.11
N VAL E 218 14.88 -10.67 14.28
CA VAL E 218 13.66 -11.42 14.00
C VAL E 218 12.50 -10.94 14.87
N GLU E 219 12.70 -10.83 16.18
CA GLU E 219 11.54 -10.59 17.07
C GLU E 219 11.00 -9.14 17.02
N ILE E 220 11.76 -8.21 16.44
CA ILE E 220 11.25 -6.86 16.18
C ILE E 220 10.80 -6.68 14.73
N HIS E 221 10.68 -7.77 13.99
CA HIS E 221 10.09 -7.73 12.60
C HIS E 221 10.81 -6.79 11.59
N ALA E 222 12.12 -6.85 11.61
CA ALA E 222 12.96 -6.30 10.51
C ALA E 222 12.58 -6.89 9.14
N SER E 223 12.50 -6.03 8.12
CA SER E 223 12.13 -6.44 6.75
C SER E 223 13.38 -6.97 6.03
N GLY E 224 13.34 -7.15 4.71
CA GLY E 224 14.46 -7.78 4.03
C GLY E 224 14.68 -9.23 4.47
N PRO E 225 15.90 -9.77 4.31
CA PRO E 225 16.08 -11.22 4.47
C PRO E 225 15.95 -11.82 5.85
N TYR E 226 16.04 -11.03 6.94
CA TYR E 226 15.58 -11.60 8.23
C TYR E 226 14.15 -12.21 8.21
N VAL E 227 13.24 -11.71 7.38
CA VAL E 227 11.90 -12.29 7.21
C VAL E 227 11.95 -13.78 6.78
N GLU E 228 13.03 -14.20 6.12
CA GLU E 228 13.19 -15.65 5.85
C GLU E 228 13.19 -16.53 7.12
N ILE E 229 13.87 -16.10 8.18
CA ILE E 229 13.86 -16.89 9.39
C ILE E 229 12.47 -17.01 10.00
N LYS E 230 11.72 -15.88 10.00
CA LYS E 230 10.33 -15.90 10.42
C LYS E 230 9.50 -16.82 9.51
N ASN E 231 9.76 -16.78 8.22
CA ASN E 231 9.00 -17.67 7.30
C ASN E 231 9.44 -19.11 7.53
N TRP E 232 10.67 -19.32 8.00
CA TRP E 232 11.06 -20.68 8.38
C TRP E 232 10.16 -21.25 9.53
N PHE E 233 9.93 -20.44 10.57
CA PHE E 233 9.05 -20.92 11.64
C PHE E 233 7.62 -21.15 11.11
N ARG E 234 7.11 -20.25 10.28
CA ARG E 234 5.77 -20.44 9.69
C ARG E 234 5.61 -21.75 8.97
N ARG E 235 6.65 -22.20 8.23
CA ARG E 235 6.60 -23.45 7.46
C ARG E 235 6.97 -24.68 8.22
N TYR E 236 7.98 -24.56 9.07
CA TYR E 236 8.56 -25.72 9.72
C TYR E 236 8.20 -25.88 11.15
N ASP E 237 7.77 -24.83 11.83
CA ASP E 237 7.76 -24.87 13.33
C ASP E 237 6.85 -23.75 13.91
N PRO E 238 5.57 -23.85 13.62
CA PRO E 238 4.63 -22.75 13.93
C PRO E 238 4.59 -22.38 15.46
N GLU E 239 4.80 -23.40 16.31
CA GLU E 239 4.84 -23.27 17.79
C GLU E 239 6.24 -23.13 18.43
N HIS E 240 7.28 -22.91 17.59
CA HIS E 240 8.63 -22.63 18.05
C HIS E 240 9.23 -23.68 18.97
N ARG E 241 8.95 -24.95 18.73
CA ARG E 241 9.61 -26.00 19.49
C ARG E 241 11.07 -26.11 19.12
N GLN E 242 11.47 -25.65 17.91
CA GLN E 242 12.89 -25.71 17.50
C GLN E 242 13.63 -24.35 17.57
N GLU E 243 13.10 -23.40 18.32
CA GLU E 243 13.64 -22.04 18.28
C GLU E 243 15.07 -21.94 18.85
N GLU E 244 15.39 -22.67 19.91
CA GLU E 244 16.74 -22.61 20.47
C GLU E 244 17.76 -23.26 19.55
N GLN E 245 17.42 -24.33 18.85
CA GLN E 245 18.37 -24.89 17.83
C GLN E 245 18.58 -23.91 16.68
N VAL E 246 17.54 -23.22 16.25
CA VAL E 246 17.69 -22.23 15.16
C VAL E 246 18.61 -21.11 15.65
N TYR E 247 18.26 -20.45 16.74
CA TYR E 247 19.15 -19.37 17.23
C TYR E 247 20.52 -19.84 17.66
N ARG E 248 20.67 -21.07 18.15
CA ARG E 248 22.01 -21.62 18.42
C ARG E 248 22.81 -21.74 17.14
N THR E 249 22.24 -22.33 16.08
CA THR E 249 22.95 -22.32 14.83
C THR E 249 23.42 -20.91 14.46
N LEU E 250 22.53 -19.92 14.54
CA LEU E 250 22.81 -18.58 13.93
C LEU E 250 23.83 -17.86 14.76
N SER E 251 23.89 -18.16 16.08
CA SER E 251 24.90 -17.58 17.01
C SER E 251 26.35 -17.78 16.54
N TYR E 252 26.64 -18.89 15.81
CA TYR E 252 28.02 -19.05 15.23
C TYR E 252 28.41 -18.04 14.16
N PHE E 253 27.43 -17.37 13.55
CA PHE E 253 27.62 -16.51 12.40
C PHE E 253 27.32 -15.05 12.71
N ASP E 254 27.01 -14.78 13.98
CA ASP E 254 26.45 -13.54 14.39
C ASP E 254 27.51 -12.43 14.51
N GLY E 255 27.34 -11.33 13.77
CA GLY E 255 28.33 -10.21 13.80
C GLY E 255 28.71 -9.67 15.18
N MET E 256 27.80 -9.79 16.14
CA MET E 256 27.97 -9.34 17.53
C MET E 256 29.04 -10.18 18.23
N ASN E 257 28.91 -11.52 18.09
CA ASN E 257 29.94 -12.44 18.54
C ASN E 257 31.25 -12.27 17.75
N MET E 258 31.18 -12.04 16.44
CA MET E 258 32.39 -11.73 15.68
C MET E 258 33.11 -10.48 16.18
N ALA E 259 32.33 -9.47 16.58
CA ALA E 259 32.88 -8.17 16.93
C ALA E 259 33.77 -8.28 18.17
N SER E 260 33.36 -9.07 19.17
CA SER E 260 34.17 -9.44 20.34
C SER E 260 35.58 -9.84 20.03
N ARG E 261 35.80 -10.32 18.81
CA ARG E 261 37.11 -10.88 18.43
C ARG E 261 37.84 -10.01 17.43
N ILE E 262 37.27 -8.86 17.08
CA ILE E 262 37.92 -7.97 16.15
C ILE E 262 38.96 -7.12 16.90
N LYS E 263 40.23 -7.24 16.48
CA LYS E 263 41.33 -6.31 16.92
C LYS E 263 41.51 -5.11 15.99
N ALA E 264 41.10 -5.21 14.73
CA ALA E 264 41.33 -4.17 13.72
C ALA E 264 40.58 -2.89 14.05
N ARG E 265 41.00 -1.75 13.47
CA ARG E 265 40.31 -0.44 13.62
C ARG E 265 39.07 -0.35 12.71
N THR E 266 37.92 -0.02 13.27
CA THR E 266 36.65 -0.13 12.57
C THR E 266 35.94 1.25 12.45
N LEU E 267 35.49 1.58 11.23
CA LEU E 267 34.53 2.65 10.94
C LEU E 267 33.18 2.05 10.52
N MET E 268 32.17 2.16 11.39
CA MET E 268 30.80 1.75 11.08
C MET E 268 29.85 2.92 10.77
N ALA E 269 29.13 2.83 9.65
CA ALA E 269 27.97 3.67 9.36
C ALA E 269 26.75 2.98 9.93
N ILE E 270 25.95 3.72 10.69
CA ILE E 270 24.68 3.22 11.20
C ILE E 270 23.55 4.18 10.76
N THR E 271 22.50 3.59 10.19
CA THR E 271 21.34 4.31 9.70
C THR E 271 20.20 4.14 10.71
N LEU E 272 19.65 5.24 11.18
CA LEU E 272 18.71 5.23 12.30
C LEU E 272 17.26 4.87 11.98
N GLN E 273 16.86 4.93 10.70
CA GLN E 273 15.53 4.63 10.22
C GLN E 273 15.55 3.34 9.43
N ASP E 274 16.54 2.51 9.69
CA ASP E 274 16.75 1.35 8.88
C ASP E 274 15.81 0.25 9.39
N ILE E 275 14.96 -0.26 8.51
CA ILE E 275 14.04 -1.35 8.94
C ILE E 275 14.51 -2.75 8.54
N THR E 276 15.49 -2.82 7.65
CA THR E 276 16.13 -4.07 7.23
C THR E 276 17.26 -4.49 8.18
N CYS E 277 18.13 -3.56 8.52
CA CYS E 277 19.22 -3.76 9.48
C CYS E 277 19.01 -2.75 10.58
N PRO E 278 18.21 -3.11 11.58
CA PRO E 278 17.81 -2.13 12.58
C PRO E 278 18.98 -1.65 13.38
N PRO E 279 18.97 -0.36 13.74
CA PRO E 279 20.14 0.23 14.44
C PRO E 279 20.53 -0.40 15.75
N SER E 280 19.63 -1.00 16.50
CA SER E 280 20.02 -1.63 17.78
C SER E 280 20.85 -2.91 17.51
N THR E 281 20.63 -3.50 16.34
CA THR E 281 21.39 -4.73 15.96
C THR E 281 22.80 -4.34 15.53
N CYS E 282 22.95 -3.18 14.91
CA CYS E 282 24.26 -2.67 14.51
C CYS E 282 25.08 -2.12 15.74
N PHE E 283 24.41 -1.42 16.62
CA PHE E 283 25.00 -0.95 17.87
C PHE E 283 25.37 -2.11 18.80
N ALA E 284 24.55 -3.13 18.82
CA ALA E 284 24.91 -4.34 19.60
C ALA E 284 26.30 -4.83 19.18
N ALA E 285 26.58 -4.89 17.87
CA ALA E 285 27.92 -5.24 17.36
C ALA E 285 28.95 -4.17 17.66
N TYR E 286 28.62 -2.91 17.37
CA TYR E 286 29.55 -1.81 17.56
C TYR E 286 30.06 -1.80 18.98
N ASN E 287 29.14 -1.94 19.92
CA ASN E 287 29.49 -1.90 21.35
C ASN E 287 30.22 -3.13 21.87
N HIS E 288 30.43 -4.15 21.05
CA HIS E 288 31.26 -5.28 21.49
C HIS E 288 32.56 -5.29 20.74
N LEU E 289 32.83 -4.29 19.93
CA LEU E 289 34.12 -4.27 19.19
C LEU E 289 35.30 -4.21 20.18
N ALA E 290 36.38 -4.98 19.92
CA ALA E 290 37.43 -5.14 20.96
C ALA E 290 38.48 -4.04 20.75
N GLY E 291 38.85 -3.79 19.49
CA GLY E 291 39.85 -2.75 19.14
C GLY E 291 39.31 -1.32 19.13
N PRO E 292 40.05 -0.38 18.49
CA PRO E 292 39.53 1.00 18.33
C PRO E 292 38.45 1.10 17.24
N LYS E 293 37.59 2.11 17.38
CA LYS E 293 36.41 2.25 16.57
C LYS E 293 35.86 3.69 16.48
N GLU E 294 35.07 3.92 15.44
CA GLU E 294 34.50 5.21 15.10
C GLU E 294 33.14 4.88 14.49
N VAL E 295 32.21 5.82 14.62
CA VAL E 295 30.84 5.64 14.11
C VAL E 295 30.37 6.90 13.37
N ARG E 296 29.56 6.71 12.36
CA ARG E 296 28.87 7.79 11.69
C ARG E 296 27.38 7.43 11.71
N LEU E 297 26.55 8.29 12.33
CA LEU E 297 25.11 8.05 12.50
C LEU E 297 24.43 8.96 11.56
N TYR E 298 23.69 8.37 10.64
CA TYR E 298 22.94 9.09 9.72
C TYR E 298 21.49 8.89 10.14
N HIS E 299 20.96 9.96 10.74
CA HIS E 299 19.71 10.00 11.52
C HIS E 299 18.42 9.79 10.69
N ASP E 300 18.38 10.27 9.45
CA ASP E 300 17.16 10.17 8.66
C ASP E 300 17.33 9.29 7.46
N TYR E 301 18.34 8.42 7.49
CA TYR E 301 18.55 7.49 6.41
C TYR E 301 18.08 6.09 6.85
N GLY E 302 17.61 5.33 5.87
CA GLY E 302 17.31 3.92 6.07
C GLY E 302 18.29 3.07 5.28
N HIS E 303 17.79 1.98 4.69
CA HIS E 303 18.64 0.97 4.04
C HIS E 303 18.76 1.32 2.59
N GLU E 304 19.69 2.21 2.29
CA GLU E 304 19.78 2.87 0.98
C GLU E 304 21.18 3.41 0.79
N GLY E 305 21.44 3.91 -0.40
CA GLY E 305 22.71 4.55 -0.71
C GLY E 305 23.09 5.71 0.18
N LEU E 306 24.39 5.87 0.40
CA LEU E 306 24.92 6.82 1.37
C LEU E 306 26.06 7.52 0.68
N PRO E 307 25.75 8.39 -0.31
CA PRO E 307 26.82 9.03 -1.13
C PRO E 307 27.84 9.90 -0.34
N PHE E 308 27.44 10.45 0.79
CA PHE E 308 28.35 11.20 1.70
C PHE E 308 29.29 10.24 2.45
N HIS E 309 28.96 8.96 2.55
CA HIS E 309 29.82 8.07 3.31
C HIS E 309 31.17 7.74 2.61
N GLU E 310 31.19 7.73 1.27
CA GLU E 310 32.39 7.48 0.51
C GLU E 310 33.58 8.37 1.00
N GLU E 311 33.37 9.69 1.12
CA GLU E 311 34.43 10.60 1.56
C GLU E 311 34.89 10.29 2.95
N ALA E 312 33.95 10.01 3.87
CA ALA E 312 34.36 9.70 5.23
C ALA E 312 35.19 8.40 5.25
N MET E 313 34.85 7.43 4.40
CA MET E 313 35.64 6.18 4.34
C MET E 313 37.02 6.48 3.77
N MET E 314 37.07 7.33 2.75
CA MET E 314 38.35 7.73 2.14
C MET E 314 39.27 8.45 3.14
N ARG E 315 38.69 9.28 4.00
CA ARG E 315 39.44 9.95 5.10
C ARG E 315 39.94 8.96 6.11
N PHE E 316 39.05 8.08 6.56
CA PHE E 316 39.43 6.96 7.43
C PHE E 316 40.59 6.15 6.86
N ILE E 317 40.52 5.79 5.58
CA ILE E 317 41.61 4.98 4.96
C ILE E 317 42.94 5.78 4.84
N GLU E 318 42.89 7.06 4.50
CA GLU E 318 44.08 7.92 4.47
C GLU E 318 44.72 8.06 5.85
N ALA E 319 43.90 8.36 6.83
CA ALA E 319 44.36 8.49 8.18
C ALA E 319 45.03 7.20 8.65
N TYR E 320 44.40 6.02 8.48
CA TYR E 320 44.85 4.84 9.25
C TYR E 320 45.41 3.64 8.50
N LEU E 321 45.28 3.61 7.18
CA LEU E 321 45.73 2.46 6.41
C LEU E 321 47.12 2.79 5.90
N MET F 6 1.25 1.06 -25.12
CA MET F 6 2.07 1.15 -26.37
C MET F 6 3.20 0.09 -26.45
N PRO F 7 3.01 -0.99 -27.23
CA PRO F 7 3.98 -2.09 -27.28
C PRO F 7 5.25 -1.80 -28.10
N LEU F 8 6.29 -2.57 -27.82
CA LEU F 8 7.69 -2.29 -28.21
C LEU F 8 7.96 -1.85 -29.65
N SER F 9 7.28 -2.45 -30.65
CA SER F 9 7.58 -2.07 -32.05
C SER F 9 6.92 -0.76 -32.51
N GLN F 10 5.77 -0.44 -31.93
CA GLN F 10 5.16 0.89 -32.07
C GLN F 10 6.02 1.98 -31.39
N LEU F 11 6.50 1.72 -30.17
CA LEU F 11 7.32 2.68 -29.38
C LEU F 11 8.46 3.24 -30.15
N GLN F 12 9.21 2.35 -30.78
CA GLN F 12 10.38 2.69 -31.59
C GLN F 12 10.11 3.58 -32.79
N ASP F 13 8.98 3.41 -33.45
CA ASP F 13 8.62 4.25 -34.60
C ASP F 13 7.86 5.51 -34.17
N TYR F 14 7.46 5.59 -32.88
CA TYR F 14 6.60 6.67 -32.40
C TYR F 14 7.25 8.05 -32.61
N LYS F 15 6.63 8.84 -33.46
CA LYS F 15 7.16 10.11 -33.89
C LYS F 15 6.02 11.11 -33.95
N PRO F 16 5.48 11.46 -32.78
CA PRO F 16 4.34 12.35 -32.80
C PRO F 16 4.72 13.66 -33.37
N GLU F 17 3.69 14.45 -33.73
CA GLU F 17 3.87 15.78 -34.28
C GLU F 17 4.59 16.71 -33.27
N LEU F 18 5.50 17.57 -33.75
CA LEU F 18 6.10 18.57 -32.90
C LEU F 18 5.08 19.60 -32.41
N THR F 19 5.22 20.04 -31.15
CA THR F 19 4.32 21.03 -30.62
C THR F 19 4.90 22.44 -30.67
N ASN F 20 6.18 22.62 -31.07
CA ASN F 20 6.82 23.98 -31.03
C ASN F 20 5.95 25.04 -31.75
N GLU F 21 5.73 26.20 -31.13
CA GLU F 21 5.03 27.31 -31.78
C GLU F 21 5.95 27.96 -32.82
N THR F 22 5.33 28.77 -33.68
CA THR F 22 6.03 29.41 -34.79
C THR F 22 7.18 30.29 -34.24
N ASP F 23 6.93 30.98 -33.13
CA ASP F 23 7.92 31.89 -32.52
C ASP F 23 8.90 31.21 -31.51
N PHE F 24 9.03 29.90 -31.60
CA PHE F 24 9.90 29.16 -30.69
C PHE F 24 11.37 29.63 -30.68
N ASP F 25 11.94 29.78 -31.86
CA ASP F 25 13.33 30.22 -32.01
C ASP F 25 13.50 31.67 -31.55
N LEU F 26 12.51 32.49 -31.89
CA LEU F 26 12.44 33.88 -31.43
C LEU F 26 12.17 34.05 -29.92
N PHE F 27 11.39 33.15 -29.31
CA PHE F 27 11.30 33.16 -27.84
C PHE F 27 12.72 32.96 -27.25
N TRP F 28 13.41 31.94 -27.74
CA TRP F 28 14.68 31.54 -27.20
C TRP F 28 15.84 32.45 -27.57
N ASP F 29 15.84 33.12 -28.71
CA ASP F 29 16.90 34.15 -28.85
C ASP F 29 16.58 35.42 -28.16
N ASN F 30 15.32 35.69 -27.85
CA ASN F 30 15.05 36.77 -26.89
C ASN F 30 15.47 36.46 -25.46
N ALA F 31 15.34 35.20 -25.01
CA ALA F 31 15.82 34.79 -23.69
C ALA F 31 17.35 34.77 -23.60
N LYS F 32 17.99 34.35 -24.69
CA LYS F 32 19.46 34.33 -24.75
C LYS F 32 20.00 35.76 -24.83
N ALA F 33 19.39 36.64 -25.64
CA ALA F 33 19.80 38.07 -25.67
C ALA F 33 19.91 38.64 -24.26
N LEU F 34 18.89 38.40 -23.43
CA LEU F 34 18.88 38.96 -22.09
C LEU F 34 19.86 38.21 -21.15
N SER F 35 20.11 36.93 -21.40
CA SER F 35 21.22 36.23 -20.74
C SER F 35 22.64 36.75 -21.10
N ASN F 36 22.87 36.97 -22.40
CA ASN F 36 24.14 37.51 -22.91
C ASN F 36 24.62 38.80 -22.20
N GLN F 37 23.67 39.62 -21.75
CA GLN F 37 23.99 40.93 -21.17
C GLN F 37 24.41 40.91 -19.70
N LYS F 38 24.36 39.74 -19.08
CA LYS F 38 24.77 39.54 -17.70
C LYS F 38 26.06 38.70 -17.75
N PRO F 39 27.22 39.31 -17.36
CA PRO F 39 28.49 38.60 -17.46
C PRO F 39 28.46 37.42 -16.52
N LEU F 40 29.26 36.41 -16.86
CA LEU F 40 29.35 35.20 -16.06
C LEU F 40 29.81 35.39 -14.60
N HIS F 41 30.77 36.30 -14.36
CA HIS F 41 31.45 36.58 -13.03
C HIS F 41 31.95 35.32 -12.34
N ALA F 42 32.45 34.42 -13.17
CA ALA F 42 32.85 33.08 -12.73
C ALA F 42 34.01 33.09 -11.74
N GLN F 43 33.79 32.52 -10.55
CA GLN F 43 34.83 32.32 -9.52
C GLN F 43 35.10 30.82 -9.20
N VAL F 44 36.35 30.50 -8.93
CA VAL F 44 36.81 29.14 -8.65
C VAL F 44 37.47 29.12 -7.28
N ASN F 45 37.62 27.96 -6.68
CA ASN F 45 38.27 27.83 -5.40
C ASN F 45 38.71 26.37 -5.07
N LEU F 46 40.02 26.12 -5.05
CA LEU F 46 40.59 24.79 -4.90
C LEU F 46 40.30 24.20 -3.53
N VAL F 47 39.72 22.99 -3.48
CA VAL F 47 39.42 22.33 -2.19
C VAL F 47 40.69 21.68 -1.62
N GLN F 48 40.89 21.84 -0.31
CA GLN F 48 42.14 21.48 0.38
C GLN F 48 41.95 20.16 1.14
N ASP F 49 42.94 19.30 1.05
CA ASP F 49 42.86 17.91 1.59
C ASP F 49 41.42 17.34 1.49
N TYR F 50 40.96 17.20 0.26
CA TYR F 50 39.99 16.20 -0.04
C TYR F 50 40.80 14.87 -0.16
N PRO F 51 40.25 13.76 0.34
CA PRO F 51 41.14 12.59 0.43
C PRO F 51 41.67 12.05 -0.92
N LEU F 52 40.95 12.19 -2.03
CA LEU F 52 41.53 11.93 -3.35
C LEU F 52 42.55 13.01 -3.74
N LYS F 53 43.80 12.58 -3.93
CA LYS F 53 44.90 13.43 -4.38
C LYS F 53 45.15 13.33 -5.88
N SER F 54 44.58 12.30 -6.49
CA SER F 54 44.68 12.06 -7.94
C SER F 54 44.03 13.09 -8.83
N ILE F 55 43.17 13.96 -8.26
CA ILE F 55 42.34 14.89 -9.02
C ILE F 55 42.41 16.33 -8.49
N SER F 56 42.19 17.29 -9.38
CA SER F 56 42.03 18.69 -8.89
C SER F 56 40.55 19.09 -8.69
N ILE F 57 40.18 19.42 -7.44
CA ILE F 57 38.78 19.65 -7.09
C ILE F 57 38.54 21.13 -6.83
N TYR F 58 37.67 21.75 -7.61
CA TYR F 58 37.27 23.17 -7.42
C TYR F 58 35.80 23.39 -6.99
N ASP F 59 35.61 24.10 -5.88
CA ASP F 59 34.34 24.73 -5.53
C ASP F 59 34.09 25.96 -6.45
N VAL F 60 33.01 25.95 -7.23
CA VAL F 60 32.76 26.94 -8.31
C VAL F 60 31.42 27.65 -8.19
N VAL F 61 31.39 28.89 -8.68
CA VAL F 61 30.18 29.74 -8.63
C VAL F 61 30.21 30.67 -9.79
N TYR F 62 29.15 30.68 -10.63
CA TYR F 62 28.95 31.70 -11.71
C TYR F 62 27.51 32.25 -11.60
N ASP F 63 27.27 33.40 -12.20
CA ASP F 63 25.92 34.00 -12.18
C ASP F 63 24.99 33.50 -13.32
N GLY F 64 23.75 33.20 -12.93
CA GLY F 64 22.67 33.03 -13.91
C GLY F 64 22.31 34.36 -14.58
N ALA F 65 21.47 34.29 -15.59
CA ALA F 65 21.07 35.46 -16.38
C ALA F 65 20.42 36.58 -15.57
N ASP F 66 19.75 36.26 -14.45
CA ASP F 66 19.15 37.27 -13.51
C ASP F 66 19.94 37.43 -12.19
N GLY F 67 21.24 37.12 -12.21
CA GLY F 67 22.11 37.29 -11.03
C GLY F 67 22.05 36.20 -9.96
N THR F 68 21.27 35.15 -10.19
CA THR F 68 21.35 34.01 -9.29
C THR F 68 22.74 33.38 -9.34
N PRO F 69 23.37 33.19 -8.19
CA PRO F 69 24.68 32.57 -8.18
C PRO F 69 24.53 31.02 -8.18
N ILE F 70 25.06 30.37 -9.22
CA ILE F 70 24.94 28.93 -9.43
C ILE F 70 26.21 28.29 -8.97
N HIS F 71 26.06 27.34 -8.06
CA HIS F 71 27.19 26.65 -7.46
C HIS F 71 27.40 25.32 -8.17
N GLY F 72 28.66 24.90 -8.27
CA GLY F 72 29.05 23.66 -8.92
C GLY F 72 30.29 23.06 -8.28
N TRP F 73 30.57 21.82 -8.67
CA TRP F 73 31.87 21.16 -8.45
C TRP F 73 32.55 20.98 -9.80
N TYR F 74 33.78 21.46 -9.95
CA TYR F 74 34.57 21.33 -11.21
C TYR F 74 35.86 20.55 -10.91
N VAL F 75 36.03 19.46 -11.64
CA VAL F 75 37.08 18.46 -11.44
C VAL F 75 37.95 18.31 -12.69
N THR F 76 39.27 18.32 -12.49
CA THR F 76 40.26 17.99 -13.57
C THR F 76 41.27 16.95 -13.04
N PRO F 77 41.90 16.23 -13.96
CA PRO F 77 43.07 15.43 -13.51
C PRO F 77 44.17 16.34 -12.89
N LYS F 78 44.95 15.85 -11.92
CA LYS F 78 45.88 16.70 -11.15
C LYS F 78 47.00 17.36 -11.97
N GLY F 79 47.64 18.35 -11.35
CA GLY F 79 48.72 19.12 -11.96
C GLY F 79 48.25 20.12 -12.99
N GLU F 80 49.19 20.78 -13.67
CA GLU F 80 48.86 21.81 -14.70
C GLU F 80 48.69 21.14 -16.05
N HIS F 81 47.87 21.75 -16.90
CA HIS F 81 47.57 21.24 -18.26
C HIS F 81 47.80 22.32 -19.31
N GLN F 82 47.96 21.88 -20.54
CA GLN F 82 48.18 22.79 -21.64
C GLN F 82 46.88 23.56 -21.91
N PRO F 83 46.96 24.77 -22.53
CA PRO F 83 45.81 25.37 -23.21
C PRO F 83 45.07 24.42 -24.14
N GLY F 84 43.74 24.43 -24.11
CA GLY F 84 42.88 23.60 -24.98
C GLY F 84 43.04 22.07 -24.97
N SER F 85 43.77 21.47 -24.04
CA SER F 85 44.00 20.01 -24.10
C SER F 85 42.72 19.20 -23.69
N LEU F 86 42.18 19.50 -22.52
CA LEU F 86 41.15 18.67 -21.85
C LEU F 86 39.73 18.63 -22.44
N PRO F 87 39.23 17.44 -22.85
CA PRO F 87 37.79 17.37 -23.10
C PRO F 87 37.00 17.52 -21.77
N VAL F 88 35.73 17.90 -21.89
CA VAL F 88 34.86 18.22 -20.72
C VAL F 88 33.39 17.68 -20.83
N LEU F 89 32.90 17.25 -19.69
CA LEU F 89 31.59 16.67 -19.56
C LEU F 89 30.90 17.57 -18.55
N VAL F 90 29.75 18.05 -18.92
CA VAL F 90 28.87 18.81 -18.00
C VAL F 90 27.70 17.92 -17.57
N LYS F 91 27.51 17.78 -16.27
CA LYS F 91 26.48 16.94 -15.70
C LYS F 91 25.38 17.77 -15.02
N TYR F 92 24.14 17.54 -15.43
CA TYR F 92 22.93 18.14 -14.80
C TYR F 92 22.18 17.09 -13.97
N HIS F 93 21.54 17.49 -12.85
CA HIS F 93 20.99 16.54 -11.87
C HIS F 93 19.45 16.38 -11.90
N GLY F 94 19.01 15.31 -11.21
CA GLY F 94 17.63 14.91 -11.09
C GLY F 94 16.77 15.92 -10.35
N TYR F 95 15.45 15.72 -10.45
CA TYR F 95 14.48 16.63 -9.85
C TYR F 95 14.64 16.70 -8.35
N SER F 96 14.86 17.89 -7.81
CA SER F 96 15.01 18.12 -6.35
C SER F 96 16.39 17.85 -5.74
N GLY F 97 17.35 17.43 -6.58
CA GLY F 97 18.69 17.02 -6.13
C GLY F 97 19.62 18.19 -6.17
N ASN F 98 20.90 17.93 -6.28
CA ASN F 98 21.90 19.03 -6.24
C ASN F 98 23.16 18.60 -6.99
N ARG F 99 24.20 19.42 -6.88
CA ARG F 99 25.51 19.14 -7.49
C ARG F 99 26.23 17.83 -7.04
N GLY F 100 25.74 17.15 -6.01
CA GLY F 100 26.35 15.92 -5.56
C GLY F 100 27.68 16.21 -4.83
N TYR F 101 28.60 15.23 -4.86
CA TYR F 101 29.86 15.29 -4.16
C TYR F 101 30.98 15.12 -5.21
N PRO F 102 32.16 15.65 -4.91
CA PRO F 102 33.12 15.66 -6.03
C PRO F 102 33.61 14.24 -6.41
N ASN F 103 33.65 13.30 -5.48
CA ASN F 103 33.99 11.89 -5.84
C ASN F 103 33.18 11.28 -6.93
N GLU F 104 31.94 11.70 -7.12
CA GLU F 104 31.10 11.24 -8.25
C GLU F 104 31.53 11.65 -9.65
N LEU F 105 32.55 12.49 -9.75
CA LEU F 105 33.06 12.95 -11.05
C LEU F 105 34.40 12.28 -11.36
N LEU F 106 34.91 11.53 -10.39
CA LEU F 106 36.26 10.93 -10.44
C LEU F 106 36.46 10.08 -11.67
N GLN F 107 35.41 9.42 -12.13
CA GLN F 107 35.54 8.53 -13.28
C GLN F 107 35.79 9.27 -14.60
N TRP F 108 35.20 10.44 -14.73
CA TRP F 108 35.40 11.24 -15.91
C TRP F 108 36.81 11.83 -15.88
N ALA F 109 37.29 12.16 -14.69
CA ALA F 109 38.64 12.68 -14.52
C ALA F 109 39.72 11.63 -14.62
N SER F 110 39.40 10.39 -14.27
CA SER F 110 40.36 9.30 -14.42
C SER F 110 40.53 8.93 -15.89
N MET F 111 39.56 9.27 -16.75
CA MET F 111 39.68 9.23 -18.25
C MET F 111 40.41 10.44 -18.93
N GLY F 112 41.17 11.22 -18.17
CA GLY F 112 41.74 12.45 -18.70
C GLY F 112 40.77 13.52 -19.21
N MET F 113 39.58 13.63 -18.60
CA MET F 113 38.63 14.73 -18.85
C MET F 113 38.50 15.65 -17.66
N ALA F 114 37.92 16.80 -17.92
CA ALA F 114 37.46 17.69 -16.89
C ALA F 114 35.96 17.38 -16.73
N ALA F 115 35.40 17.70 -15.59
CA ALA F 115 33.95 17.52 -15.41
C ALA F 115 33.33 18.61 -14.52
N LEU F 116 32.10 18.99 -14.83
CA LEU F 116 31.33 20.02 -14.10
C LEU F 116 29.94 19.49 -13.77
N ALA F 117 29.62 19.48 -12.48
CA ALA F 117 28.28 19.24 -11.99
C ALA F 117 27.74 20.52 -11.31
N ILE F 118 26.56 20.95 -11.71
CA ILE F 118 25.93 22.18 -11.18
C ILE F 118 24.64 21.89 -10.41
N ASP F 119 24.31 22.74 -9.42
CA ASP F 119 22.95 22.87 -8.84
C ASP F 119 21.95 23.44 -9.91
N VAL F 120 20.71 22.96 -9.92
CA VAL F 120 19.58 23.59 -10.57
C VAL F 120 18.90 24.45 -9.50
N ARG F 121 18.76 25.71 -9.84
CA ARG F 121 18.21 26.74 -8.96
C ARG F 121 16.92 26.42 -8.12
N GLY F 122 16.97 26.66 -6.83
CA GLY F 122 15.84 26.42 -5.98
C GLY F 122 15.72 25.01 -5.40
N GLN F 123 16.48 24.01 -5.85
CA GLN F 123 16.22 22.64 -5.52
C GLN F 123 17.13 22.30 -4.40
N GLY F 124 17.49 21.04 -4.23
CA GLY F 124 18.03 20.63 -2.96
C GLY F 124 19.47 20.87 -2.65
N GLY F 125 19.95 22.07 -2.97
CA GLY F 125 21.36 22.43 -2.83
C GLY F 125 21.46 23.82 -2.22
N VAL F 126 22.67 24.37 -2.25
CA VAL F 126 22.91 25.71 -1.74
C VAL F 126 22.45 26.82 -2.77
N THR F 127 22.16 26.48 -3.99
CA THR F 127 21.77 27.49 -5.03
C THR F 127 20.26 27.86 -4.94
N PRO F 128 19.96 29.16 -4.61
CA PRO F 128 18.63 29.66 -4.44
C PRO F 128 18.03 29.91 -5.78
N ASP F 129 16.78 30.37 -5.82
CA ASP F 129 16.15 30.84 -7.08
C ASP F 129 15.71 32.32 -6.86
N ARG F 130 16.22 33.26 -7.64
CA ARG F 130 15.87 34.68 -7.49
C ARG F 130 14.77 35.20 -8.43
N ALA F 131 14.34 34.39 -9.43
CA ALA F 131 13.18 34.76 -10.26
C ALA F 131 11.89 34.92 -9.46
N GLU F 132 11.10 35.89 -9.87
CA GLU F 132 9.83 36.24 -9.29
C GLU F 132 8.75 35.68 -10.22
N TYR F 133 7.64 35.20 -9.66
CA TYR F 133 6.55 34.64 -10.46
C TYR F 133 5.24 35.35 -10.18
N PRO F 134 4.35 35.44 -11.20
CA PRO F 134 3.11 36.19 -10.97
C PRO F 134 2.12 35.59 -9.94
N GLN F 135 2.18 34.29 -9.65
CA GLN F 135 1.25 33.62 -8.74
C GLN F 135 1.95 32.62 -7.86
N GLY F 136 1.15 31.95 -7.04
CA GLY F 136 1.63 30.79 -6.38
C GLY F 136 1.92 29.57 -7.23
N GLY F 137 1.86 28.42 -6.59
CA GLY F 137 2.06 27.15 -7.28
C GLY F 137 1.76 25.97 -6.43
N ILE F 138 1.98 24.81 -7.02
CA ILE F 138 1.97 23.51 -6.32
C ILE F 138 3.37 23.28 -5.69
N PRO F 139 3.47 22.58 -4.51
CA PRO F 139 4.84 22.32 -3.97
C PRO F 139 5.73 21.66 -5.03
N GLY F 140 6.96 22.13 -5.14
CA GLY F 140 7.85 21.79 -6.28
C GLY F 140 8.04 23.01 -7.15
N TRP F 141 8.47 22.82 -8.39
CA TRP F 141 8.79 23.96 -9.27
C TRP F 141 8.16 23.89 -10.65
N MET F 142 7.44 22.81 -10.98
CA MET F 142 6.92 22.61 -12.32
C MET F 142 5.85 23.61 -12.68
N THR F 143 5.16 24.17 -11.68
CA THR F 143 4.05 25.04 -11.98
C THR F 143 4.34 26.50 -11.80
N LEU F 144 5.55 26.86 -11.33
CA LEU F 144 5.87 28.30 -11.17
C LEU F 144 5.93 29.01 -12.52
N GLY F 145 5.13 30.03 -12.64
CA GLY F 145 5.05 30.83 -13.88
C GLY F 145 4.39 30.15 -15.09
N ILE F 146 3.61 29.10 -14.85
CA ILE F 146 3.07 28.27 -15.91
C ILE F 146 2.16 28.89 -16.93
N LEU F 147 1.49 29.97 -16.56
CA LEU F 147 0.64 30.67 -17.51
C LEU F 147 1.37 31.55 -18.50
N ASP F 148 2.68 31.76 -18.35
CA ASP F 148 3.44 32.71 -19.20
C ASP F 148 4.88 32.17 -19.55
N PRO F 149 5.14 31.85 -20.82
CA PRO F 149 6.43 31.35 -21.23
C PRO F 149 7.62 32.16 -20.67
N ALA F 150 7.50 33.49 -20.69
CA ALA F 150 8.58 34.37 -20.21
C ALA F 150 8.86 34.29 -18.68
N SER F 151 7.86 33.91 -17.91
CA SER F 151 7.98 33.88 -16.49
C SER F 151 8.11 32.43 -16.01
N TYR F 152 8.10 31.43 -16.90
CA TYR F 152 8.14 30.01 -16.48
C TYR F 152 9.46 29.53 -15.84
N TYR F 153 9.36 28.78 -14.73
CA TYR F 153 10.53 28.31 -13.99
C TYR F 153 11.72 27.83 -14.83
N TYR F 154 11.47 27.03 -15.86
CA TYR F 154 12.57 26.43 -16.60
C TYR F 154 13.20 27.36 -17.67
N LYS F 155 12.67 28.54 -17.88
CA LYS F 155 13.39 29.56 -18.64
C LYS F 155 14.74 29.85 -18.04
N GLN F 156 14.77 30.40 -16.83
CA GLN F 156 16.07 30.68 -16.25
C GLN F 156 16.90 29.41 -16.00
N VAL F 157 16.25 28.25 -15.80
CA VAL F 157 17.01 27.00 -15.58
C VAL F 157 17.84 26.65 -16.83
N TYR F 158 17.18 26.75 -17.97
CA TYR F 158 17.75 26.42 -19.24
C TYR F 158 18.91 27.37 -19.55
N LEU F 159 18.67 28.65 -19.33
CA LEU F 159 19.73 29.62 -19.42
C LEU F 159 20.91 29.30 -18.46
N ASP F 160 20.65 28.95 -17.20
CA ASP F 160 21.79 28.61 -16.30
C ASP F 160 22.60 27.33 -16.86
N CYS F 161 21.90 26.43 -17.53
CA CYS F 161 22.52 25.22 -18.09
C CYS F 161 23.44 25.56 -19.28
N ILE F 162 23.02 26.59 -20.05
CA ILE F 162 23.85 27.05 -21.14
C ILE F 162 25.06 27.76 -20.58
N ARG F 163 24.85 28.58 -19.57
CA ARG F 163 25.96 29.36 -19.07
C ARG F 163 26.98 28.46 -18.39
N ALA F 164 26.55 27.27 -17.97
CA ALA F 164 27.50 26.25 -17.58
C ALA F 164 28.51 25.98 -18.74
N LEU F 165 28.01 25.89 -19.96
CA LEU F 165 28.85 25.75 -21.12
C LEU F 165 29.84 26.91 -21.15
N ASP F 166 29.38 28.16 -21.05
CA ASP F 166 30.29 29.33 -21.03
C ASP F 166 31.36 29.20 -19.92
N PHE F 167 30.98 28.72 -18.75
CA PHE F 167 31.97 28.50 -17.72
C PHE F 167 33.12 27.52 -18.12
N VAL F 168 32.77 26.34 -18.65
CA VAL F 168 33.82 25.42 -19.09
C VAL F 168 34.66 25.98 -20.25
N CYS F 169 34.03 26.71 -21.16
CA CYS F 169 34.71 27.26 -22.33
C CYS F 169 35.64 28.45 -22.07
N SER F 170 35.56 28.98 -20.85
CA SER F 170 36.38 30.08 -20.42
C SER F 170 37.52 29.62 -19.55
N ARG F 171 37.55 28.32 -19.20
CA ARG F 171 38.69 27.72 -18.50
C ARG F 171 39.76 27.42 -19.57
N GLU F 172 41.02 27.80 -19.31
CA GLU F 172 42.12 27.67 -20.30
C GLU F 172 42.41 26.22 -20.64
N GLU F 173 42.48 25.35 -19.63
CA GLU F 173 42.68 23.88 -19.83
C GLU F 173 41.68 23.21 -20.77
N VAL F 174 40.45 23.70 -20.77
CA VAL F 174 39.35 23.04 -21.46
C VAL F 174 39.43 23.23 -22.95
N ASP F 175 38.96 22.25 -23.72
CA ASP F 175 38.91 22.23 -25.19
C ASP F 175 37.44 22.34 -25.65
N ALA F 176 37.04 23.51 -26.16
CA ALA F 176 35.63 23.80 -26.42
C ALA F 176 34.99 22.93 -27.47
N SER F 177 35.81 22.21 -28.23
CA SER F 177 35.31 21.38 -29.32
C SER F 177 34.95 19.96 -28.86
N ARG F 178 35.36 19.58 -27.63
CA ARG F 178 35.05 18.26 -27.06
C ARG F 178 34.25 18.39 -25.74
N ILE F 179 33.07 18.95 -25.90
CA ILE F 179 32.08 19.12 -24.79
C ILE F 179 31.01 18.01 -24.86
N ALA F 180 30.77 17.30 -23.76
CA ALA F 180 29.61 16.40 -23.65
C ALA F 180 28.69 16.86 -22.50
N VAL F 181 27.39 16.68 -22.70
CA VAL F 181 26.36 17.03 -21.70
C VAL F 181 25.65 15.74 -21.36
N TYR F 182 25.37 15.57 -20.08
CA TYR F 182 24.88 14.31 -19.58
C TYR F 182 23.97 14.57 -18.42
N GLY F 183 23.00 13.68 -18.21
CA GLY F 183 22.35 13.55 -16.89
C GLY F 183 21.13 12.63 -16.97
N GLY F 184 20.64 12.26 -15.79
CA GLY F 184 19.47 11.41 -15.62
C GLY F 184 18.18 12.13 -15.22
N SER F 185 17.07 11.82 -15.92
CA SER F 185 15.76 12.31 -15.59
C SER F 185 15.58 13.80 -15.86
N GLN F 186 15.26 14.67 -14.89
CA GLN F 186 15.41 16.14 -15.14
C GLN F 186 16.73 16.47 -15.86
N GLY F 187 17.85 15.88 -15.44
CA GLY F 187 19.17 16.15 -16.03
C GLY F 187 19.21 15.83 -17.53
N GLY F 188 18.47 14.81 -17.89
CA GLY F 188 18.37 14.36 -19.26
C GLY F 188 17.67 15.31 -20.14
N GLY F 189 16.55 15.85 -19.65
CA GLY F 189 15.87 16.96 -20.28
C GLY F 189 16.71 18.22 -20.41
N LEU F 190 17.50 18.54 -19.38
CA LEU F 190 18.34 19.75 -19.42
C LEU F 190 19.46 19.55 -20.45
N ALA F 191 20.05 18.35 -20.48
CA ALA F 191 21.05 18.01 -21.50
C ALA F 191 20.51 18.14 -22.91
N LEU F 192 19.34 17.58 -23.16
CA LEU F 192 18.57 17.86 -24.39
C LEU F 192 18.44 19.33 -24.70
N ALA F 193 18.03 20.14 -23.72
CA ALA F 193 17.79 21.56 -24.00
C ALA F 193 19.11 22.31 -24.27
N ALA F 194 20.17 21.88 -23.56
CA ALA F 194 21.51 22.44 -23.64
C ALA F 194 22.05 22.20 -25.02
N ALA F 195 22.05 20.94 -25.45
CA ALA F 195 22.49 20.59 -26.84
C ALA F 195 21.54 21.05 -27.91
N GLY F 196 20.31 21.43 -27.57
CA GLY F 196 19.35 21.93 -28.57
C GLY F 196 19.29 23.46 -28.72
N LEU F 197 19.79 24.19 -27.73
CA LEU F 197 19.76 25.65 -27.70
C LEU F 197 21.14 26.21 -27.99
N ASP F 198 22.17 25.42 -27.74
CA ASP F 198 23.51 25.82 -27.97
C ASP F 198 24.28 24.89 -28.96
N SER F 199 25.08 25.51 -29.84
CA SER F 199 25.88 24.80 -30.85
C SER F 199 27.06 23.99 -30.34
N ARG F 200 27.53 24.25 -29.12
CA ARG F 200 28.84 23.76 -28.70
C ARG F 200 28.89 22.26 -28.31
N PRO F 201 27.87 21.72 -27.61
CA PRO F 201 28.12 20.33 -27.13
C PRO F 201 28.36 19.39 -28.28
N LYS F 202 29.40 18.54 -28.19
CA LYS F 202 29.67 17.61 -29.29
C LYS F 202 28.81 16.35 -29.13
N LEU F 203 28.69 15.92 -27.86
CA LEU F 203 27.98 14.71 -27.48
C LEU F 203 26.83 15.07 -26.51
N ALA F 204 25.69 14.37 -26.66
CA ALA F 204 24.62 14.37 -25.66
C ALA F 204 24.32 12.96 -25.11
N LEU F 205 24.25 12.84 -23.77
CA LEU F 205 23.95 11.58 -23.13
C LEU F 205 22.76 11.66 -22.15
N PRO F 206 21.58 11.96 -22.68
CA PRO F 206 20.37 11.89 -21.84
C PRO F 206 20.00 10.44 -21.38
N VAL F 207 19.69 10.29 -20.09
CA VAL F 207 19.21 9.02 -19.51
C VAL F 207 17.78 9.25 -18.99
N PHE F 208 16.85 8.38 -19.42
CA PHE F 208 15.40 8.50 -19.24
C PHE F 208 14.91 9.92 -19.03
N PRO F 209 15.02 10.74 -20.08
CA PRO F 209 14.83 12.13 -19.87
C PRO F 209 13.40 12.45 -19.42
N PHE F 210 13.35 13.32 -18.41
CA PHE F 210 12.15 14.09 -18.00
C PHE F 210 11.98 15.37 -18.92
N LEU F 211 10.90 16.14 -18.77
CA LEU F 211 10.55 17.34 -19.58
C LEU F 211 10.28 17.05 -21.09
N CYS F 212 9.73 15.87 -21.37
CA CYS F 212 9.45 15.42 -22.74
C CYS F 212 7.99 15.05 -22.95
N HIS F 213 7.47 15.52 -24.07
CA HIS F 213 6.11 15.32 -24.54
C HIS F 213 5.06 15.53 -23.41
N PHE F 214 4.81 16.80 -23.05
CA PHE F 214 4.20 17.16 -21.72
C PHE F 214 2.75 16.74 -21.65
N ARG F 215 2.02 16.91 -22.75
CA ARG F 215 0.63 16.54 -22.81
C ARG F 215 0.43 15.03 -22.60
N ARG F 216 1.20 14.25 -23.32
CA ARG F 216 1.18 12.83 -23.14
C ARG F 216 1.58 12.35 -21.73
N SER F 217 2.63 12.94 -21.15
CA SER F 217 3.06 12.58 -19.80
C SER F 217 1.98 12.83 -18.73
N VAL F 218 1.28 13.95 -18.87
CA VAL F 218 0.17 14.26 -18.02
C VAL F 218 -1.01 13.31 -18.29
N GLU F 219 -1.37 13.11 -19.56
CA GLU F 219 -2.60 12.36 -19.88
C GLU F 219 -2.46 10.85 -19.54
N ILE F 220 -1.26 10.30 -19.59
CA ILE F 220 -1.10 8.88 -19.22
C ILE F 220 -0.77 8.67 -17.74
N HIS F 221 -0.95 9.71 -16.91
CA HIS F 221 -0.74 9.66 -15.44
C HIS F 221 0.63 9.13 -15.05
N ALA F 222 1.67 9.65 -15.70
CA ALA F 222 3.04 9.43 -15.25
C ALA F 222 3.22 9.89 -13.78
N SER F 223 3.97 9.13 -12.99
CA SER F 223 4.28 9.49 -11.58
C SER F 223 5.35 10.55 -11.50
N GLY F 224 5.70 10.95 -10.28
CA GLY F 224 6.73 11.92 -10.04
C GLY F 224 6.24 13.32 -10.42
N PRO F 225 7.18 14.18 -10.84
CA PRO F 225 6.81 15.58 -10.95
C PRO F 225 5.80 15.93 -11.98
N TYR F 226 5.57 15.12 -13.01
CA TYR F 226 4.45 15.37 -13.92
C TYR F 226 3.07 15.54 -13.21
N VAL F 227 2.90 14.87 -12.10
CA VAL F 227 1.67 15.02 -11.29
C VAL F 227 1.43 16.42 -10.72
N GLU F 228 2.48 17.23 -10.56
CA GLU F 228 2.27 18.65 -10.21
C GLU F 228 1.42 19.44 -11.21
N ILE F 229 1.55 19.13 -12.48
CA ILE F 229 0.75 19.78 -13.54
C ILE F 229 -0.73 19.40 -13.49
N LYS F 230 -1.01 18.15 -13.10
CA LYS F 230 -2.37 17.73 -12.83
C LYS F 230 -2.95 18.43 -11.60
N ASN F 231 -2.15 18.54 -10.53
CA ASN F 231 -2.58 19.22 -9.30
C ASN F 231 -2.73 20.68 -9.59
N TRP F 232 -2.03 21.21 -10.58
CA TRP F 232 -2.28 22.61 -11.00
C TRP F 232 -3.73 22.75 -11.46
N PHE F 233 -4.16 21.91 -12.39
CA PHE F 233 -5.55 22.00 -12.87
C PHE F 233 -6.56 21.82 -11.73
N ARG F 234 -6.34 20.82 -10.87
CA ARG F 234 -7.15 20.65 -9.67
C ARG F 234 -7.45 21.93 -8.87
N ARG F 235 -6.39 22.68 -8.59
CA ARG F 235 -6.41 23.83 -7.72
C ARG F 235 -6.77 25.09 -8.46
N TYR F 236 -6.35 25.22 -9.71
CA TYR F 236 -6.56 26.48 -10.45
C TYR F 236 -7.59 26.43 -11.59
N ASP F 237 -7.92 25.26 -12.11
CA ASP F 237 -8.71 25.25 -13.38
C ASP F 237 -9.35 23.87 -13.54
N PRO F 238 -10.36 23.61 -12.73
CA PRO F 238 -10.92 22.25 -12.73
C PRO F 238 -11.62 21.80 -14.04
N GLU F 239 -12.12 22.73 -14.84
CA GLU F 239 -12.74 22.41 -16.14
C GLU F 239 -11.76 22.51 -17.31
N HIS F 240 -10.46 22.61 -17.01
CA HIS F 240 -9.42 22.72 -18.01
C HIS F 240 -9.70 23.84 -19.03
N ARG F 241 -10.21 24.99 -18.63
CA ARG F 241 -10.44 26.08 -19.61
C ARG F 241 -9.15 26.79 -20.03
N GLN F 242 -8.07 26.52 -19.31
CA GLN F 242 -6.79 27.13 -19.57
C GLN F 242 -5.81 26.08 -20.03
N GLU F 243 -6.30 24.89 -20.42
CA GLU F 243 -5.50 23.75 -20.94
C GLU F 243 -4.55 24.26 -22.06
N GLU F 244 -5.04 25.15 -22.90
CA GLU F 244 -4.30 25.52 -24.08
C GLU F 244 -3.11 26.36 -23.71
N GLN F 245 -3.30 27.40 -22.90
CA GLN F 245 -2.18 28.21 -22.46
C GLN F 245 -1.14 27.40 -21.65
N VAL F 246 -1.60 26.38 -20.92
CA VAL F 246 -0.69 25.62 -20.09
C VAL F 246 0.28 24.87 -21.01
N TYR F 247 -0.28 24.11 -21.92
CA TYR F 247 0.55 23.24 -22.77
C TYR F 247 1.32 24.00 -23.81
N ARG F 248 0.83 25.17 -24.17
CA ARG F 248 1.55 26.13 -24.97
C ARG F 248 2.79 26.57 -24.28
N THR F 249 2.65 27.05 -23.04
CA THR F 249 3.80 27.48 -22.24
C THR F 249 4.83 26.41 -22.23
N LEU F 250 4.38 25.19 -21.96
CA LEU F 250 5.26 24.07 -21.76
C LEU F 250 5.94 23.61 -23.07
N SER F 251 5.32 23.89 -24.20
CA SER F 251 5.92 23.54 -25.49
C SER F 251 7.26 24.26 -25.73
N TYR F 252 7.51 25.41 -25.09
CA TYR F 252 8.79 26.10 -25.31
C TYR F 252 9.93 25.41 -24.63
N PHE F 253 9.61 24.42 -23.79
CA PHE F 253 10.58 23.79 -22.93
C PHE F 253 10.68 22.31 -23.16
N ASP F 254 9.86 21.78 -24.07
CA ASP F 254 9.72 20.34 -24.32
C ASP F 254 10.98 19.67 -25.04
N GLY F 255 11.50 18.60 -24.48
CA GLY F 255 12.64 17.90 -25.06
C GLY F 255 12.45 17.47 -26.50
N MET F 256 11.23 17.09 -26.82
CA MET F 256 10.81 16.74 -28.17
C MET F 256 11.13 17.87 -29.14
N ASN F 257 10.66 19.06 -28.79
CA ASN F 257 10.95 20.22 -29.63
C ASN F 257 12.43 20.56 -29.66
N MET F 258 13.13 20.43 -28.53
CA MET F 258 14.55 20.71 -28.48
C MET F 258 15.34 19.74 -29.35
N ALA F 259 14.87 18.50 -29.41
CA ALA F 259 15.68 17.40 -29.95
C ALA F 259 15.81 17.53 -31.48
N SER F 260 14.79 18.14 -32.05
CA SER F 260 14.72 18.58 -33.45
C SER F 260 15.87 19.47 -33.90
N ARG F 261 16.40 20.25 -32.96
CA ARG F 261 17.46 21.21 -33.19
C ARG F 261 18.80 20.72 -32.74
N ILE F 262 18.86 19.52 -32.17
CA ILE F 262 20.13 18.95 -31.77
C ILE F 262 20.83 18.28 -32.96
N LYS F 263 22.02 18.78 -33.30
CA LYS F 263 22.83 18.16 -34.37
C LYS F 263 23.98 17.33 -33.79
N ALA F 264 24.25 17.46 -32.48
CA ALA F 264 25.23 16.61 -31.79
C ALA F 264 24.86 15.10 -31.83
N ARG F 265 25.84 14.27 -31.48
CA ARG F 265 25.70 12.82 -31.47
C ARG F 265 25.19 12.30 -30.07
N THR F 266 24.09 11.55 -30.07
CA THR F 266 23.28 11.30 -28.84
C THR F 266 23.20 9.81 -28.48
N LEU F 267 23.57 9.43 -27.26
CA LEU F 267 23.35 8.09 -26.72
C LEU F 267 22.26 8.20 -25.65
N MET F 268 21.06 7.70 -25.94
CA MET F 268 19.93 7.73 -25.00
C MET F 268 19.67 6.40 -24.34
N ALA F 269 19.74 6.34 -23.01
CA ALA F 269 19.20 5.20 -22.22
C ALA F 269 17.70 5.38 -22.00
N ILE F 270 16.92 4.36 -22.39
CA ILE F 270 15.49 4.33 -22.16
C ILE F 270 15.12 3.05 -21.41
N THR F 271 14.28 3.24 -20.40
CA THR F 271 13.84 2.20 -19.47
C THR F 271 12.37 1.93 -19.73
N LEU F 272 12.09 0.68 -20.04
CA LEU F 272 10.79 0.27 -20.53
C LEU F 272 9.76 0.14 -19.43
N GLN F 273 10.17 -0.06 -18.16
CA GLN F 273 9.19 -0.10 -17.05
C GLN F 273 9.05 1.20 -16.25
N ASP F 274 9.61 2.29 -16.76
CA ASP F 274 9.63 3.58 -16.05
C ASP F 274 8.23 4.23 -16.09
N ILE F 275 7.67 4.53 -14.91
CA ILE F 275 6.33 5.15 -14.80
C ILE F 275 6.42 6.65 -14.47
N THR F 276 7.62 7.14 -14.16
CA THR F 276 7.89 8.57 -14.00
C THR F 276 8.23 9.26 -15.34
N CYS F 277 9.09 8.62 -16.12
CA CYS F 277 9.52 9.06 -17.44
C CYS F 277 9.12 7.90 -18.39
N PRO F 278 7.90 7.96 -18.93
CA PRO F 278 7.33 6.85 -19.69
C PRO F 278 8.05 6.68 -21.02
N PRO F 279 8.41 5.43 -21.37
CA PRO F 279 9.23 5.20 -22.57
C PRO F 279 8.68 5.86 -23.83
N SER F 280 7.35 5.97 -23.99
CA SER F 280 6.74 6.72 -25.12
C SER F 280 7.19 8.17 -25.22
N THR F 281 7.34 8.85 -24.10
CA THR F 281 7.78 10.24 -24.17
C THR F 281 9.28 10.37 -24.48
N CYS F 282 10.08 9.44 -23.96
CA CYS F 282 11.51 9.41 -24.25
C CYS F 282 11.76 9.08 -25.78
N PHE F 283 10.95 8.19 -26.37
CA PHE F 283 11.09 7.76 -27.79
C PHE F 283 10.59 8.79 -28.74
N ALA F 284 9.56 9.53 -28.34
CA ALA F 284 9.13 10.76 -28.99
C ALA F 284 10.26 11.76 -29.19
N ALA F 285 11.03 12.03 -28.14
CA ALA F 285 12.21 12.90 -28.26
C ALA F 285 13.32 12.28 -29.13
N TYR F 286 13.56 10.99 -28.97
CA TYR F 286 14.60 10.26 -29.71
C TYR F 286 14.42 10.21 -31.22
N ASN F 287 13.18 9.95 -31.66
CA ASN F 287 12.82 9.88 -33.07
C ASN F 287 12.67 11.23 -33.68
N HIS F 288 12.94 12.31 -32.93
CA HIS F 288 12.96 13.67 -33.50
C HIS F 288 14.39 14.23 -33.49
N LEU F 289 15.36 13.49 -33.02
CA LEU F 289 16.74 13.93 -33.11
C LEU F 289 17.17 14.07 -34.60
N ALA F 290 17.92 15.16 -34.86
CA ALA F 290 18.33 15.58 -36.21
C ALA F 290 19.76 15.12 -36.60
N GLY F 291 20.62 14.85 -35.63
CA GLY F 291 21.93 14.25 -35.89
C GLY F 291 21.96 12.76 -35.61
N PRO F 292 23.15 12.13 -35.71
CA PRO F 292 23.33 10.70 -35.34
C PRO F 292 23.00 10.40 -33.88
N LYS F 293 22.56 9.17 -33.65
CA LYS F 293 22.05 8.78 -32.38
C LYS F 293 22.11 7.28 -32.25
N GLU F 294 22.12 6.83 -31.01
CA GLU F 294 22.10 5.42 -30.65
C GLU F 294 21.28 5.29 -29.33
N VAL F 295 20.77 4.09 -29.06
CA VAL F 295 19.88 3.87 -27.93
C VAL F 295 20.27 2.62 -27.18
N ARG F 296 20.07 2.64 -25.87
CA ARG F 296 20.19 1.44 -25.04
C ARG F 296 18.79 1.27 -24.41
N LEU F 297 18.21 0.07 -24.56
CA LEU F 297 16.81 -0.17 -24.25
C LEU F 297 16.84 -1.18 -23.14
N TYR F 298 16.61 -0.72 -21.90
CA TYR F 298 16.71 -1.62 -20.76
C TYR F 298 15.32 -2.10 -20.36
N HIS F 299 14.97 -3.33 -20.79
CA HIS F 299 13.57 -3.85 -20.77
C HIS F 299 12.94 -3.92 -19.38
N ASP F 300 13.73 -4.32 -18.38
CA ASP F 300 13.22 -4.64 -17.04
C ASP F 300 13.60 -3.64 -15.98
N TYR F 301 13.92 -2.41 -16.41
CA TYR F 301 14.35 -1.35 -15.53
C TYR F 301 13.30 -0.26 -15.62
N GLY F 302 13.04 0.33 -14.46
CA GLY F 302 12.15 1.48 -14.30
C GLY F 302 13.01 2.70 -14.05
N HIS F 303 12.50 3.61 -13.21
CA HIS F 303 13.21 4.87 -12.86
C HIS F 303 14.19 4.60 -11.73
N GLU F 304 15.44 4.30 -12.07
CA GLU F 304 16.39 3.83 -11.06
C GLU F 304 17.81 3.84 -11.60
N GLY F 305 18.75 3.60 -10.68
CA GLY F 305 20.16 3.34 -10.97
C GLY F 305 20.39 2.29 -12.07
N LEU F 306 21.35 2.59 -12.94
CA LEU F 306 21.74 1.77 -14.05
C LEU F 306 23.29 1.63 -14.03
N PRO F 307 23.81 0.79 -13.13
CA PRO F 307 25.26 0.69 -12.95
C PRO F 307 25.98 0.17 -14.20
N PHE F 308 25.29 -0.61 -15.02
CA PHE F 308 25.84 -1.16 -16.25
C PHE F 308 25.95 -0.11 -17.35
N HIS F 309 25.16 0.94 -17.28
CA HIS F 309 25.17 1.99 -18.29
C HIS F 309 26.41 2.91 -18.20
N GLU F 310 27.11 2.94 -17.07
CA GLU F 310 28.35 3.73 -16.98
C GLU F 310 29.35 3.27 -18.07
N GLU F 311 29.58 1.95 -18.16
CA GLU F 311 30.54 1.39 -19.11
C GLU F 311 30.15 1.75 -20.54
N ALA F 312 28.85 1.66 -20.85
CA ALA F 312 28.39 2.02 -22.20
C ALA F 312 28.64 3.49 -22.54
N MET F 313 28.44 4.39 -21.57
CA MET F 313 28.68 5.82 -21.80
C MET F 313 30.18 6.06 -22.04
N MET F 314 31.04 5.39 -21.27
CA MET F 314 32.50 5.47 -21.38
C MET F 314 32.94 5.00 -22.75
N ARG F 315 32.37 3.91 -23.25
CA ARG F 315 32.69 3.46 -24.60
C ARG F 315 32.27 4.45 -25.66
N PHE F 316 31.08 5.01 -25.51
CA PHE F 316 30.58 6.04 -26.46
C PHE F 316 31.47 7.30 -26.47
N ILE F 317 31.91 7.75 -25.29
CA ILE F 317 32.78 8.91 -25.16
C ILE F 317 34.16 8.65 -25.80
N GLU F 318 34.90 7.66 -25.31
CA GLU F 318 36.18 7.23 -25.93
C GLU F 318 36.11 7.22 -27.45
N ALA F 319 35.06 6.63 -28.00
CA ALA F 319 34.91 6.45 -29.44
C ALA F 319 34.62 7.73 -30.23
N TYR F 320 33.95 8.69 -29.59
CA TYR F 320 33.46 9.87 -30.28
C TYR F 320 33.75 11.24 -29.68
N LEU F 321 34.21 11.34 -28.43
CA LEU F 321 34.39 12.67 -27.86
C LEU F 321 35.73 13.20 -28.31
ZN ZN G . -17.08 -4.39 27.47
ZN ZN H . -28.58 -4.06 -15.41
ZN ZN I . 11.57 24.05 18.54
ZN ZN J . 8.55 -20.50 -23.85
ZN ZN K . 21.60 -15.38 18.19
ZN ZN L . 3.46 20.27 -25.04
#